data_1V95
#
_entry.id   1V95
#
_entity_poly.entity_id   1
_entity_poly.type   'polypeptide(L)'
_entity_poly.pdbx_seq_one_letter_code
;GSSGSSGPVDCSVIVVNKQTKDYAESVGRKVRDLGMVVDLIFLNTEVSLSQALEDVSRGGSPFAIVITQQHQIHRSCTVN
IMFGTPQEHRNMPQADAMVLVARNYERYKNECREKEREEIARQASGPSSG
;
_entity_poly.pdbx_strand_id   A
#
# COMPACT_ATOMS: atom_id res chain seq x y z
N GLY A 1 -20.39 11.32 9.11
CA GLY A 1 -18.96 11.59 9.02
C GLY A 1 -18.65 12.98 9.59
N SER A 2 -17.75 13.67 8.90
CA SER A 2 -17.35 15.01 9.32
C SER A 2 -16.70 15.75 8.16
N SER A 3 -15.63 15.15 7.64
CA SER A 3 -14.92 15.75 6.52
C SER A 3 -14.33 14.66 5.64
N GLY A 4 -13.50 13.82 6.24
CA GLY A 4 -12.87 12.74 5.53
C GLY A 4 -11.60 13.21 4.82
N SER A 5 -10.47 12.98 5.46
CA SER A 5 -9.19 13.37 4.91
C SER A 5 -8.70 12.32 3.91
N SER A 6 -8.57 11.10 4.40
CA SER A 6 -8.12 10.00 3.57
C SER A 6 -8.18 8.69 4.35
N GLY A 7 -7.49 8.69 5.48
CA GLY A 7 -7.45 7.50 6.34
C GLY A 7 -6.29 6.59 5.95
N PRO A 8 -6.37 5.32 6.45
CA PRO A 8 -5.33 4.35 6.17
C PRO A 8 -5.44 3.83 4.73
N VAL A 9 -4.29 3.69 4.09
CA VAL A 9 -4.24 3.21 2.72
C VAL A 9 -3.83 1.73 2.72
N ASP A 10 -4.77 0.90 2.29
CA ASP A 10 -4.52 -0.54 2.22
C ASP A 10 -3.14 -0.79 1.63
N CYS A 11 -2.84 -0.06 0.56
CA CYS A 11 -1.55 -0.20 -0.10
C CYS A 11 -1.16 1.16 -0.67
N SER A 12 -0.26 1.82 0.05
CA SER A 12 0.22 3.13 -0.35
C SER A 12 1.41 2.99 -1.30
N VAL A 13 1.40 3.80 -2.35
CA VAL A 13 2.47 3.78 -3.32
C VAL A 13 3.48 4.89 -3.02
N ILE A 14 4.73 4.48 -2.91
CA ILE A 14 5.80 5.43 -2.61
C ILE A 14 6.57 5.73 -3.89
N VAL A 15 6.52 6.98 -4.30
CA VAL A 15 7.21 7.42 -5.50
C VAL A 15 8.00 8.70 -5.20
N VAL A 16 9.30 8.52 -4.98
CA VAL A 16 10.16 9.64 -4.68
C VAL A 16 10.33 10.50 -5.94
N ASN A 17 10.53 9.82 -7.06
CA ASN A 17 10.72 10.50 -8.32
C ASN A 17 9.35 10.98 -8.84
N LYS A 18 9.39 11.80 -9.87
CA LYS A 18 8.18 12.33 -10.46
C LYS A 18 7.89 11.60 -11.77
N GLN A 19 8.95 11.45 -12.57
CA GLN A 19 8.82 10.76 -13.85
C GLN A 19 7.90 9.56 -13.72
N THR A 20 8.03 8.87 -12.60
CA THR A 20 7.22 7.69 -12.34
C THR A 20 5.87 8.10 -11.74
N LYS A 21 5.23 9.06 -12.37
CA LYS A 21 3.95 9.55 -11.91
C LYS A 21 2.83 8.69 -12.51
N ASP A 22 3.00 8.35 -13.77
CA ASP A 22 2.03 7.53 -14.47
C ASP A 22 2.26 6.06 -14.12
N TYR A 23 3.49 5.61 -14.34
CA TYR A 23 3.85 4.23 -14.06
C TYR A 23 3.39 3.83 -12.65
N ALA A 24 3.59 4.74 -11.71
CA ALA A 24 3.20 4.49 -10.33
C ALA A 24 1.69 4.60 -10.21
N GLU A 25 1.12 5.49 -11.00
CA GLU A 25 -0.32 5.71 -11.00
C GLU A 25 -1.05 4.42 -11.36
N SER A 26 -0.28 3.47 -11.90
CA SER A 26 -0.84 2.20 -12.30
C SER A 26 -0.74 1.19 -11.14
N VAL A 27 0.49 0.83 -10.82
CA VAL A 27 0.74 -0.11 -9.74
C VAL A 27 -0.22 0.18 -8.58
N GLY A 28 -0.53 1.45 -8.42
CA GLY A 28 -1.44 1.88 -7.36
C GLY A 28 -2.88 1.49 -7.69
N ARG A 29 -3.28 1.83 -8.90
CA ARG A 29 -4.63 1.52 -9.35
C ARG A 29 -4.82 0.01 -9.48
N LYS A 30 -3.72 -0.67 -9.78
CA LYS A 30 -3.75 -2.12 -9.93
C LYS A 30 -4.24 -2.75 -8.62
N VAL A 31 -3.72 -2.23 -7.52
CA VAL A 31 -4.09 -2.74 -6.21
C VAL A 31 -5.55 -2.37 -5.93
N ARG A 32 -5.98 -1.30 -6.56
CA ARG A 32 -7.35 -0.83 -6.38
C ARG A 32 -8.33 -1.73 -7.14
N ASP A 33 -7.85 -2.27 -8.26
CA ASP A 33 -8.67 -3.15 -9.08
C ASP A 33 -9.06 -4.39 -8.25
N LEU A 34 -8.32 -4.59 -7.18
CA LEU A 34 -8.57 -5.73 -6.31
C LEU A 34 -9.56 -5.32 -5.21
N GLY A 35 -9.77 -4.01 -5.12
CA GLY A 35 -10.69 -3.48 -4.12
C GLY A 35 -9.93 -3.01 -2.89
N MET A 36 -8.68 -2.64 -3.09
CA MET A 36 -7.85 -2.17 -2.00
C MET A 36 -7.52 -0.68 -2.17
N VAL A 37 -7.67 0.05 -1.07
CA VAL A 37 -7.40 1.47 -1.08
C VAL A 37 -5.91 1.70 -1.32
N VAL A 38 -5.62 2.52 -2.33
CA VAL A 38 -4.25 2.82 -2.67
C VAL A 38 -4.12 4.34 -2.91
N ASP A 39 -2.94 4.85 -2.59
CA ASP A 39 -2.66 6.26 -2.76
C ASP A 39 -1.27 6.44 -3.36
N LEU A 40 -1.00 7.67 -3.79
CA LEU A 40 0.29 7.98 -4.40
C LEU A 40 0.98 9.06 -3.55
N ILE A 41 2.22 8.74 -3.16
CA ILE A 41 2.99 9.67 -2.35
C ILE A 41 4.15 10.23 -3.19
N PHE A 42 4.05 11.51 -3.48
CA PHE A 42 5.08 12.18 -4.27
C PHE A 42 6.05 12.94 -3.38
N LEU A 43 7.33 12.61 -3.54
CA LEU A 43 8.37 13.26 -2.75
C LEU A 43 9.33 14.00 -3.70
N ASN A 44 8.77 14.93 -4.44
CA ASN A 44 9.56 15.70 -5.39
C ASN A 44 10.58 16.54 -4.61
N THR A 45 11.76 15.98 -4.44
CA THR A 45 12.83 16.64 -3.73
C THR A 45 12.34 17.13 -2.36
N GLU A 46 11.60 16.25 -1.71
CA GLU A 46 11.06 16.57 -0.39
C GLU A 46 11.15 15.34 0.53
N VAL A 47 11.64 15.58 1.74
CA VAL A 47 11.78 14.52 2.71
C VAL A 47 12.48 13.32 2.05
N SER A 48 12.25 12.15 2.64
CA SER A 48 12.84 10.93 2.12
C SER A 48 11.81 9.81 2.13
N LEU A 49 12.25 8.64 1.69
CA LEU A 49 11.38 7.48 1.63
C LEU A 49 10.91 7.13 3.05
N SER A 50 11.88 6.86 3.91
CA SER A 50 11.60 6.51 5.29
C SER A 50 10.49 7.43 5.83
N GLN A 51 10.73 8.73 5.73
CA GLN A 51 9.76 9.70 6.21
C GLN A 51 8.34 9.28 5.82
N ALA A 52 8.23 8.69 4.64
CA ALA A 52 6.94 8.24 4.15
C ALA A 52 6.62 6.89 4.77
N LEU A 53 7.63 6.05 4.85
CA LEU A 53 7.46 4.72 5.44
C LEU A 53 6.96 4.85 6.88
N GLU A 54 7.49 5.86 7.56
CA GLU A 54 7.12 6.10 8.94
C GLU A 54 5.64 6.49 9.02
N ASP A 55 5.21 7.30 8.06
CA ASP A 55 3.83 7.74 8.02
C ASP A 55 2.95 6.60 7.50
N VAL A 56 3.57 5.71 6.74
CA VAL A 56 2.86 4.59 6.17
C VAL A 56 2.33 3.70 7.32
N SER A 57 3.24 3.32 8.19
CA SER A 57 2.89 2.49 9.33
C SER A 57 1.97 3.25 10.29
N ARG A 58 2.51 4.34 10.81
CA ARG A 58 1.75 5.17 11.73
C ARG A 58 0.38 5.51 11.15
N GLY A 59 0.36 5.66 9.83
CA GLY A 59 -0.88 5.98 9.15
C GLY A 59 -1.83 4.78 9.13
N GLY A 60 -1.24 3.60 9.14
CA GLY A 60 -2.01 2.37 9.13
C GLY A 60 -1.68 1.52 7.91
N SER A 61 -1.26 2.19 6.85
CA SER A 61 -0.91 1.50 5.61
C SER A 61 -0.11 0.23 5.94
N PRO A 62 -0.79 -0.93 5.71
CA PRO A 62 -0.17 -2.22 5.97
C PRO A 62 0.85 -2.55 4.88
N PHE A 63 0.52 -2.18 3.65
CA PHE A 63 1.39 -2.44 2.52
C PHE A 63 1.87 -1.13 1.89
N ALA A 64 3.17 -1.10 1.59
CA ALA A 64 3.76 0.08 0.99
C ALA A 64 4.55 -0.33 -0.25
N ILE A 65 4.19 0.28 -1.37
CA ILE A 65 4.86 -0.02 -2.63
C ILE A 65 5.97 1.01 -2.87
N VAL A 66 7.10 0.52 -3.34
CA VAL A 66 8.24 1.37 -3.61
C VAL A 66 8.38 1.57 -5.13
N ILE A 67 8.51 2.82 -5.52
CA ILE A 67 8.64 3.16 -6.93
C ILE A 67 9.88 4.03 -7.12
N THR A 68 10.46 3.92 -8.30
CA THR A 68 11.65 4.70 -8.63
C THR A 68 12.06 4.47 -10.08
N GLN A 69 12.87 5.38 -10.59
CA GLN A 69 13.33 5.30 -11.96
C GLN A 69 13.63 3.84 -12.33
N GLN A 70 14.62 3.28 -11.65
CA GLN A 70 15.01 1.90 -11.89
C GLN A 70 13.77 1.00 -11.92
N HIS A 71 13.08 0.98 -10.79
CA HIS A 71 11.89 0.16 -10.66
C HIS A 71 11.03 0.29 -11.93
N GLN A 72 11.12 1.47 -12.53
CA GLN A 72 10.36 1.74 -13.75
C GLN A 72 10.83 0.82 -14.88
N ILE A 73 12.14 0.77 -15.05
CA ILE A 73 12.73 -0.07 -16.08
C ILE A 73 12.37 -1.53 -15.83
N HIS A 74 12.87 -2.06 -14.73
CA HIS A 74 12.61 -3.44 -14.36
C HIS A 74 11.10 -3.64 -14.23
N ARG A 75 10.40 -2.55 -13.99
CA ARG A 75 8.96 -2.59 -13.84
C ARG A 75 8.58 -3.43 -12.62
N SER A 76 9.33 -3.22 -11.54
CA SER A 76 9.08 -3.95 -10.30
C SER A 76 9.20 -2.98 -9.11
N CYS A 77 8.33 -3.22 -8.13
CA CYS A 77 8.33 -2.39 -6.93
C CYS A 77 8.65 -3.29 -5.73
N THR A 78 8.77 -2.65 -4.58
CA THR A 78 9.07 -3.37 -3.35
C THR A 78 7.90 -3.26 -2.36
N VAL A 79 7.25 -4.40 -2.14
CA VAL A 79 6.12 -4.44 -1.23
C VAL A 79 6.62 -4.74 0.18
N ASN A 80 6.51 -3.73 1.04
CA ASN A 80 6.95 -3.87 2.42
C ASN A 80 5.73 -3.82 3.34
N ILE A 81 5.47 -4.94 3.99
CA ILE A 81 4.34 -5.02 4.90
C ILE A 81 4.69 -4.29 6.21
N MET A 82 3.65 -3.74 6.83
CA MET A 82 3.83 -3.02 8.08
C MET A 82 3.16 -3.76 9.24
N PHE A 83 2.21 -4.61 8.88
CA PHE A 83 1.49 -5.38 9.89
C PHE A 83 1.92 -6.85 9.88
N GLY A 84 1.80 -7.48 11.04
CA GLY A 84 2.18 -8.88 11.17
C GLY A 84 3.69 -9.05 11.00
N THR A 85 4.11 -10.31 10.97
CA THR A 85 5.52 -10.63 10.81
C THR A 85 6.18 -9.66 9.83
N PRO A 86 7.48 -9.36 10.10
CA PRO A 86 8.22 -8.45 9.25
C PRO A 86 8.63 -9.13 7.95
N GLN A 87 7.78 -8.96 6.94
CA GLN A 87 8.02 -9.54 5.64
C GLN A 87 8.40 -8.46 4.63
N GLU A 88 9.65 -8.54 4.16
CA GLU A 88 10.15 -7.58 3.19
C GLU A 88 10.37 -8.25 1.84
N HIS A 89 9.47 -7.97 0.91
CA HIS A 89 9.57 -8.54 -0.41
C HIS A 89 10.40 -7.62 -1.31
N ARG A 90 11.59 -8.12 -1.67
CA ARG A 90 12.49 -7.36 -2.52
C ARG A 90 12.44 -7.89 -3.95
N ASN A 91 12.31 -6.96 -4.88
CA ASN A 91 12.25 -7.32 -6.29
C ASN A 91 11.07 -8.27 -6.53
N MET A 92 9.95 -7.68 -6.92
CA MET A 92 8.75 -8.45 -7.17
C MET A 92 7.99 -7.89 -8.39
N PRO A 93 7.56 -8.83 -9.27
CA PRO A 93 6.82 -8.45 -10.46
C PRO A 93 5.38 -8.05 -10.12
N GLN A 94 4.92 -7.01 -10.79
CA GLN A 94 3.57 -6.52 -10.56
C GLN A 94 2.61 -7.70 -10.35
N ALA A 95 2.48 -8.52 -11.38
CA ALA A 95 1.61 -9.67 -11.32
C ALA A 95 1.72 -10.32 -9.94
N ASP A 96 2.95 -10.65 -9.57
CA ASP A 96 3.21 -11.27 -8.28
C ASP A 96 2.70 -10.35 -7.17
N ALA A 97 3.24 -9.14 -7.14
CA ALA A 97 2.84 -8.17 -6.13
C ALA A 97 1.31 -8.16 -6.02
N MET A 98 0.66 -8.13 -7.16
CA MET A 98 -0.79 -8.11 -7.20
C MET A 98 -1.36 -9.34 -6.51
N VAL A 99 -0.62 -10.44 -6.59
CA VAL A 99 -1.05 -11.68 -5.98
C VAL A 99 -0.68 -11.67 -4.50
N LEU A 100 0.53 -11.22 -4.22
CA LEU A 100 1.02 -11.14 -2.86
C LEU A 100 0.17 -10.14 -2.07
N VAL A 101 -0.37 -9.17 -2.80
CA VAL A 101 -1.20 -8.15 -2.18
C VAL A 101 -2.66 -8.64 -2.15
N ALA A 102 -3.10 -9.15 -3.28
CA ALA A 102 -4.46 -9.65 -3.38
C ALA A 102 -4.64 -10.84 -2.42
N ARG A 103 -3.56 -11.59 -2.25
CA ARG A 103 -3.59 -12.74 -1.38
C ARG A 103 -3.56 -12.30 0.08
N ASN A 104 -2.48 -11.63 0.44
CA ASN A 104 -2.32 -11.15 1.81
C ASN A 104 -3.57 -10.38 2.23
N TYR A 105 -3.91 -9.37 1.43
CA TYR A 105 -5.08 -8.56 1.70
C TYR A 105 -6.23 -9.42 2.22
N GLU A 106 -6.59 -10.42 1.42
CA GLU A 106 -7.67 -11.32 1.80
C GLU A 106 -7.55 -11.72 3.26
N ARG A 107 -6.39 -12.26 3.61
CA ARG A 107 -6.14 -12.69 4.98
C ARG A 107 -6.16 -11.49 5.91
N TYR A 108 -5.33 -10.51 5.59
CA TYR A 108 -5.23 -9.30 6.40
C TYR A 108 -6.62 -8.83 6.85
N LYS A 109 -7.55 -8.86 5.91
CA LYS A 109 -8.91 -8.45 6.19
C LYS A 109 -9.52 -9.38 7.23
N ASN A 110 -9.32 -10.67 7.01
CA ASN A 110 -9.84 -11.67 7.93
C ASN A 110 -9.45 -11.31 9.36
N GLU A 111 -8.29 -10.69 9.48
CA GLU A 111 -7.79 -10.27 10.79
C GLU A 111 -8.19 -8.84 11.08
N CYS A 112 -8.44 -8.09 10.01
CA CYS A 112 -8.83 -6.70 10.13
C CYS A 112 -10.23 -6.65 10.75
N ARG A 113 -11.21 -7.07 9.96
CA ARG A 113 -12.58 -7.08 10.42
C ARG A 113 -12.66 -7.54 11.88
N GLU A 114 -12.20 -8.76 12.10
CA GLU A 114 -12.21 -9.32 13.45
C GLU A 114 -13.64 -9.65 13.87
N LYS A 115 -14.46 -8.61 13.95
CA LYS A 115 -15.85 -8.77 14.34
C LYS A 115 -16.56 -7.43 14.21
N GLU A 116 -17.88 -7.48 14.27
CA GLU A 116 -18.70 -6.28 14.17
C GLU A 116 -18.39 -5.34 15.33
N ARG A 117 -17.53 -4.36 15.05
CA ARG A 117 -17.16 -3.39 16.05
C ARG A 117 -16.54 -4.10 17.27
N GLU A 118 -15.24 -3.90 17.44
CA GLU A 118 -14.53 -4.50 18.54
C GLU A 118 -15.32 -4.33 19.84
N GLU A 119 -14.86 -5.03 20.87
CA GLU A 119 -15.51 -4.97 22.17
C GLU A 119 -15.71 -3.51 22.59
N ILE A 120 -14.72 -2.70 22.28
CA ILE A 120 -14.76 -1.30 22.62
C ILE A 120 -16.10 -0.70 22.16
N ALA A 121 -16.79 -0.07 23.09
CA ALA A 121 -18.07 0.54 22.79
C ALA A 121 -18.03 2.02 23.18
N ARG A 122 -17.06 2.72 22.63
CA ARG A 122 -16.90 4.13 22.92
C ARG A 122 -15.82 4.74 22.02
N GLN A 123 -16.18 5.83 21.38
CA GLN A 123 -15.26 6.52 20.48
C GLN A 123 -14.67 7.76 21.17
N ALA A 124 -15.56 8.65 21.57
CA ALA A 124 -15.15 9.87 22.23
C ALA A 124 -13.93 10.45 21.52
N SER A 125 -14.15 10.89 20.29
CA SER A 125 -13.08 11.47 19.49
C SER A 125 -11.95 10.45 19.32
N GLY A 126 -11.76 10.01 18.09
CA GLY A 126 -10.72 9.05 17.79
C GLY A 126 -9.47 9.75 17.26
N PRO A 127 -8.59 8.93 16.60
CA PRO A 127 -7.35 9.46 16.05
C PRO A 127 -7.63 10.27 14.77
N SER A 128 -6.60 10.97 14.32
CA SER A 128 -6.71 11.78 13.13
C SER A 128 -7.94 12.69 13.22
N SER A 129 -7.69 13.93 13.61
CA SER A 129 -8.75 14.91 13.74
C SER A 129 -8.33 16.24 13.13
N GLY A 130 -7.22 16.76 13.65
CA GLY A 130 -6.70 18.03 13.16
C GLY A 130 -7.67 19.17 13.46
N GLY A 1 7.91 20.09 8.14
CA GLY A 1 6.98 21.03 7.53
C GLY A 1 5.55 20.52 7.62
N SER A 2 5.33 19.36 7.00
CA SER A 2 4.01 18.75 7.00
C SER A 2 4.03 17.46 7.81
N SER A 3 3.00 17.29 8.64
CA SER A 3 2.90 16.11 9.47
C SER A 3 2.20 14.99 8.69
N GLY A 4 0.98 15.29 8.26
CA GLY A 4 0.20 14.31 7.51
C GLY A 4 -1.01 13.84 8.32
N SER A 5 -2.17 13.89 7.70
CA SER A 5 -3.40 13.47 8.35
C SER A 5 -4.53 13.38 7.33
N SER A 6 -4.69 12.18 6.77
CA SER A 6 -5.73 11.95 5.78
C SER A 6 -6.54 10.72 6.15
N GLY A 7 -5.83 9.60 6.29
CA GLY A 7 -6.47 8.35 6.64
C GLY A 7 -5.57 7.16 6.28
N PRO A 8 -6.06 5.94 6.64
CA PRO A 8 -5.33 4.72 6.35
C PRO A 8 -5.42 4.36 4.86
N VAL A 9 -4.45 3.57 4.42
CA VAL A 9 -4.41 3.15 3.03
C VAL A 9 -4.01 1.67 2.96
N ASP A 10 -4.89 0.88 2.35
CA ASP A 10 -4.64 -0.54 2.20
C ASP A 10 -3.21 -0.76 1.71
N CYS A 11 -2.85 0.01 0.70
CA CYS A 11 -1.51 -0.09 0.12
C CYS A 11 -1.11 1.30 -0.39
N SER A 12 -0.17 1.91 0.33
CA SER A 12 0.31 3.22 -0.05
C SER A 12 1.53 3.09 -0.97
N VAL A 13 1.43 3.76 -2.12
CA VAL A 13 2.51 3.73 -3.08
C VAL A 13 3.52 4.84 -2.76
N ILE A 14 4.79 4.43 -2.69
CA ILE A 14 5.85 5.38 -2.39
C ILE A 14 6.65 5.67 -3.66
N VAL A 15 6.45 6.87 -4.18
CA VAL A 15 7.14 7.28 -5.40
C VAL A 15 7.98 8.52 -5.10
N VAL A 16 9.28 8.31 -5.00
CA VAL A 16 10.20 9.40 -4.72
C VAL A 16 10.50 10.15 -6.01
N ASN A 17 10.47 9.41 -7.11
CA ASN A 17 10.73 9.99 -8.42
C ASN A 17 9.48 10.71 -8.91
N LYS A 18 9.68 11.91 -9.44
CA LYS A 18 8.59 12.71 -9.95
C LYS A 18 8.41 12.42 -11.44
N GLN A 19 8.92 11.28 -11.86
CA GLN A 19 8.83 10.87 -13.26
C GLN A 19 7.90 9.67 -13.41
N THR A 20 7.96 8.80 -12.41
CA THR A 20 7.13 7.60 -12.41
C THR A 20 5.74 7.91 -11.87
N LYS A 21 5.14 8.95 -12.44
CA LYS A 21 3.81 9.35 -12.03
C LYS A 21 2.76 8.51 -12.76
N ASP A 22 2.96 8.40 -14.06
CA ASP A 22 2.04 7.62 -14.90
C ASP A 22 2.21 6.13 -14.59
N TYR A 23 3.38 5.81 -14.05
CA TYR A 23 3.68 4.43 -13.71
C TYR A 23 3.18 4.09 -12.30
N ALA A 24 3.71 4.82 -11.34
CA ALA A 24 3.33 4.61 -9.94
C ALA A 24 1.80 4.63 -9.84
N GLU A 25 1.20 5.58 -10.53
CA GLU A 25 -0.24 5.71 -10.52
C GLU A 25 -0.90 4.43 -11.03
N SER A 26 -0.09 3.60 -11.68
CA SER A 26 -0.58 2.35 -12.21
C SER A 26 -0.56 1.26 -11.13
N VAL A 27 0.65 0.87 -10.75
CA VAL A 27 0.82 -0.15 -9.73
C VAL A 27 -0.20 0.08 -8.61
N GLY A 28 -0.53 1.35 -8.41
CA GLY A 28 -1.49 1.72 -7.38
C GLY A 28 -2.92 1.34 -7.80
N ARG A 29 -3.25 1.72 -9.02
CA ARG A 29 -4.57 1.44 -9.56
C ARG A 29 -4.77 -0.07 -9.72
N LYS A 30 -3.65 -0.76 -9.91
CA LYS A 30 -3.69 -2.20 -10.08
C LYS A 30 -4.19 -2.85 -8.79
N VAL A 31 -3.74 -2.30 -7.67
CA VAL A 31 -4.13 -2.82 -6.37
C VAL A 31 -5.59 -2.43 -6.09
N ARG A 32 -5.99 -1.31 -6.67
CA ARG A 32 -7.35 -0.83 -6.50
C ARG A 32 -8.33 -1.71 -7.29
N ASP A 33 -7.85 -2.23 -8.41
CA ASP A 33 -8.67 -3.08 -9.25
C ASP A 33 -9.11 -4.30 -8.45
N LEU A 34 -8.41 -4.55 -7.35
CA LEU A 34 -8.72 -5.67 -6.49
C LEU A 34 -9.71 -5.23 -5.43
N GLY A 35 -9.90 -3.93 -5.33
CA GLY A 35 -10.81 -3.37 -4.35
C GLY A 35 -10.07 -2.92 -3.10
N MET A 36 -8.78 -2.64 -3.27
CA MET A 36 -7.95 -2.21 -2.16
C MET A 36 -7.62 -0.72 -2.28
N VAL A 37 -7.76 -0.03 -1.15
CA VAL A 37 -7.47 1.40 -1.12
C VAL A 37 -5.98 1.63 -1.35
N VAL A 38 -5.68 2.40 -2.37
CA VAL A 38 -4.29 2.70 -2.71
C VAL A 38 -4.15 4.21 -2.90
N ASP A 39 -2.95 4.70 -2.61
CA ASP A 39 -2.66 6.11 -2.74
C ASP A 39 -1.25 6.29 -3.32
N LEU A 40 -0.97 7.52 -3.72
CA LEU A 40 0.34 7.83 -4.29
C LEU A 40 1.02 8.89 -3.44
N ILE A 41 2.26 8.60 -3.05
CA ILE A 41 3.03 9.52 -2.23
C ILE A 41 4.20 10.06 -3.05
N PHE A 42 4.07 11.32 -3.45
CA PHE A 42 5.11 11.96 -4.24
C PHE A 42 6.09 12.72 -3.34
N LEU A 43 7.36 12.40 -3.52
CA LEU A 43 8.41 13.05 -2.73
C LEU A 43 9.37 13.78 -3.67
N ASN A 44 8.87 14.86 -4.25
CA ASN A 44 9.67 15.64 -5.17
C ASN A 44 10.31 16.81 -4.41
N THR A 45 11.50 16.54 -3.87
CA THR A 45 12.22 17.55 -3.12
C THR A 45 11.38 18.03 -1.94
N GLU A 46 10.89 17.07 -1.17
CA GLU A 46 10.08 17.39 -0.01
C GLU A 46 10.61 16.65 1.22
N VAL A 47 10.48 15.33 1.18
CA VAL A 47 10.94 14.50 2.28
C VAL A 47 11.63 13.26 1.72
N SER A 48 12.07 12.39 2.64
CA SER A 48 12.74 11.17 2.25
C SER A 48 11.76 10.01 2.24
N LEU A 49 12.22 8.87 1.74
CA LEU A 49 11.38 7.69 1.67
C LEU A 49 10.88 7.35 3.07
N SER A 50 11.82 7.06 3.96
CA SER A 50 11.48 6.72 5.33
C SER A 50 10.39 7.66 5.85
N GLN A 51 10.63 8.95 5.68
CA GLN A 51 9.68 9.95 6.13
C GLN A 51 8.25 9.53 5.77
N ALA A 52 8.14 8.83 4.65
CA ALA A 52 6.85 8.36 4.18
C ALA A 52 6.55 7.00 4.81
N LEU A 53 7.57 6.16 4.85
CA LEU A 53 7.43 4.83 5.43
C LEU A 53 6.95 4.96 6.88
N GLU A 54 7.39 6.03 7.53
CA GLU A 54 7.01 6.28 8.90
C GLU A 54 5.51 6.56 9.00
N ASP A 55 5.07 7.54 8.22
CA ASP A 55 3.66 7.91 8.21
C ASP A 55 2.83 6.73 7.69
N VAL A 56 3.47 5.92 6.86
CA VAL A 56 2.81 4.76 6.28
C VAL A 56 2.33 3.84 7.41
N SER A 57 3.28 3.29 8.13
CA SER A 57 2.98 2.40 9.24
C SER A 57 2.07 3.11 10.25
N ARG A 58 2.60 4.18 10.81
CA ARG A 58 1.86 4.96 11.79
C ARG A 58 0.45 5.28 11.26
N GLY A 59 0.39 5.54 9.97
CA GLY A 59 -0.87 5.85 9.33
C GLY A 59 -1.80 4.64 9.31
N GLY A 60 -1.20 3.47 9.39
CA GLY A 60 -1.96 2.24 9.39
C GLY A 60 -1.67 1.41 8.13
N SER A 61 -1.20 2.10 7.09
CA SER A 61 -0.88 1.44 5.84
C SER A 61 -0.16 0.13 6.11
N PRO A 62 -0.85 -1.00 5.77
CA PRO A 62 -0.28 -2.32 5.97
C PRO A 62 0.80 -2.62 4.92
N PHE A 63 0.46 -2.28 3.68
CA PHE A 63 1.38 -2.52 2.58
C PHE A 63 1.85 -1.18 1.98
N ALA A 64 3.11 -1.19 1.55
CA ALA A 64 3.71 0.00 0.96
C ALA A 64 4.55 -0.40 -0.25
N ILE A 65 4.20 0.19 -1.39
CA ILE A 65 4.92 -0.09 -2.62
C ILE A 65 6.00 0.96 -2.84
N VAL A 66 7.14 0.49 -3.33
CA VAL A 66 8.26 1.38 -3.59
C VAL A 66 8.37 1.64 -5.09
N ILE A 67 8.41 2.91 -5.43
CA ILE A 67 8.51 3.31 -6.83
C ILE A 67 9.76 4.17 -7.02
N THR A 68 10.61 3.75 -7.94
CA THR A 68 11.83 4.47 -8.24
C THR A 68 12.03 4.60 -9.76
N GLN A 69 13.27 4.88 -10.13
CA GLN A 69 13.60 5.04 -11.53
C GLN A 69 13.76 3.66 -12.19
N GLN A 70 14.77 2.94 -11.74
CA GLN A 70 15.03 1.62 -12.28
C GLN A 70 13.77 0.75 -12.22
N HIS A 71 13.14 0.77 -11.06
CA HIS A 71 11.93 0.00 -10.85
C HIS A 71 11.01 0.16 -12.07
N GLN A 72 11.16 1.30 -12.73
CA GLN A 72 10.35 1.58 -13.91
C GLN A 72 10.79 0.70 -15.08
N ILE A 73 12.08 0.78 -15.39
CA ILE A 73 12.64 0.00 -16.48
C ILE A 73 12.36 -1.49 -16.23
N HIS A 74 12.46 -1.87 -14.97
CA HIS A 74 12.23 -3.25 -14.59
C HIS A 74 10.73 -3.48 -14.37
N ARG A 75 10.02 -2.38 -14.21
CA ARG A 75 8.58 -2.44 -14.00
C ARG A 75 8.26 -3.26 -12.75
N SER A 76 9.18 -3.20 -11.79
CA SER A 76 9.01 -3.93 -10.54
C SER A 76 9.07 -2.96 -9.36
N CYS A 77 8.32 -3.29 -8.32
CA CYS A 77 8.27 -2.47 -7.13
C CYS A 77 8.67 -3.34 -5.93
N THR A 78 8.76 -2.69 -4.78
CA THR A 78 9.13 -3.39 -3.56
C THR A 78 7.98 -3.33 -2.55
N VAL A 79 7.48 -4.51 -2.21
CA VAL A 79 6.39 -4.61 -1.26
C VAL A 79 6.96 -4.74 0.16
N ASN A 80 6.57 -3.79 1.00
CA ASN A 80 7.03 -3.79 2.38
C ASN A 80 5.82 -3.77 3.32
N ILE A 81 5.53 -4.94 3.88
CA ILE A 81 4.41 -5.08 4.79
C ILE A 81 4.75 -4.39 6.12
N MET A 82 3.73 -3.83 6.75
CA MET A 82 3.91 -3.15 8.01
C MET A 82 3.26 -3.94 9.15
N PHE A 83 2.25 -4.71 8.80
CA PHE A 83 1.54 -5.52 9.77
C PHE A 83 1.93 -6.99 9.66
N GLY A 84 1.84 -7.69 10.78
CA GLY A 84 2.17 -9.10 10.81
C GLY A 84 3.69 -9.31 10.74
N THR A 85 4.06 -10.49 10.29
CA THR A 85 5.47 -10.83 10.16
C THR A 85 6.16 -9.89 9.16
N PRO A 86 7.44 -9.56 9.46
CA PRO A 86 8.21 -8.68 8.61
C PRO A 86 8.66 -9.40 7.33
N GLN A 87 8.07 -9.01 6.22
CA GLN A 87 8.40 -9.60 4.94
C GLN A 87 8.79 -8.53 3.92
N GLU A 88 10.07 -8.49 3.61
CA GLU A 88 10.58 -7.52 2.65
C GLU A 88 10.84 -8.18 1.30
N HIS A 89 9.99 -7.89 0.34
CA HIS A 89 10.12 -8.45 -0.99
C HIS A 89 10.83 -7.44 -1.90
N ARG A 90 12.06 -7.78 -2.26
CA ARG A 90 12.85 -6.92 -3.12
C ARG A 90 12.66 -7.32 -4.59
N ASN A 91 12.42 -6.31 -5.41
CA ASN A 91 12.22 -6.52 -6.83
C ASN A 91 11.08 -7.53 -7.02
N MET A 92 9.88 -7.00 -7.17
CA MET A 92 8.71 -7.83 -7.35
C MET A 92 7.93 -7.42 -8.61
N PRO A 93 7.50 -8.45 -9.39
CA PRO A 93 6.76 -8.21 -10.61
C PRO A 93 5.32 -7.79 -10.31
N GLN A 94 4.84 -6.83 -11.09
CA GLN A 94 3.48 -6.34 -10.91
C GLN A 94 2.55 -7.50 -10.56
N ALA A 95 2.35 -8.38 -11.54
CA ALA A 95 1.48 -9.52 -11.35
C ALA A 95 1.66 -10.07 -9.92
N ASP A 96 2.83 -10.65 -9.69
CA ASP A 96 3.13 -11.20 -8.38
C ASP A 96 2.68 -10.23 -7.29
N ALA A 97 3.19 -9.01 -7.39
CA ALA A 97 2.86 -7.98 -6.42
C ALA A 97 1.34 -7.94 -6.23
N MET A 98 0.64 -7.98 -7.35
CA MET A 98 -0.82 -7.96 -7.33
C MET A 98 -1.37 -9.24 -6.69
N VAL A 99 -0.58 -10.29 -6.76
CA VAL A 99 -0.98 -11.57 -6.20
C VAL A 99 -0.65 -11.59 -4.71
N LEU A 100 0.56 -11.18 -4.39
CA LEU A 100 1.02 -11.14 -3.01
C LEU A 100 0.11 -10.20 -2.21
N VAL A 101 -0.41 -9.21 -2.90
CA VAL A 101 -1.29 -8.24 -2.27
C VAL A 101 -2.72 -8.79 -2.25
N ALA A 102 -3.15 -9.26 -3.41
CA ALA A 102 -4.49 -9.81 -3.54
C ALA A 102 -4.62 -11.04 -2.64
N ARG A 103 -3.48 -11.67 -2.39
CA ARG A 103 -3.47 -12.85 -1.54
C ARG A 103 -3.43 -12.45 -0.07
N ASN A 104 -2.40 -11.72 0.29
CA ASN A 104 -2.24 -11.25 1.67
C ASN A 104 -3.50 -10.50 2.09
N TYR A 105 -3.87 -9.52 1.28
CA TYR A 105 -5.04 -8.71 1.55
C TYR A 105 -6.19 -9.58 2.07
N GLU A 106 -6.47 -10.65 1.33
CA GLU A 106 -7.53 -11.56 1.69
C GLU A 106 -7.41 -11.95 3.18
N ARG A 107 -6.26 -12.52 3.51
CA ARG A 107 -6.01 -12.94 4.88
C ARG A 107 -6.28 -11.78 5.84
N TYR A 108 -5.52 -10.71 5.67
CA TYR A 108 -5.66 -9.54 6.52
C TYR A 108 -7.14 -9.16 6.68
N LYS A 109 -7.93 -9.56 5.70
CA LYS A 109 -9.36 -9.28 5.73
C LYS A 109 -10.07 -10.36 6.53
N ASN A 110 -9.70 -11.60 6.26
CA ASN A 110 -10.29 -12.73 6.95
C ASN A 110 -10.31 -12.46 8.46
N GLU A 111 -9.27 -11.77 8.91
CA GLU A 111 -9.14 -11.44 10.32
C GLU A 111 -9.82 -10.10 10.61
N CYS A 112 -9.89 -9.28 9.57
CA CYS A 112 -10.51 -7.97 9.70
C CYS A 112 -12.03 -8.16 9.82
N ARG A 113 -12.57 -8.90 8.86
CA ARG A 113 -14.00 -9.15 8.85
C ARG A 113 -14.49 -9.50 10.26
N GLU A 114 -13.67 -10.26 10.97
CA GLU A 114 -14.01 -10.67 12.31
C GLU A 114 -14.27 -9.44 13.19
N LYS A 115 -13.35 -8.50 13.12
CA LYS A 115 -13.47 -7.28 13.89
C LYS A 115 -13.56 -6.08 12.95
N GLU A 116 -14.64 -6.07 12.17
CA GLU A 116 -14.85 -4.99 11.22
C GLU A 116 -16.21 -5.16 10.53
N ARG A 117 -16.41 -6.35 9.97
CA ARG A 117 -17.66 -6.65 9.29
C ARG A 117 -17.86 -5.68 8.13
N GLU A 118 -17.71 -6.20 6.91
CA GLU A 118 -17.89 -5.40 5.72
C GLU A 118 -19.20 -4.62 5.79
N GLU A 119 -19.46 -3.85 4.74
CA GLU A 119 -20.68 -3.06 4.67
C GLU A 119 -21.47 -3.41 3.42
N ILE A 120 -21.24 -4.62 2.92
CA ILE A 120 -21.92 -5.08 1.72
C ILE A 120 -23.42 -4.82 1.86
N ALA A 121 -23.94 -4.08 0.89
CA ALA A 121 -25.36 -3.74 0.90
C ALA A 121 -25.89 -3.79 -0.54
N ARG A 122 -25.65 -4.92 -1.19
CA ARG A 122 -26.09 -5.11 -2.56
C ARG A 122 -25.86 -6.55 -3.00
N GLN A 123 -26.95 -7.29 -3.11
CA GLN A 123 -26.88 -8.68 -3.52
C GLN A 123 -26.15 -8.81 -4.85
N ALA A 124 -25.05 -9.55 -4.81
CA ALA A 124 -24.24 -9.76 -6.00
C ALA A 124 -23.07 -10.67 -5.66
N SER A 125 -22.83 -11.63 -6.55
CA SER A 125 -21.73 -12.58 -6.36
C SER A 125 -21.62 -13.49 -7.58
N GLY A 126 -20.38 -13.70 -7.99
CA GLY A 126 -20.10 -14.55 -9.14
C GLY A 126 -18.65 -14.41 -9.60
N PRO A 127 -17.73 -15.06 -8.82
CA PRO A 127 -16.32 -15.01 -9.13
C PRO A 127 -15.99 -15.91 -10.32
N SER A 128 -14.74 -15.86 -10.73
CA SER A 128 -14.28 -16.66 -11.86
C SER A 128 -12.77 -16.50 -12.04
N SER A 129 -12.20 -17.41 -12.81
CA SER A 129 -10.77 -17.38 -13.08
C SER A 129 -9.99 -17.67 -11.80
N GLY A 130 -8.78 -18.17 -11.98
CA GLY A 130 -7.92 -18.50 -10.85
C GLY A 130 -6.45 -18.38 -11.22
N GLY A 1 4.95 20.79 16.42
CA GLY A 1 5.10 19.92 15.26
C GLY A 1 4.18 18.70 15.38
N SER A 2 3.19 18.67 14.50
CA SER A 2 2.24 17.57 14.51
C SER A 2 2.84 16.36 13.78
N SER A 3 3.20 16.59 12.52
CA SER A 3 3.79 15.53 11.71
C SER A 3 2.78 14.40 11.51
N GLY A 4 2.97 13.66 10.43
CA GLY A 4 2.08 12.56 10.11
C GLY A 4 0.79 13.05 9.47
N SER A 5 -0.31 12.83 10.18
CA SER A 5 -1.61 13.25 9.69
C SER A 5 -1.83 12.75 8.26
N SER A 6 -2.34 11.53 8.16
CA SER A 6 -2.60 10.93 6.87
C SER A 6 -3.66 9.84 7.00
N GLY A 7 -4.38 9.62 5.92
CA GLY A 7 -5.43 8.61 5.90
C GLY A 7 -4.84 7.22 5.68
N PRO A 8 -5.64 6.19 6.11
CA PRO A 8 -5.20 4.82 5.97
C PRO A 8 -5.33 4.35 4.52
N VAL A 9 -4.29 3.67 4.05
CA VAL A 9 -4.27 3.18 2.69
C VAL A 9 -3.78 1.72 2.70
N ASP A 10 -4.67 0.83 2.33
CA ASP A 10 -4.35 -0.59 2.28
C ASP A 10 -2.93 -0.76 1.70
N CYS A 11 -2.65 0.01 0.66
CA CYS A 11 -1.35 -0.05 0.02
C CYS A 11 -1.02 1.35 -0.51
N SER A 12 -0.09 1.99 0.18
CA SER A 12 0.34 3.33 -0.21
C SER A 12 1.54 3.25 -1.15
N VAL A 13 1.44 3.94 -2.26
CA VAL A 13 2.51 3.96 -3.25
C VAL A 13 3.50 5.07 -2.90
N ILE A 14 4.77 4.70 -2.92
CA ILE A 14 5.83 5.66 -2.61
C ILE A 14 6.65 5.94 -3.88
N VAL A 15 6.55 7.17 -4.35
CA VAL A 15 7.27 7.58 -5.54
C VAL A 15 8.10 8.82 -5.23
N VAL A 16 9.39 8.60 -5.01
CA VAL A 16 10.29 9.69 -4.70
C VAL A 16 10.63 10.45 -5.99
N ASN A 17 10.33 9.80 -7.12
CA ASN A 17 10.60 10.40 -8.41
C ASN A 17 9.36 11.15 -8.89
N LYS A 18 9.59 12.16 -9.71
CA LYS A 18 8.50 12.96 -10.25
C LYS A 18 8.25 12.57 -11.70
N GLN A 19 8.96 11.54 -12.14
CA GLN A 19 8.83 11.06 -13.50
C GLN A 19 7.86 9.87 -13.55
N THR A 20 7.96 9.02 -12.55
CA THR A 20 7.11 7.85 -12.47
C THR A 20 5.77 8.20 -11.81
N LYS A 21 5.13 9.21 -12.38
CA LYS A 21 3.84 9.66 -11.86
C LYS A 21 2.73 8.75 -12.40
N ASP A 22 2.75 8.57 -13.72
CA ASP A 22 1.76 7.73 -14.37
C ASP A 22 2.02 6.27 -14.01
N TYR A 23 3.29 5.89 -14.08
CA TYR A 23 3.68 4.52 -13.77
C TYR A 23 3.25 4.13 -12.36
N ALA A 24 3.70 4.93 -11.39
CA ALA A 24 3.38 4.68 -10.00
C ALA A 24 1.85 4.69 -9.84
N GLU A 25 1.22 5.57 -10.59
CA GLU A 25 -0.23 5.69 -10.54
C GLU A 25 -0.90 4.42 -11.07
N SER A 26 -0.07 3.57 -11.65
CA SER A 26 -0.56 2.32 -12.20
C SER A 26 -0.50 1.21 -11.14
N VAL A 27 0.73 0.80 -10.83
CA VAL A 27 0.94 -0.23 -9.84
C VAL A 27 0.01 -0.01 -8.66
N GLY A 28 -0.31 1.26 -8.43
CA GLY A 28 -1.19 1.62 -7.33
C GLY A 28 -2.65 1.27 -7.66
N ARG A 29 -3.05 1.65 -8.87
CA ARG A 29 -4.40 1.38 -9.32
C ARG A 29 -4.63 -0.12 -9.46
N LYS A 30 -3.59 -0.80 -9.92
CA LYS A 30 -3.66 -2.24 -10.11
C LYS A 30 -4.12 -2.89 -8.80
N VAL A 31 -3.68 -2.31 -7.70
CA VAL A 31 -4.03 -2.82 -6.39
C VAL A 31 -5.48 -2.47 -6.08
N ARG A 32 -5.94 -1.38 -6.68
CA ARG A 32 -7.30 -0.92 -6.49
C ARG A 32 -8.28 -1.82 -7.24
N ASP A 33 -7.82 -2.35 -8.36
CA ASP A 33 -8.64 -3.21 -9.17
C ASP A 33 -9.03 -4.45 -8.36
N LEU A 34 -8.27 -4.68 -7.30
CA LEU A 34 -8.54 -5.82 -6.43
C LEU A 34 -9.53 -5.41 -5.34
N GLY A 35 -9.76 -4.11 -5.25
CA GLY A 35 -10.68 -3.58 -4.26
C GLY A 35 -9.93 -3.10 -3.02
N MET A 36 -8.64 -2.83 -3.20
CA MET A 36 -7.80 -2.37 -2.11
C MET A 36 -7.52 -0.88 -2.24
N VAL A 37 -7.64 -0.18 -1.11
CA VAL A 37 -7.40 1.25 -1.09
C VAL A 37 -5.92 1.51 -1.38
N VAL A 38 -5.70 2.29 -2.43
CA VAL A 38 -4.33 2.63 -2.82
C VAL A 38 -4.22 4.14 -2.99
N ASP A 39 -3.01 4.64 -2.80
CA ASP A 39 -2.74 6.06 -2.93
C ASP A 39 -1.33 6.27 -3.47
N LEU A 40 -1.07 7.51 -3.88
CA LEU A 40 0.24 7.85 -4.42
C LEU A 40 0.88 8.93 -3.54
N ILE A 41 2.11 8.67 -3.14
CA ILE A 41 2.84 9.60 -2.31
C ILE A 41 4.05 10.14 -3.08
N PHE A 42 3.92 11.38 -3.52
CA PHE A 42 4.99 12.02 -4.28
C PHE A 42 5.97 12.73 -3.34
N LEU A 43 7.24 12.46 -3.54
CA LEU A 43 8.28 13.08 -2.73
C LEU A 43 9.31 13.74 -3.65
N ASN A 44 9.73 14.93 -3.24
CA ASN A 44 10.71 15.68 -4.01
C ASN A 44 11.14 16.91 -3.21
N THR A 45 12.43 16.96 -2.91
CA THR A 45 12.98 18.07 -2.15
C THR A 45 12.05 18.44 -0.99
N GLU A 46 11.80 17.46 -0.14
CA GLU A 46 10.93 17.67 1.01
C GLU A 46 11.28 16.67 2.12
N VAL A 47 11.02 15.41 1.84
CA VAL A 47 11.30 14.35 2.80
C VAL A 47 11.87 13.14 2.07
N SER A 48 12.32 12.18 2.86
CA SER A 48 12.89 10.96 2.29
C SER A 48 11.84 9.85 2.28
N LEU A 49 12.18 8.76 1.60
CA LEU A 49 11.28 7.63 1.50
C LEU A 49 10.81 7.23 2.89
N SER A 50 11.77 6.88 3.74
CA SER A 50 11.47 6.49 5.10
C SER A 50 10.43 7.44 5.71
N GLN A 51 10.74 8.72 5.60
CA GLN A 51 9.84 9.74 6.14
C GLN A 51 8.39 9.40 5.79
N ALA A 52 8.21 8.80 4.63
CA ALA A 52 6.88 8.43 4.17
C ALA A 52 6.52 7.05 4.74
N LEU A 53 7.52 6.18 4.75
CA LEU A 53 7.32 4.83 5.27
C LEU A 53 6.86 4.91 6.73
N GLU A 54 7.52 5.80 7.47
CA GLU A 54 7.18 5.98 8.87
C GLU A 54 5.74 6.44 9.02
N ASP A 55 5.26 7.14 8.00
CA ASP A 55 3.89 7.64 8.01
C ASP A 55 2.95 6.54 7.54
N VAL A 56 3.49 5.63 6.73
CA VAL A 56 2.70 4.52 6.21
C VAL A 56 2.22 3.66 7.37
N SER A 57 3.13 3.40 8.30
CA SER A 57 2.81 2.59 9.46
C SER A 57 1.93 3.38 10.44
N ARG A 58 2.47 4.51 10.88
CA ARG A 58 1.75 5.37 11.81
C ARG A 58 0.38 5.74 11.22
N GLY A 59 0.36 5.89 9.91
CA GLY A 59 -0.87 6.25 9.22
C GLY A 59 -1.87 5.10 9.24
N GLY A 60 -1.33 3.89 9.22
CA GLY A 60 -2.16 2.70 9.23
C GLY A 60 -1.85 1.80 8.03
N SER A 61 -1.48 2.44 6.94
CA SER A 61 -1.16 1.71 5.72
C SER A 61 -0.39 0.44 6.07
N PRO A 62 -1.03 -0.73 5.74
CA PRO A 62 -0.42 -2.02 6.01
C PRO A 62 0.70 -2.31 5.00
N PHE A 63 0.40 -2.04 3.74
CA PHE A 63 1.37 -2.27 2.68
C PHE A 63 1.83 -0.95 2.05
N ALA A 64 3.04 -0.97 1.51
CA ALA A 64 3.60 0.20 0.90
C ALA A 64 4.42 -0.21 -0.34
N ILE A 65 4.09 0.40 -1.46
CA ILE A 65 4.79 0.10 -2.70
C ILE A 65 5.91 1.12 -2.91
N VAL A 66 7.05 0.61 -3.33
CA VAL A 66 8.22 1.46 -3.57
C VAL A 66 8.34 1.73 -5.07
N ILE A 67 8.40 3.01 -5.41
CA ILE A 67 8.52 3.41 -6.80
C ILE A 67 9.78 4.27 -6.97
N THR A 68 10.66 3.80 -7.85
CA THR A 68 11.89 4.51 -8.11
C THR A 68 12.10 4.69 -9.62
N GLN A 69 13.36 4.77 -10.01
CA GLN A 69 13.70 4.95 -11.41
C GLN A 69 13.83 3.59 -12.10
N GLN A 70 14.81 2.83 -11.64
CA GLN A 70 15.07 1.52 -12.20
C GLN A 70 13.79 0.67 -12.15
N HIS A 71 13.12 0.74 -11.01
CA HIS A 71 11.89 -0.01 -10.82
C HIS A 71 10.98 0.18 -12.04
N GLN A 72 11.17 1.30 -12.71
CA GLN A 72 10.38 1.59 -13.90
C GLN A 72 10.86 0.75 -15.09
N ILE A 73 12.16 0.62 -15.18
CA ILE A 73 12.76 -0.15 -16.26
C ILE A 73 12.38 -1.63 -16.09
N HIS A 74 12.45 -2.09 -14.85
CA HIS A 74 12.12 -3.46 -14.54
C HIS A 74 10.61 -3.60 -14.30
N ARG A 75 9.98 -2.45 -14.12
CA ARG A 75 8.55 -2.42 -13.88
C ARG A 75 8.19 -3.24 -12.64
N SER A 76 9.07 -3.18 -11.66
CA SER A 76 8.87 -3.90 -10.42
C SER A 76 8.95 -2.94 -9.23
N CYS A 77 8.13 -3.22 -8.23
CA CYS A 77 8.09 -2.41 -7.03
C CYS A 77 8.45 -3.28 -5.83
N THR A 78 8.56 -2.64 -4.68
CA THR A 78 8.89 -3.34 -3.46
C THR A 78 7.74 -3.25 -2.45
N VAL A 79 7.17 -4.41 -2.14
CA VAL A 79 6.07 -4.47 -1.19
C VAL A 79 6.62 -4.65 0.21
N ASN A 80 6.33 -3.67 1.05
CA ASN A 80 6.79 -3.71 2.44
C ASN A 80 5.58 -3.72 3.37
N ILE A 81 5.38 -4.87 4.01
CA ILE A 81 4.26 -5.02 4.93
C ILE A 81 4.60 -4.31 6.24
N MET A 82 3.56 -3.72 6.84
CA MET A 82 3.73 -3.01 8.09
C MET A 82 3.02 -3.75 9.24
N PHE A 83 1.97 -4.48 8.88
CA PHE A 83 1.21 -5.23 9.86
C PHE A 83 1.68 -6.69 9.91
N GLY A 84 1.41 -7.33 11.04
CA GLY A 84 1.78 -8.71 11.23
C GLY A 84 3.30 -8.89 11.08
N THR A 85 3.70 -10.15 11.00
CA THR A 85 5.12 -10.47 10.86
C THR A 85 5.79 -9.51 9.90
N PRO A 86 7.09 -9.20 10.19
CA PRO A 86 7.85 -8.29 9.35
C PRO A 86 8.27 -8.97 8.05
N GLN A 87 7.42 -8.81 7.04
CA GLN A 87 7.69 -9.40 5.74
C GLN A 87 8.07 -8.31 4.73
N GLU A 88 9.34 -8.33 4.34
CA GLU A 88 9.84 -7.35 3.38
C GLU A 88 10.23 -8.04 2.08
N HIS A 89 9.43 -7.80 1.05
CA HIS A 89 9.68 -8.38 -0.26
C HIS A 89 10.56 -7.43 -1.09
N ARG A 90 11.59 -8.00 -1.69
CA ARG A 90 12.50 -7.22 -2.51
C ARG A 90 12.43 -7.69 -3.97
N ASN A 91 12.17 -6.74 -4.85
CA ASN A 91 12.07 -7.05 -6.27
C ASN A 91 10.92 -8.03 -6.51
N MET A 92 9.77 -7.47 -6.85
CA MET A 92 8.59 -8.28 -7.11
C MET A 92 7.86 -7.80 -8.36
N PRO A 93 7.42 -8.79 -9.18
CA PRO A 93 6.70 -8.48 -10.42
C PRO A 93 5.27 -8.04 -10.12
N GLN A 94 4.80 -7.07 -10.89
CA GLN A 94 3.46 -6.56 -10.72
C GLN A 94 2.49 -7.69 -10.39
N ALA A 95 2.24 -8.53 -11.38
CA ALA A 95 1.34 -9.65 -11.19
C ALA A 95 1.53 -10.23 -9.79
N ASP A 96 2.75 -10.67 -9.53
CA ASP A 96 3.08 -11.24 -8.24
C ASP A 96 2.59 -10.31 -7.13
N ALA A 97 3.08 -9.09 -7.16
CA ALA A 97 2.71 -8.09 -6.17
C ALA A 97 1.18 -8.08 -6.04
N MET A 98 0.51 -8.07 -7.18
CA MET A 98 -0.94 -8.05 -7.21
C MET A 98 -1.51 -9.28 -6.53
N VAL A 99 -0.73 -10.35 -6.54
CA VAL A 99 -1.14 -11.59 -5.92
C VAL A 99 -0.77 -11.58 -4.44
N LEU A 100 0.45 -11.15 -4.18
CA LEU A 100 0.94 -11.08 -2.81
C LEU A 100 0.10 -10.08 -2.02
N VAL A 101 -0.44 -9.11 -2.75
CA VAL A 101 -1.27 -8.08 -2.13
C VAL A 101 -2.71 -8.59 -2.02
N ALA A 102 -3.20 -9.10 -3.14
CA ALA A 102 -4.56 -9.62 -3.19
C ALA A 102 -4.68 -10.81 -2.23
N ARG A 103 -3.59 -11.56 -2.13
CA ARG A 103 -3.57 -12.72 -1.26
C ARG A 103 -3.55 -12.29 0.21
N ASN A 104 -2.44 -11.67 0.58
CA ASN A 104 -2.29 -11.20 1.95
C ASN A 104 -3.57 -10.50 2.40
N TYR A 105 -3.97 -9.52 1.60
CA TYR A 105 -5.18 -8.76 1.89
C TYR A 105 -6.32 -9.68 2.35
N GLU A 106 -6.64 -10.63 1.48
CA GLU A 106 -7.70 -11.57 1.78
C GLU A 106 -7.61 -12.04 3.24
N ARG A 107 -6.46 -12.60 3.58
CA ARG A 107 -6.24 -13.08 4.93
C ARG A 107 -6.30 -11.91 5.92
N TYR A 108 -5.47 -10.92 5.67
CA TYR A 108 -5.41 -9.76 6.53
C TYR A 108 -6.82 -9.29 6.91
N LYS A 109 -7.69 -9.30 5.92
CA LYS A 109 -9.07 -8.88 6.13
C LYS A 109 -9.76 -9.86 7.07
N ASN A 110 -9.52 -11.14 6.83
CA ASN A 110 -10.10 -12.18 7.64
C ASN A 110 -9.85 -11.88 9.12
N GLU A 111 -8.72 -11.22 9.37
CA GLU A 111 -8.35 -10.86 10.72
C GLU A 111 -8.83 -9.45 11.05
N CYS A 112 -9.00 -8.66 10.01
CA CYS A 112 -9.46 -7.30 10.16
C CYS A 112 -10.94 -7.32 10.56
N ARG A 113 -11.72 -8.03 9.76
CA ARG A 113 -13.15 -8.15 10.01
C ARG A 113 -13.39 -8.44 11.50
N GLU A 114 -12.64 -9.40 12.02
CA GLU A 114 -12.78 -9.77 13.41
C GLU A 114 -12.67 -8.54 14.31
N LYS A 115 -13.81 -7.95 14.60
CA LYS A 115 -13.85 -6.77 15.45
C LYS A 115 -15.26 -6.57 15.99
N GLU A 116 -16.18 -6.28 15.07
CA GLU A 116 -17.57 -6.07 15.44
C GLU A 116 -18.50 -6.52 14.30
N ARG A 117 -19.49 -7.32 14.67
CA ARG A 117 -20.43 -7.83 13.70
C ARG A 117 -20.71 -6.78 12.63
N GLU A 118 -20.14 -7.02 11.45
CA GLU A 118 -20.31 -6.10 10.34
C GLU A 118 -21.79 -5.70 10.20
N GLU A 119 -22.02 -4.73 9.33
CA GLU A 119 -23.38 -4.25 9.11
C GLU A 119 -23.73 -4.33 7.62
N ILE A 120 -23.24 -5.40 6.99
CA ILE A 120 -23.49 -5.61 5.57
C ILE A 120 -24.52 -6.73 5.41
N ALA A 121 -25.35 -6.59 4.38
CA ALA A 121 -26.39 -7.57 4.11
C ALA A 121 -26.25 -8.05 2.66
N ARG A 122 -25.14 -8.72 2.39
CA ARG A 122 -24.88 -9.23 1.06
C ARG A 122 -25.74 -10.47 0.79
N GLN A 123 -26.53 -10.38 -0.28
CA GLN A 123 -27.40 -11.48 -0.66
C GLN A 123 -27.74 -11.40 -2.15
N ALA A 124 -26.96 -12.10 -2.94
CA ALA A 124 -27.16 -12.12 -4.38
C ALA A 124 -27.31 -13.58 -4.85
N SER A 125 -27.73 -13.71 -6.10
CA SER A 125 -27.91 -15.03 -6.68
C SER A 125 -28.00 -14.92 -8.21
N GLY A 126 -27.26 -15.80 -8.87
CA GLY A 126 -27.24 -15.81 -10.33
C GLY A 126 -28.18 -16.88 -10.87
N PRO A 127 -29.29 -16.41 -11.50
CA PRO A 127 -30.27 -17.32 -12.08
C PRO A 127 -29.75 -17.94 -13.38
N SER A 128 -29.15 -17.09 -14.20
CA SER A 128 -28.60 -17.54 -15.47
C SER A 128 -29.73 -18.04 -16.37
N SER A 129 -29.73 -17.55 -17.60
CA SER A 129 -30.74 -17.94 -18.57
C SER A 129 -30.20 -17.75 -19.99
N GLY A 130 -30.60 -18.67 -20.86
CA GLY A 130 -30.17 -18.62 -22.24
C GLY A 130 -31.35 -18.35 -23.18
N GLY A 1 6.21 18.36 13.19
CA GLY A 1 6.39 18.14 11.76
C GLY A 1 5.06 18.23 11.03
N SER A 2 5.11 17.95 9.73
CA SER A 2 3.92 17.98 8.90
C SER A 2 3.64 16.60 8.32
N SER A 3 4.61 16.10 7.57
CA SER A 3 4.49 14.79 6.96
C SER A 3 3.24 14.74 6.06
N GLY A 4 3.13 13.67 5.30
CA GLY A 4 2.00 13.50 4.41
C GLY A 4 0.78 13.01 5.17
N SER A 5 -0.36 13.63 4.87
CA SER A 5 -1.61 13.26 5.52
C SER A 5 -2.62 12.80 4.48
N SER A 6 -3.56 11.97 4.93
CA SER A 6 -4.59 11.45 4.04
C SER A 6 -5.46 10.46 4.79
N GLY A 7 -4.80 9.53 5.48
CA GLY A 7 -5.50 8.51 6.24
C GLY A 7 -4.91 7.13 5.98
N PRO A 8 -5.66 6.08 6.41
CA PRO A 8 -5.23 4.71 6.23
C PRO A 8 -5.39 4.27 4.78
N VAL A 9 -4.36 3.64 4.26
CA VAL A 9 -4.37 3.16 2.88
C VAL A 9 -3.89 1.72 2.85
N ASP A 10 -4.73 0.85 2.32
CA ASP A 10 -4.40 -0.57 2.23
C ASP A 10 -2.97 -0.71 1.69
N CYS A 11 -2.70 0.03 0.62
CA CYS A 11 -1.38 -0.01 0.01
C CYS A 11 -0.98 1.43 -0.34
N SER A 12 0.22 1.78 0.08
CA SER A 12 0.74 3.12 -0.18
C SER A 12 1.92 3.04 -1.14
N VAL A 13 1.78 3.73 -2.27
CA VAL A 13 2.82 3.74 -3.28
C VAL A 13 3.83 4.86 -2.95
N ILE A 14 5.06 4.45 -2.73
CA ILE A 14 6.12 5.41 -2.42
C ILE A 14 6.98 5.63 -3.65
N VAL A 15 6.79 6.79 -4.27
CA VAL A 15 7.55 7.14 -5.46
C VAL A 15 8.48 8.31 -5.14
N VAL A 16 9.72 7.97 -4.85
CA VAL A 16 10.72 8.97 -4.52
C VAL A 16 11.19 9.66 -5.81
N ASN A 17 10.28 10.42 -6.40
CA ASN A 17 10.58 11.13 -7.63
C ASN A 17 9.29 11.67 -8.23
N LYS A 18 9.44 12.53 -9.24
CA LYS A 18 8.30 13.12 -9.90
C LYS A 18 8.28 12.66 -11.37
N GLN A 19 8.92 11.53 -11.61
CA GLN A 19 8.97 10.98 -12.95
C GLN A 19 8.00 9.81 -13.09
N THR A 20 8.14 8.86 -12.18
CA THR A 20 7.28 7.68 -12.19
C THR A 20 5.90 8.02 -11.62
N LYS A 21 5.26 9.00 -12.23
CA LYS A 21 3.95 9.42 -11.79
C LYS A 21 2.88 8.50 -12.41
N ASP A 22 2.92 8.41 -13.72
CA ASP A 22 1.97 7.58 -14.44
C ASP A 22 2.15 6.12 -14.00
N TYR A 23 3.39 5.67 -14.05
CA TYR A 23 3.72 4.31 -13.66
C TYR A 23 3.23 4.01 -12.25
N ALA A 24 3.75 4.78 -11.31
CA ALA A 24 3.38 4.61 -9.91
C ALA A 24 1.85 4.64 -9.79
N GLU A 25 1.26 5.57 -10.53
CA GLU A 25 -0.19 5.72 -10.50
C GLU A 25 -0.87 4.46 -11.04
N SER A 26 -0.05 3.59 -11.62
CA SER A 26 -0.56 2.33 -12.16
C SER A 26 -0.56 1.26 -11.08
N VAL A 27 0.64 0.83 -10.71
CA VAL A 27 0.80 -0.20 -9.70
C VAL A 27 -0.20 0.07 -8.57
N GLY A 28 -0.48 1.34 -8.35
CA GLY A 28 -1.42 1.73 -7.31
C GLY A 28 -2.86 1.42 -7.71
N ARG A 29 -3.19 1.82 -8.93
CA ARG A 29 -4.53 1.59 -9.45
C ARG A 29 -4.78 0.09 -9.63
N LYS A 30 -3.70 -0.64 -9.82
CA LYS A 30 -3.79 -2.08 -10.00
C LYS A 30 -4.29 -2.72 -8.71
N VAL A 31 -3.76 -2.23 -7.59
CA VAL A 31 -4.15 -2.74 -6.29
C VAL A 31 -5.59 -2.35 -6.00
N ARG A 32 -6.01 -1.26 -6.62
CA ARG A 32 -7.37 -0.77 -6.44
C ARG A 32 -8.36 -1.65 -7.20
N ASP A 33 -7.90 -2.18 -8.32
CA ASP A 33 -8.73 -3.05 -9.15
C ASP A 33 -9.10 -4.30 -8.35
N LEU A 34 -8.37 -4.52 -7.26
CA LEU A 34 -8.62 -5.67 -6.41
C LEU A 34 -9.60 -5.28 -5.31
N GLY A 35 -9.83 -3.97 -5.20
CA GLY A 35 -10.74 -3.46 -4.20
C GLY A 35 -9.98 -3.01 -2.94
N MET A 36 -8.76 -2.59 -3.15
CA MET A 36 -7.91 -2.13 -2.05
C MET A 36 -7.59 -0.64 -2.20
N VAL A 37 -7.70 0.07 -1.08
CA VAL A 37 -7.42 1.49 -1.07
C VAL A 37 -5.94 1.71 -1.35
N VAL A 38 -5.68 2.47 -2.41
CA VAL A 38 -4.30 2.77 -2.80
C VAL A 38 -4.14 4.28 -2.97
N ASP A 39 -2.94 4.75 -2.69
CA ASP A 39 -2.64 6.17 -2.81
C ASP A 39 -1.24 6.34 -3.39
N LEU A 40 -0.95 7.57 -3.78
CA LEU A 40 0.35 7.89 -4.36
C LEU A 40 1.03 8.98 -3.52
N ILE A 41 2.26 8.69 -3.13
CA ILE A 41 3.02 9.63 -2.33
C ILE A 41 4.23 10.11 -3.13
N PHE A 42 4.19 11.37 -3.52
CA PHE A 42 5.26 11.96 -4.29
C PHE A 42 6.25 12.70 -3.38
N LEU A 43 7.48 12.20 -3.38
CA LEU A 43 8.53 12.80 -2.57
C LEU A 43 9.53 13.53 -3.47
N ASN A 44 9.86 14.74 -3.06
CA ASN A 44 10.81 15.55 -3.81
C ASN A 44 11.06 16.86 -3.07
N THR A 45 12.33 17.13 -2.82
CA THR A 45 12.72 18.33 -2.11
C THR A 45 11.70 18.67 -1.03
N GLU A 46 11.28 17.63 -0.32
CA GLU A 46 10.30 17.81 0.75
C GLU A 46 10.64 16.88 1.92
N VAL A 47 10.46 15.58 1.68
CA VAL A 47 10.73 14.59 2.70
C VAL A 47 11.47 13.41 2.06
N SER A 48 11.79 12.43 2.91
CA SER A 48 12.48 11.25 2.44
C SER A 48 11.54 10.03 2.46
N LEU A 49 12.02 8.95 1.89
CA LEU A 49 11.23 7.73 1.83
C LEU A 49 10.70 7.40 3.22
N SER A 50 11.63 7.18 4.14
CA SER A 50 11.29 6.86 5.51
C SER A 50 10.11 7.73 5.97
N GLN A 51 10.30 9.04 5.81
CA GLN A 51 9.26 9.99 6.19
C GLN A 51 7.88 9.47 5.78
N ALA A 52 7.85 8.82 4.62
CA ALA A 52 6.60 8.28 4.11
C ALA A 52 6.33 6.93 4.78
N LEU A 53 7.38 6.14 4.90
CA LEU A 53 7.26 4.83 5.52
C LEU A 53 6.72 4.98 6.93
N GLU A 54 7.19 6.03 7.61
CA GLU A 54 6.77 6.29 8.97
C GLU A 54 5.27 6.59 9.01
N ASP A 55 4.83 7.44 8.09
CA ASP A 55 3.43 7.80 8.01
C ASP A 55 2.61 6.59 7.55
N VAL A 56 3.27 5.74 6.77
CA VAL A 56 2.63 4.54 6.27
C VAL A 56 2.20 3.66 7.43
N SER A 57 3.17 3.35 8.29
CA SER A 57 2.91 2.51 9.45
C SER A 57 1.98 3.23 10.42
N ARG A 58 2.46 4.36 10.93
CA ARG A 58 1.68 5.15 11.87
C ARG A 58 0.30 5.44 11.28
N GLY A 59 0.26 5.61 9.98
CA GLY A 59 -0.99 5.88 9.29
C GLY A 59 -1.90 4.65 9.28
N GLY A 60 -1.27 3.49 9.26
CA GLY A 60 -2.01 2.23 9.25
C GLY A 60 -1.64 1.40 8.03
N SER A 61 -1.27 2.09 6.96
CA SER A 61 -0.89 1.43 5.73
C SER A 61 -0.07 0.17 6.04
N PRO A 62 -0.72 -1.00 5.85
CA PRO A 62 -0.05 -2.28 6.10
C PRO A 62 0.95 -2.60 4.99
N PHE A 63 0.58 -2.21 3.77
CA PHE A 63 1.43 -2.47 2.61
C PHE A 63 1.93 -1.15 2.02
N ALA A 64 3.16 -1.20 1.52
CA ALA A 64 3.76 -0.03 0.92
C ALA A 64 4.58 -0.45 -0.31
N ILE A 65 4.25 0.16 -1.44
CA ILE A 65 4.94 -0.15 -2.68
C ILE A 65 6.04 0.90 -2.92
N VAL A 66 7.17 0.42 -3.40
CA VAL A 66 8.29 1.31 -3.68
C VAL A 66 8.42 1.51 -5.20
N ILE A 67 8.67 2.75 -5.57
CA ILE A 67 8.81 3.09 -6.98
C ILE A 67 10.12 3.85 -7.19
N THR A 68 10.65 3.74 -8.40
CA THR A 68 11.90 4.41 -8.74
C THR A 68 12.20 4.25 -10.23
N GLN A 69 13.05 5.13 -10.73
CA GLN A 69 13.42 5.10 -12.13
C GLN A 69 13.61 3.65 -12.60
N GLN A 70 14.61 3.00 -12.03
CA GLN A 70 14.90 1.62 -12.36
C GLN A 70 13.63 0.77 -12.29
N HIS A 71 13.05 0.76 -11.11
CA HIS A 71 11.82 0.00 -10.89
C HIS A 71 10.90 0.14 -12.11
N GLN A 72 10.96 1.32 -12.72
CA GLN A 72 10.14 1.59 -13.89
C GLN A 72 10.58 0.71 -15.06
N ILE A 73 11.88 0.72 -15.31
CA ILE A 73 12.43 -0.06 -16.40
C ILE A 73 12.08 -1.54 -16.19
N HIS A 74 12.54 -2.07 -15.06
CA HIS A 74 12.28 -3.46 -14.73
C HIS A 74 10.79 -3.65 -14.45
N ARG A 75 10.08 -2.54 -14.36
CA ARG A 75 8.66 -2.56 -14.10
C ARG A 75 8.37 -3.38 -12.85
N SER A 76 9.23 -3.22 -11.85
CA SER A 76 9.08 -3.94 -10.60
C SER A 76 9.20 -2.96 -9.43
N CYS A 77 8.44 -3.26 -8.38
CA CYS A 77 8.45 -2.41 -7.20
C CYS A 77 8.81 -3.29 -5.99
N THR A 78 8.95 -2.64 -4.85
CA THR A 78 9.29 -3.34 -3.63
C THR A 78 8.16 -3.23 -2.60
N VAL A 79 7.58 -4.38 -2.29
CA VAL A 79 6.48 -4.43 -1.34
C VAL A 79 7.03 -4.65 0.06
N ASN A 80 6.61 -3.78 0.96
CA ASN A 80 7.06 -3.86 2.35
C ASN A 80 5.83 -3.87 3.28
N ILE A 81 5.62 -5.03 3.90
CA ILE A 81 4.50 -5.18 4.80
C ILE A 81 4.85 -4.53 6.15
N MET A 82 3.83 -3.94 6.76
CA MET A 82 4.00 -3.28 8.04
C MET A 82 3.38 -4.11 9.17
N PHE A 83 2.37 -4.88 8.82
CA PHE A 83 1.68 -5.71 9.78
C PHE A 83 2.12 -7.17 9.66
N GLY A 84 2.06 -7.87 10.78
CA GLY A 84 2.44 -9.27 10.81
C GLY A 84 3.96 -9.42 10.68
N THR A 85 4.39 -10.67 10.52
CA THR A 85 5.80 -10.96 10.37
C THR A 85 6.46 -9.98 9.40
N PRO A 86 7.75 -9.66 9.69
CA PRO A 86 8.50 -8.74 8.85
C PRO A 86 8.92 -9.42 7.55
N GLN A 87 8.16 -9.13 6.49
CA GLN A 87 8.45 -9.69 5.18
C GLN A 87 8.82 -8.59 4.19
N GLU A 88 10.04 -8.69 3.68
CA GLU A 88 10.52 -7.70 2.73
C GLU A 88 10.71 -8.36 1.36
N HIS A 89 9.84 -7.98 0.43
CA HIS A 89 9.90 -8.50 -0.92
C HIS A 89 10.76 -7.60 -1.80
N ARG A 90 11.85 -8.15 -2.29
CA ARG A 90 12.75 -7.40 -3.14
C ARG A 90 12.64 -7.86 -4.59
N ASN A 91 12.41 -6.90 -5.47
CA ASN A 91 12.26 -7.20 -6.89
C ASN A 91 11.06 -8.12 -7.09
N MET A 92 9.95 -7.52 -7.46
CA MET A 92 8.73 -8.28 -7.68
C MET A 92 7.95 -7.72 -8.88
N PRO A 93 7.47 -8.65 -9.74
CA PRO A 93 6.73 -8.26 -10.92
C PRO A 93 5.31 -7.84 -10.55
N GLN A 94 4.82 -6.80 -11.22
CA GLN A 94 3.49 -6.29 -10.96
C GLN A 94 2.52 -7.44 -10.75
N ALA A 95 2.29 -8.21 -11.82
CA ALA A 95 1.38 -9.34 -11.76
C ALA A 95 1.53 -10.03 -10.40
N ASP A 96 2.77 -10.36 -10.07
CA ASP A 96 3.06 -11.02 -8.81
C ASP A 96 2.63 -10.11 -7.65
N ALA A 97 3.18 -8.92 -7.65
CA ALA A 97 2.86 -7.96 -6.60
C ALA A 97 1.34 -7.90 -6.41
N MET A 98 0.63 -7.98 -7.53
CA MET A 98 -0.82 -7.94 -7.49
C MET A 98 -1.39 -9.20 -6.82
N VAL A 99 -0.66 -10.30 -6.98
CA VAL A 99 -1.07 -11.56 -6.39
C VAL A 99 -0.64 -11.59 -4.93
N LEU A 100 0.56 -11.10 -4.68
CA LEU A 100 1.09 -11.07 -3.32
C LEU A 100 0.24 -10.13 -2.47
N VAL A 101 -0.32 -9.13 -3.12
CA VAL A 101 -1.15 -8.15 -2.44
C VAL A 101 -2.58 -8.68 -2.37
N ALA A 102 -3.09 -9.12 -3.51
CA ALA A 102 -4.43 -9.65 -3.59
C ALA A 102 -4.56 -10.85 -2.66
N ARG A 103 -3.47 -11.59 -2.55
CA ARG A 103 -3.45 -12.78 -1.71
C ARG A 103 -3.37 -12.37 -0.24
N ASN A 104 -2.24 -11.82 0.13
CA ASN A 104 -2.02 -11.38 1.50
C ASN A 104 -3.27 -10.64 1.99
N TYR A 105 -3.64 -9.61 1.24
CA TYR A 105 -4.81 -8.81 1.59
C TYR A 105 -5.95 -9.70 2.10
N GLU A 106 -6.33 -10.65 1.27
CA GLU A 106 -7.41 -11.57 1.63
C GLU A 106 -7.23 -12.04 3.07
N ARG A 107 -6.07 -12.59 3.35
CA ARG A 107 -5.77 -13.09 4.68
C ARG A 107 -5.81 -11.94 5.70
N TYR A 108 -5.01 -10.92 5.43
CA TYR A 108 -4.95 -9.76 6.30
C TYR A 108 -6.36 -9.35 6.76
N LYS A 109 -7.31 -9.47 5.83
CA LYS A 109 -8.68 -9.11 6.12
C LYS A 109 -9.28 -10.13 7.08
N ASN A 110 -9.06 -11.40 6.75
CA ASN A 110 -9.58 -12.49 7.57
C ASN A 110 -9.24 -12.21 9.04
N GLU A 111 -8.10 -11.57 9.25
CA GLU A 111 -7.66 -11.24 10.59
C GLU A 111 -8.15 -9.84 10.98
N CYS A 112 -8.36 -9.02 9.96
CA CYS A 112 -8.82 -7.66 10.18
C CYS A 112 -10.26 -7.72 10.70
N ARG A 113 -11.12 -8.33 9.91
CA ARG A 113 -12.52 -8.47 10.27
C ARG A 113 -12.64 -8.88 11.74
N GLU A 114 -11.70 -9.70 12.17
CA GLU A 114 -11.69 -10.18 13.55
C GLU A 114 -11.41 -9.02 14.51
N LYS A 115 -12.48 -8.53 15.12
CA LYS A 115 -12.37 -7.43 16.05
C LYS A 115 -13.65 -7.34 16.88
N GLU A 116 -13.68 -6.34 17.77
CA GLU A 116 -14.84 -6.12 18.61
C GLU A 116 -15.98 -5.51 17.80
N ARG A 117 -16.60 -6.34 16.97
CA ARG A 117 -17.71 -5.89 16.15
C ARG A 117 -17.26 -4.72 15.28
N GLU A 118 -17.10 -5.01 13.99
CA GLU A 118 -16.68 -3.99 13.05
C GLU A 118 -17.48 -2.70 13.26
N GLU A 119 -16.96 -1.62 12.69
CA GLU A 119 -17.61 -0.33 12.82
C GLU A 119 -19.10 -0.44 12.45
N ILE A 120 -19.40 -1.45 11.64
CA ILE A 120 -20.75 -1.68 11.20
C ILE A 120 -21.60 -2.16 12.38
N ALA A 121 -22.87 -1.78 12.36
CA ALA A 121 -23.78 -2.17 13.43
C ALA A 121 -25.06 -2.76 12.81
N ARG A 122 -24.90 -3.93 12.23
CA ARG A 122 -26.02 -4.62 11.60
C ARG A 122 -26.58 -3.77 10.47
N GLN A 123 -26.23 -4.18 9.25
CA GLN A 123 -26.68 -3.47 8.06
C GLN A 123 -26.87 -4.45 6.90
N ALA A 124 -27.88 -4.18 6.09
CA ALA A 124 -28.17 -5.02 4.94
C ALA A 124 -28.81 -4.17 3.84
N SER A 125 -28.30 -4.35 2.63
CA SER A 125 -28.81 -3.61 1.49
C SER A 125 -29.41 -4.58 0.47
N GLY A 126 -30.59 -4.22 -0.01
CA GLY A 126 -31.28 -5.05 -0.99
C GLY A 126 -31.73 -4.21 -2.19
N PRO A 127 -33.01 -4.45 -2.61
CA PRO A 127 -33.57 -3.74 -3.74
C PRO A 127 -33.94 -2.31 -3.34
N SER A 128 -34.03 -1.45 -4.35
CA SER A 128 -34.37 -0.05 -4.12
C SER A 128 -35.25 0.46 -5.27
N SER A 129 -36.31 1.17 -4.89
CA SER A 129 -37.23 1.72 -5.87
C SER A 129 -37.61 0.65 -6.90
N GLY A 130 -38.74 0.01 -6.66
CA GLY A 130 -39.22 -1.03 -7.55
C GLY A 130 -40.42 -0.55 -8.36
N GLY A 1 -10.97 8.66 12.33
CA GLY A 1 -9.89 9.60 12.57
C GLY A 1 -9.74 10.57 11.40
N SER A 2 -8.50 10.99 11.18
CA SER A 2 -8.20 11.92 10.10
C SER A 2 -6.95 11.47 9.34
N SER A 3 -7.13 11.19 8.07
CA SER A 3 -6.02 10.74 7.23
C SER A 3 -6.42 10.83 5.75
N GLY A 4 -7.50 10.16 5.43
CA GLY A 4 -8.00 10.15 4.06
C GLY A 4 -9.53 10.16 4.02
N SER A 5 -10.09 9.09 3.48
CA SER A 5 -11.53 8.97 3.38
C SER A 5 -11.99 7.64 3.99
N SER A 6 -11.53 6.56 3.36
CA SER A 6 -11.88 5.23 3.83
C SER A 6 -10.62 4.46 4.22
N GLY A 7 -10.49 4.22 5.52
CA GLY A 7 -9.33 3.50 6.04
C GLY A 7 -8.04 4.21 5.67
N PRO A 8 -6.98 3.93 6.48
CA PRO A 8 -5.68 4.53 6.26
C PRO A 8 -4.97 3.90 5.05
N VAL A 9 -5.68 3.89 3.93
CA VAL A 9 -5.14 3.31 2.71
C VAL A 9 -4.84 1.83 2.94
N ASP A 10 -4.99 1.06 1.87
CA ASP A 10 -4.73 -0.37 1.95
C ASP A 10 -3.32 -0.66 1.45
N CYS A 11 -2.92 0.09 0.43
CA CYS A 11 -1.60 -0.08 -0.15
C CYS A 11 -1.14 1.28 -0.70
N SER A 12 -0.35 1.97 0.12
CA SER A 12 0.17 3.27 -0.27
C SER A 12 1.36 3.10 -1.21
N VAL A 13 1.30 3.80 -2.33
CA VAL A 13 2.36 3.75 -3.31
C VAL A 13 3.36 4.87 -3.05
N ILE A 14 4.57 4.47 -2.68
CA ILE A 14 5.62 5.43 -2.39
C ILE A 14 6.39 5.73 -3.68
N VAL A 15 6.21 6.95 -4.16
CA VAL A 15 6.88 7.39 -5.38
C VAL A 15 7.70 8.65 -5.08
N VAL A 16 9.00 8.46 -4.97
CA VAL A 16 9.89 9.58 -4.70
C VAL A 16 10.16 10.35 -5.99
N ASN A 17 10.28 9.59 -7.08
CA ASN A 17 10.53 10.19 -8.38
C ASN A 17 9.30 10.99 -8.81
N LYS A 18 9.57 12.07 -9.53
CA LYS A 18 8.50 12.93 -10.01
C LYS A 18 8.23 12.63 -11.49
N GLN A 19 8.91 11.60 -11.98
CA GLN A 19 8.76 11.20 -13.37
C GLN A 19 7.87 9.96 -13.47
N THR A 20 7.92 9.16 -12.41
CA THR A 20 7.13 7.95 -12.37
C THR A 20 5.74 8.23 -11.80
N LYS A 21 5.01 9.09 -12.49
CA LYS A 21 3.68 9.46 -12.06
C LYS A 21 2.67 8.44 -12.62
N ASP A 22 2.63 8.36 -13.94
CA ASP A 22 1.72 7.43 -14.61
C ASP A 22 2.08 6.00 -14.20
N TYR A 23 3.34 5.66 -14.38
CA TYR A 23 3.81 4.33 -14.04
C TYR A 23 3.34 3.92 -12.65
N ALA A 24 3.48 4.85 -11.72
CA ALA A 24 3.07 4.59 -10.34
C ALA A 24 1.55 4.62 -10.26
N GLU A 25 0.97 5.54 -11.00
CA GLU A 25 -0.49 5.69 -11.03
C GLU A 25 -1.14 4.36 -11.39
N SER A 26 -0.35 3.48 -11.97
CA SER A 26 -0.84 2.17 -12.38
C SER A 26 -0.73 1.19 -11.22
N VAL A 27 0.51 0.87 -10.87
CA VAL A 27 0.77 -0.06 -9.79
C VAL A 27 -0.20 0.21 -8.65
N GLY A 28 -0.56 1.48 -8.50
CA GLY A 28 -1.49 1.88 -7.46
C GLY A 28 -2.92 1.45 -7.80
N ARG A 29 -3.31 1.77 -9.02
CA ARG A 29 -4.64 1.44 -9.50
C ARG A 29 -4.81 -0.08 -9.62
N LYS A 30 -3.68 -0.74 -9.86
CA LYS A 30 -3.68 -2.18 -9.99
C LYS A 30 -4.12 -2.82 -8.67
N VAL A 31 -3.64 -2.25 -7.58
CA VAL A 31 -3.98 -2.75 -6.26
C VAL A 31 -5.44 -2.42 -5.95
N ARG A 32 -5.93 -1.37 -6.61
CA ARG A 32 -7.30 -0.94 -6.42
C ARG A 32 -8.25 -1.89 -7.15
N ASP A 33 -7.77 -2.43 -8.25
CA ASP A 33 -8.57 -3.35 -9.05
C ASP A 33 -8.93 -4.57 -8.20
N LEU A 34 -8.17 -4.76 -7.13
CA LEU A 34 -8.39 -5.87 -6.23
C LEU A 34 -9.38 -5.45 -5.13
N GLY A 35 -9.63 -4.15 -5.09
CA GLY A 35 -10.56 -3.60 -4.10
C GLY A 35 -9.80 -3.10 -2.86
N MET A 36 -8.56 -2.67 -3.11
CA MET A 36 -7.73 -2.16 -2.03
C MET A 36 -7.43 -0.67 -2.23
N VAL A 37 -7.62 0.09 -1.16
CA VAL A 37 -7.38 1.52 -1.20
C VAL A 37 -5.89 1.77 -1.42
N VAL A 38 -5.60 2.50 -2.49
CA VAL A 38 -4.22 2.82 -2.82
C VAL A 38 -4.09 4.33 -3.03
N ASP A 39 -2.92 4.84 -2.66
CA ASP A 39 -2.65 6.27 -2.79
C ASP A 39 -1.27 6.46 -3.42
N LEU A 40 -1.00 7.70 -3.81
CA LEU A 40 0.27 8.03 -4.43
C LEU A 40 0.94 9.15 -3.63
N ILE A 41 2.15 8.87 -3.18
CA ILE A 41 2.92 9.83 -2.40
C ILE A 41 4.06 10.38 -3.26
N PHE A 42 3.87 11.61 -3.72
CA PHE A 42 4.87 12.26 -4.54
C PHE A 42 5.86 13.05 -3.68
N LEU A 43 7.11 12.59 -3.70
CA LEU A 43 8.15 13.25 -2.92
C LEU A 43 9.15 13.89 -3.88
N ASN A 44 9.93 14.82 -3.34
CA ASN A 44 10.93 15.51 -4.13
C ASN A 44 12.15 15.82 -3.25
N THR A 45 11.90 16.63 -2.22
CA THR A 45 12.96 17.00 -1.30
C THR A 45 12.52 16.80 0.14
N GLU A 46 11.38 17.40 0.46
CA GLU A 46 10.83 17.31 1.80
C GLU A 46 10.98 15.88 2.33
N VAL A 47 11.53 15.78 3.54
CA VAL A 47 11.73 14.50 4.16
C VAL A 47 12.39 13.54 3.16
N SER A 48 12.17 12.25 3.38
CA SER A 48 12.73 11.23 2.52
C SER A 48 11.75 10.07 2.37
N LEU A 49 12.17 9.07 1.60
CA LEU A 49 11.33 7.91 1.37
C LEU A 49 10.98 7.27 2.72
N SER A 50 12.01 6.87 3.44
CA SER A 50 11.82 6.26 4.74
C SER A 50 10.82 7.07 5.57
N GLN A 51 11.09 8.37 5.65
CA GLN A 51 10.24 9.27 6.41
C GLN A 51 8.77 9.03 6.04
N ALA A 52 8.56 8.69 4.78
CA ALA A 52 7.22 8.44 4.28
C ALA A 52 6.75 7.07 4.76
N LEU A 53 7.72 6.15 4.83
CA LEU A 53 7.41 4.80 5.27
C LEU A 53 6.95 4.83 6.73
N GLU A 54 7.78 5.43 7.57
CA GLU A 54 7.46 5.53 8.98
C GLU A 54 6.10 6.21 9.18
N ASP A 55 5.74 7.02 8.20
CA ASP A 55 4.48 7.74 8.25
C ASP A 55 3.37 6.85 7.67
N VAL A 56 3.78 5.93 6.82
CA VAL A 56 2.84 5.02 6.20
C VAL A 56 2.24 4.10 7.26
N SER A 57 3.12 3.32 7.89
CA SER A 57 2.69 2.40 8.93
C SER A 57 1.86 3.15 9.98
N ARG A 58 2.50 4.11 10.61
CA ARG A 58 1.84 4.90 11.64
C ARG A 58 0.49 5.41 11.12
N GLY A 59 0.45 5.70 9.83
CA GLY A 59 -0.76 6.19 9.21
C GLY A 59 -1.87 5.13 9.24
N GLY A 60 -1.44 3.87 9.17
CA GLY A 60 -2.38 2.77 9.20
C GLY A 60 -2.10 1.78 8.06
N SER A 61 -1.92 2.34 6.87
CA SER A 61 -1.64 1.53 5.71
C SER A 61 -0.76 0.35 6.08
N PRO A 62 -1.32 -0.88 5.90
CA PRO A 62 -0.60 -2.09 6.21
C PRO A 62 0.47 -2.39 5.16
N PHE A 63 0.11 -2.11 3.91
CA PHE A 63 1.03 -2.35 2.80
C PHE A 63 1.44 -1.03 2.15
N ALA A 64 2.66 -1.02 1.63
CA ALA A 64 3.19 0.16 0.98
C ALA A 64 4.08 -0.27 -0.20
N ILE A 65 3.82 0.36 -1.34
CA ILE A 65 4.58 0.06 -2.54
C ILE A 65 5.74 1.07 -2.67
N VAL A 66 6.81 0.60 -3.30
CA VAL A 66 7.98 1.44 -3.50
C VAL A 66 8.18 1.69 -4.99
N ILE A 67 8.22 2.96 -5.34
CA ILE A 67 8.41 3.35 -6.73
C ILE A 67 9.61 4.28 -6.84
N THR A 68 10.56 3.87 -7.68
CA THR A 68 11.77 4.67 -7.87
C THR A 68 12.05 4.83 -9.36
N GLN A 69 13.33 4.95 -9.69
CA GLN A 69 13.74 5.12 -11.06
C GLN A 69 13.96 3.75 -11.73
N GLN A 70 14.93 3.03 -11.20
CA GLN A 70 15.25 1.71 -11.72
C GLN A 70 13.99 0.85 -11.81
N HIS A 71 13.20 0.90 -10.74
CA HIS A 71 11.97 0.13 -10.68
C HIS A 71 11.16 0.36 -11.96
N GLN A 72 11.32 1.55 -12.52
CA GLN A 72 10.62 1.90 -13.74
C GLN A 72 11.14 1.08 -14.91
N ILE A 73 12.44 0.81 -14.87
CA ILE A 73 13.08 0.03 -15.93
C ILE A 73 12.62 -1.43 -15.83
N HIS A 74 12.99 -2.06 -14.73
CA HIS A 74 12.62 -3.45 -14.50
C HIS A 74 11.10 -3.56 -14.36
N ARG A 75 10.49 -2.42 -14.08
CA ARG A 75 9.04 -2.37 -13.91
C ARG A 75 8.62 -3.23 -12.72
N SER A 76 9.30 -3.02 -11.61
CA SER A 76 9.00 -3.77 -10.39
C SER A 76 9.00 -2.83 -9.18
N CYS A 77 8.15 -3.16 -8.22
CA CYS A 77 8.06 -2.36 -7.01
C CYS A 77 8.38 -3.25 -5.81
N THR A 78 8.41 -2.64 -4.64
CA THR A 78 8.71 -3.36 -3.42
C THR A 78 7.52 -3.28 -2.45
N VAL A 79 7.01 -4.44 -2.09
CA VAL A 79 5.88 -4.51 -1.18
C VAL A 79 6.40 -4.59 0.26
N ASN A 80 6.15 -3.52 1.00
CA ASN A 80 6.59 -3.45 2.39
C ASN A 80 5.36 -3.50 3.30
N ILE A 81 5.35 -4.53 4.14
CA ILE A 81 4.24 -4.72 5.08
C ILE A 81 4.55 -3.96 6.37
N MET A 82 3.49 -3.42 6.96
CA MET A 82 3.63 -2.67 8.21
C MET A 82 2.99 -3.43 9.37
N PHE A 83 1.98 -4.23 9.04
CA PHE A 83 1.28 -5.00 10.04
C PHE A 83 1.90 -6.39 10.20
N GLY A 84 1.75 -6.95 11.39
CA GLY A 84 2.28 -8.26 11.67
C GLY A 84 3.80 -8.30 11.46
N THR A 85 4.34 -9.51 11.47
CA THR A 85 5.77 -9.69 11.28
C THR A 85 6.30 -8.71 10.23
N PRO A 86 7.57 -8.27 10.44
CA PRO A 86 8.19 -7.34 9.52
C PRO A 86 8.62 -8.05 8.23
N GLN A 87 7.68 -8.08 7.29
CA GLN A 87 7.95 -8.72 6.00
C GLN A 87 8.09 -7.66 4.91
N GLU A 88 9.29 -7.61 4.33
CA GLU A 88 9.56 -6.65 3.27
C GLU A 88 10.10 -7.37 2.03
N HIS A 89 9.21 -7.61 1.09
CA HIS A 89 9.58 -8.28 -0.14
C HIS A 89 10.38 -7.32 -1.03
N ARG A 90 11.55 -7.77 -1.43
CA ARG A 90 12.41 -6.97 -2.30
C ARG A 90 12.56 -7.63 -3.67
N ASN A 91 12.43 -6.81 -4.70
CA ASN A 91 12.55 -7.30 -6.06
C ASN A 91 11.31 -8.12 -6.41
N MET A 92 10.20 -7.42 -6.56
CA MET A 92 8.94 -8.07 -6.90
C MET A 92 8.24 -7.35 -8.05
N PRO A 93 7.86 -8.15 -9.08
CA PRO A 93 7.18 -7.60 -10.24
C PRO A 93 5.72 -7.26 -9.92
N GLN A 94 5.08 -6.58 -10.86
CA GLN A 94 3.70 -6.19 -10.68
C GLN A 94 2.83 -7.42 -10.42
N ALA A 95 2.73 -8.26 -11.44
CA ALA A 95 1.94 -9.48 -11.33
C ALA A 95 2.09 -10.06 -9.91
N ASP A 96 3.28 -10.57 -9.65
CA ASP A 96 3.56 -11.16 -8.35
C ASP A 96 3.06 -10.23 -7.25
N ALA A 97 3.56 -9.01 -7.28
CA ALA A 97 3.17 -8.00 -6.29
C ALA A 97 1.66 -8.03 -6.12
N MET A 98 0.96 -7.95 -7.25
CA MET A 98 -0.49 -7.96 -7.25
C MET A 98 -1.02 -9.23 -6.57
N VAL A 99 -0.22 -10.28 -6.65
CA VAL A 99 -0.60 -11.55 -6.06
C VAL A 99 -0.23 -11.55 -4.58
N LEU A 100 1.00 -11.12 -4.32
CA LEU A 100 1.49 -11.08 -2.94
C LEU A 100 0.62 -10.11 -2.13
N VAL A 101 0.05 -9.14 -2.83
CA VAL A 101 -0.80 -8.15 -2.20
C VAL A 101 -2.23 -8.70 -2.11
N ALA A 102 -2.69 -9.23 -3.23
CA ALA A 102 -4.03 -9.78 -3.30
C ALA A 102 -4.14 -10.96 -2.34
N ARG A 103 -3.09 -11.77 -2.31
CA ARG A 103 -3.05 -12.92 -1.45
C ARG A 103 -3.04 -12.49 0.02
N ASN A 104 -1.92 -11.94 0.43
CA ASN A 104 -1.76 -11.48 1.81
C ASN A 104 -3.05 -10.79 2.25
N TYR A 105 -3.40 -9.73 1.53
CA TYR A 105 -4.60 -8.98 1.85
C TYR A 105 -5.73 -9.92 2.29
N GLU A 106 -6.11 -10.80 1.37
CA GLU A 106 -7.17 -11.75 1.64
C GLU A 106 -7.06 -12.29 3.07
N ARG A 107 -5.84 -12.68 3.42
CA ARG A 107 -5.57 -13.20 4.75
C ARG A 107 -5.69 -12.09 5.79
N TYR A 108 -4.82 -11.10 5.65
CA TYR A 108 -4.81 -9.97 6.57
C TYR A 108 -6.23 -9.58 6.96
N LYS A 109 -7.14 -9.69 6.00
CA LYS A 109 -8.53 -9.35 6.24
C LYS A 109 -9.13 -10.35 7.23
N ASN A 110 -8.93 -11.62 6.93
CA ASN A 110 -9.44 -12.68 7.79
C ASN A 110 -9.12 -12.35 9.24
N GLU A 111 -7.93 -11.82 9.45
CA GLU A 111 -7.49 -11.46 10.79
C GLU A 111 -8.21 -10.20 11.26
N CYS A 112 -8.56 -9.36 10.30
CA CYS A 112 -9.26 -8.12 10.61
C CYS A 112 -10.43 -8.45 11.53
N ARG A 113 -11.37 -9.21 11.00
CA ARG A 113 -12.54 -9.59 11.77
C ARG A 113 -12.13 -10.20 13.11
N GLU A 114 -11.06 -10.98 13.07
CA GLU A 114 -10.55 -11.63 14.27
C GLU A 114 -10.16 -10.57 15.30
N LYS A 115 -9.38 -9.60 14.84
CA LYS A 115 -8.92 -8.53 15.71
C LYS A 115 -8.96 -7.21 14.94
N GLU A 116 -10.14 -6.62 14.90
CA GLU A 116 -10.32 -5.35 14.20
C GLU A 116 -10.50 -4.21 15.21
N ARG A 117 -10.99 -4.58 16.39
CA ARG A 117 -11.21 -3.61 17.45
C ARG A 117 -12.23 -2.56 16.99
N GLU A 118 -13.05 -2.14 17.94
CA GLU A 118 -14.08 -1.15 17.65
C GLU A 118 -13.48 0.01 16.86
N GLU A 119 -14.37 0.88 16.38
CA GLU A 119 -13.94 2.03 15.61
C GLU A 119 -14.37 3.33 16.30
N ILE A 120 -14.26 3.31 17.62
CA ILE A 120 -14.63 4.47 18.40
C ILE A 120 -14.03 5.73 17.77
N ALA A 121 -14.77 6.83 17.90
CA ALA A 121 -14.32 8.09 17.34
C ALA A 121 -15.04 9.23 18.06
N ARG A 122 -16.35 9.29 17.87
CA ARG A 122 -17.16 10.31 18.49
C ARG A 122 -16.52 11.68 18.29
N GLN A 123 -16.91 12.33 17.20
CA GLN A 123 -16.38 13.65 16.87
C GLN A 123 -17.15 14.25 15.70
N ALA A 124 -17.33 15.57 15.78
CA ALA A 124 -18.04 16.28 14.72
C ALA A 124 -19.30 15.49 14.35
N SER A 125 -20.29 15.56 15.23
CA SER A 125 -21.55 14.87 15.01
C SER A 125 -22.17 15.33 13.70
N GLY A 126 -22.45 14.37 12.84
CA GLY A 126 -23.04 14.67 11.54
C GLY A 126 -23.64 13.41 10.91
N PRO A 127 -24.70 13.62 10.09
CA PRO A 127 -25.36 12.52 9.42
C PRO A 127 -24.53 12.01 8.25
N SER A 128 -24.68 10.71 7.98
CA SER A 128 -23.94 10.09 6.89
C SER A 128 -24.79 9.00 6.24
N SER A 129 -24.89 9.07 4.92
CA SER A 129 -25.67 8.11 4.17
C SER A 129 -24.75 7.05 3.58
N GLY A 130 -25.26 5.82 3.53
CA GLY A 130 -24.49 4.71 2.98
C GLY A 130 -24.51 3.52 3.94
N GLY A 1 -8.66 6.70 17.60
CA GLY A 1 -9.63 7.73 17.94
C GLY A 1 -10.01 8.56 16.71
N SER A 2 -9.23 9.60 16.47
CA SER A 2 -9.47 10.47 15.34
C SER A 2 -8.33 11.48 15.21
N SER A 3 -7.33 11.10 14.41
CA SER A 3 -6.18 11.95 14.20
C SER A 3 -6.04 12.26 12.70
N GLY A 4 -5.60 13.47 12.43
CA GLY A 4 -5.42 13.91 11.05
C GLY A 4 -3.94 13.88 10.65
N SER A 5 -3.56 12.80 9.99
CA SER A 5 -2.19 12.64 9.55
C SER A 5 -2.08 11.46 8.58
N SER A 6 -2.48 11.72 7.35
CA SER A 6 -2.44 10.70 6.31
C SER A 6 -3.35 9.53 6.70
N GLY A 7 -4.45 9.42 5.98
CA GLY A 7 -5.42 8.36 6.24
C GLY A 7 -4.81 6.98 5.95
N PRO A 8 -5.51 5.93 6.44
CA PRO A 8 -5.05 4.57 6.24
C PRO A 8 -5.31 4.11 4.81
N VAL A 9 -4.24 3.62 4.18
CA VAL A 9 -4.33 3.14 2.82
C VAL A 9 -3.85 1.69 2.76
N ASP A 10 -4.75 0.82 2.29
CA ASP A 10 -4.43 -0.60 2.18
C ASP A 10 -2.99 -0.76 1.69
N CYS A 11 -2.67 0.00 0.65
CA CYS A 11 -1.33 -0.04 0.08
C CYS A 11 -1.00 1.34 -0.48
N SER A 12 0.00 1.97 0.13
CA SER A 12 0.42 3.29 -0.30
C SER A 12 1.63 3.18 -1.22
N VAL A 13 1.56 3.89 -2.33
CA VAL A 13 2.63 3.87 -3.32
C VAL A 13 3.62 4.99 -2.99
N ILE A 14 4.86 4.61 -2.75
CA ILE A 14 5.90 5.57 -2.43
C ILE A 14 6.77 5.80 -3.67
N VAL A 15 6.60 6.97 -4.27
CA VAL A 15 7.36 7.33 -5.45
C VAL A 15 8.25 8.53 -5.14
N VAL A 16 9.52 8.23 -4.85
CA VAL A 16 10.48 9.27 -4.53
C VAL A 16 10.84 10.03 -5.80
N ASN A 17 11.08 9.27 -6.85
CA ASN A 17 11.44 9.86 -8.13
C ASN A 17 10.35 10.85 -8.56
N LYS A 18 10.73 11.74 -9.46
CA LYS A 18 9.80 12.74 -9.95
C LYS A 18 9.52 12.49 -11.44
N GLN A 19 9.39 11.22 -11.77
CA GLN A 19 9.13 10.82 -13.15
C GLN A 19 8.11 9.69 -13.20
N THR A 20 8.33 8.70 -12.34
CA THR A 20 7.43 7.56 -12.28
C THR A 20 6.09 7.96 -11.68
N LYS A 21 5.45 8.91 -12.35
CA LYS A 21 4.15 9.39 -11.89
C LYS A 21 3.04 8.49 -12.46
N ASP A 22 3.03 8.40 -13.78
CA ASP A 22 2.04 7.57 -14.46
C ASP A 22 2.20 6.12 -14.03
N TYR A 23 3.42 5.62 -14.23
CA TYR A 23 3.72 4.25 -13.86
C TYR A 23 3.27 3.93 -12.44
N ALA A 24 3.76 4.74 -11.52
CA ALA A 24 3.42 4.56 -10.10
C ALA A 24 1.90 4.62 -9.95
N GLU A 25 1.30 5.57 -10.66
CA GLU A 25 -0.14 5.73 -10.61
C GLU A 25 -0.85 4.49 -11.13
N SER A 26 -0.06 3.61 -11.75
CA SER A 26 -0.59 2.38 -12.30
C SER A 26 -0.61 1.29 -11.22
N VAL A 27 0.58 0.86 -10.84
CA VAL A 27 0.71 -0.17 -9.83
C VAL A 27 -0.25 0.13 -8.68
N GLY A 28 -0.48 1.41 -8.46
CA GLY A 28 -1.37 1.84 -7.40
C GLY A 28 -2.84 1.55 -7.77
N ARG A 29 -3.17 1.85 -9.02
CA ARG A 29 -4.51 1.62 -9.51
C ARG A 29 -4.79 0.13 -9.68
N LYS A 30 -3.70 -0.61 -9.87
CA LYS A 30 -3.81 -2.05 -10.04
C LYS A 30 -4.26 -2.69 -8.73
N VAL A 31 -3.70 -2.19 -7.64
CA VAL A 31 -4.03 -2.70 -6.32
C VAL A 31 -5.50 -2.39 -6.02
N ARG A 32 -5.99 -1.33 -6.63
CA ARG A 32 -7.37 -0.92 -6.43
C ARG A 32 -8.31 -1.86 -7.18
N ASP A 33 -7.84 -2.35 -8.31
CA ASP A 33 -8.62 -3.26 -9.13
C ASP A 33 -8.97 -4.51 -8.31
N LEU A 34 -8.21 -4.70 -7.24
CA LEU A 34 -8.41 -5.85 -6.37
C LEU A 34 -9.40 -5.47 -5.26
N GLY A 35 -9.67 -4.18 -5.18
CA GLY A 35 -10.59 -3.67 -4.17
C GLY A 35 -9.84 -3.20 -2.93
N MET A 36 -8.61 -2.74 -3.16
CA MET A 36 -7.78 -2.26 -2.07
C MET A 36 -7.49 -0.77 -2.22
N VAL A 37 -7.65 -0.05 -1.12
CA VAL A 37 -7.39 1.38 -1.11
C VAL A 37 -5.92 1.64 -1.37
N VAL A 38 -5.66 2.39 -2.44
CA VAL A 38 -4.29 2.72 -2.80
C VAL A 38 -4.18 4.22 -3.07
N ASP A 39 -3.00 4.76 -2.81
CA ASP A 39 -2.76 6.18 -3.03
C ASP A 39 -1.34 6.37 -3.56
N LEU A 40 -1.08 7.59 -4.02
CA LEU A 40 0.23 7.92 -4.56
C LEU A 40 0.87 9.02 -3.71
N ILE A 41 2.08 8.74 -3.25
CA ILE A 41 2.81 9.70 -2.43
C ILE A 41 4.02 10.22 -3.21
N PHE A 42 3.92 11.46 -3.64
CA PHE A 42 5.00 12.08 -4.39
C PHE A 42 5.93 12.88 -3.46
N LEU A 43 7.19 12.50 -3.47
CA LEU A 43 8.18 13.17 -2.65
C LEU A 43 9.01 14.11 -3.51
N ASN A 44 8.34 15.09 -4.08
CA ASN A 44 9.00 16.07 -4.93
C ASN A 44 10.08 16.79 -4.13
N THR A 45 9.63 17.52 -3.12
CA THR A 45 10.55 18.25 -2.27
C THR A 45 10.00 18.33 -0.84
N GLU A 46 10.19 17.23 -0.12
CA GLU A 46 9.73 17.15 1.26
C GLU A 46 10.83 16.59 2.15
N VAL A 47 10.80 15.28 2.31
CA VAL A 47 11.78 14.60 3.14
C VAL A 47 12.33 13.38 2.39
N SER A 48 12.60 12.34 3.15
CA SER A 48 13.13 11.11 2.58
C SER A 48 12.00 10.10 2.38
N LEU A 49 12.37 8.93 1.88
CA LEU A 49 11.41 7.87 1.64
C LEU A 49 10.92 7.32 2.98
N SER A 50 11.88 6.85 3.77
CA SER A 50 11.57 6.29 5.07
C SER A 50 10.53 7.17 5.78
N GLN A 51 10.74 8.47 5.69
CA GLN A 51 9.84 9.41 6.31
C GLN A 51 8.38 9.08 5.96
N ALA A 52 8.19 8.68 4.72
CA ALA A 52 6.87 8.32 4.25
C ALA A 52 6.46 6.98 4.87
N LEU A 53 7.41 6.06 4.90
CA LEU A 53 7.16 4.75 5.45
C LEU A 53 6.75 4.88 6.91
N GLU A 54 7.41 5.80 7.61
CA GLU A 54 7.12 6.03 9.00
C GLU A 54 5.66 6.49 9.18
N ASP A 55 5.17 7.18 8.16
CA ASP A 55 3.81 7.67 8.18
C ASP A 55 2.86 6.57 7.70
N VAL A 56 3.39 5.72 6.83
CA VAL A 56 2.61 4.62 6.29
C VAL A 56 2.18 3.69 7.42
N SER A 57 3.10 3.48 8.35
CA SER A 57 2.82 2.63 9.49
C SER A 57 1.86 3.32 10.45
N ARG A 58 2.30 4.47 10.95
CA ARG A 58 1.49 5.24 11.88
C ARG A 58 0.13 5.56 11.26
N GLY A 59 0.15 5.82 9.97
CA GLY A 59 -1.07 6.14 9.24
C GLY A 59 -2.03 4.95 9.23
N GLY A 60 -1.45 3.76 9.22
CA GLY A 60 -2.24 2.55 9.22
C GLY A 60 -1.89 1.67 8.01
N SER A 61 -1.52 2.33 6.93
CA SER A 61 -1.15 1.63 5.71
C SER A 61 -0.34 0.38 6.05
N PRO A 62 -1.00 -0.80 5.80
CA PRO A 62 -0.36 -2.08 6.08
C PRO A 62 0.69 -2.40 5.02
N PHE A 63 0.38 -2.03 3.79
CA PHE A 63 1.28 -2.29 2.68
C PHE A 63 1.80 -0.97 2.09
N ALA A 64 3.00 -1.04 1.54
CA ALA A 64 3.62 0.13 0.93
C ALA A 64 4.43 -0.30 -0.29
N ILE A 65 4.03 0.24 -1.44
CA ILE A 65 4.72 -0.08 -2.68
C ILE A 65 5.77 1.00 -2.97
N VAL A 66 6.97 0.53 -3.29
CA VAL A 66 8.07 1.43 -3.58
C VAL A 66 8.22 1.57 -5.09
N ILE A 67 8.39 2.81 -5.54
CA ILE A 67 8.54 3.08 -6.96
C ILE A 67 9.80 3.94 -7.17
N THR A 68 10.35 3.84 -8.36
CA THR A 68 11.54 4.59 -8.71
C THR A 68 11.89 4.39 -10.20
N GLN A 69 12.67 5.33 -10.71
CA GLN A 69 13.08 5.26 -12.10
C GLN A 69 13.40 3.81 -12.50
N GLN A 70 14.43 3.27 -11.88
CA GLN A 70 14.84 1.90 -12.15
C GLN A 70 13.64 0.97 -12.11
N HIS A 71 12.95 0.98 -10.98
CA HIS A 71 11.78 0.14 -10.79
C HIS A 71 10.91 0.20 -12.05
N GLN A 72 10.97 1.34 -12.73
CA GLN A 72 10.20 1.55 -13.94
C GLN A 72 10.70 0.61 -15.05
N ILE A 73 12.00 0.61 -15.24
CA ILE A 73 12.61 -0.23 -16.26
C ILE A 73 12.30 -1.70 -15.95
N HIS A 74 12.71 -2.13 -14.76
CA HIS A 74 12.48 -3.49 -14.34
C HIS A 74 10.99 -3.71 -14.08
N ARG A 75 10.26 -2.61 -14.08
CA ARG A 75 8.83 -2.66 -13.84
C ARG A 75 8.52 -3.47 -12.58
N SER A 76 9.34 -3.24 -11.57
CA SER A 76 9.17 -3.94 -10.30
C SER A 76 9.23 -2.94 -9.14
N CYS A 77 8.45 -3.22 -8.12
CA CYS A 77 8.41 -2.36 -6.95
C CYS A 77 8.75 -3.21 -5.72
N THR A 78 8.85 -2.53 -4.58
CA THR A 78 9.17 -3.20 -3.34
C THR A 78 8.00 -3.12 -2.36
N VAL A 79 7.42 -4.27 -2.09
CA VAL A 79 6.28 -4.36 -1.18
C VAL A 79 6.80 -4.58 0.25
N ASN A 80 6.47 -3.63 1.11
CA ASN A 80 6.89 -3.71 2.50
C ASN A 80 5.66 -3.66 3.40
N ILE A 81 5.42 -4.77 4.09
CA ILE A 81 4.29 -4.86 4.99
C ILE A 81 4.61 -4.14 6.30
N MET A 82 3.58 -3.59 6.91
CA MET A 82 3.74 -2.87 8.16
C MET A 82 3.02 -3.60 9.30
N PHE A 83 2.05 -4.42 8.93
CA PHE A 83 1.29 -5.18 9.90
C PHE A 83 1.75 -6.63 9.96
N GLY A 84 1.61 -7.22 11.14
CA GLY A 84 2.01 -8.61 11.32
C GLY A 84 3.52 -8.77 11.24
N THR A 85 3.95 -10.00 11.01
CA THR A 85 5.37 -10.29 10.91
C THR A 85 6.04 -9.36 9.91
N PRO A 86 7.32 -9.02 10.20
CA PRO A 86 8.08 -8.13 9.34
C PRO A 86 8.53 -8.85 8.07
N GLN A 87 7.73 -8.69 7.02
CA GLN A 87 8.03 -9.31 5.75
C GLN A 87 8.43 -8.25 4.71
N GLU A 88 9.67 -8.32 4.29
CA GLU A 88 10.19 -7.38 3.30
C GLU A 88 10.50 -8.10 2.00
N HIS A 89 9.69 -7.81 0.99
CA HIS A 89 9.87 -8.42 -0.32
C HIS A 89 10.73 -7.51 -1.19
N ARG A 90 11.90 -8.02 -1.55
CA ARG A 90 12.82 -7.26 -2.38
C ARG A 90 12.79 -7.77 -3.82
N ASN A 91 12.56 -6.85 -4.74
CA ASN A 91 12.49 -7.20 -6.16
C ASN A 91 11.33 -8.17 -6.38
N MET A 92 10.20 -7.62 -6.82
CA MET A 92 9.03 -8.42 -7.09
C MET A 92 8.28 -7.91 -8.32
N PRO A 93 7.84 -8.89 -9.16
CA PRO A 93 7.12 -8.56 -10.37
C PRO A 93 5.68 -8.13 -10.06
N GLN A 94 5.25 -7.09 -10.76
CA GLN A 94 3.90 -6.56 -10.56
C GLN A 94 2.91 -7.71 -10.32
N ALA A 95 2.80 -8.55 -11.34
CA ALA A 95 1.90 -9.69 -11.25
C ALA A 95 1.97 -10.29 -9.85
N ASP A 96 3.15 -10.74 -9.49
CA ASP A 96 3.36 -11.33 -8.18
C ASP A 96 2.85 -10.36 -7.09
N ALA A 97 3.41 -9.17 -7.11
CA ALA A 97 3.03 -8.15 -6.14
C ALA A 97 1.50 -8.09 -6.05
N MET A 98 0.87 -8.02 -7.21
CA MET A 98 -0.57 -7.96 -7.28
C MET A 98 -1.20 -9.17 -6.59
N VAL A 99 -0.45 -10.26 -6.57
CA VAL A 99 -0.92 -11.49 -5.95
C VAL A 99 -0.59 -11.46 -4.45
N LEU A 100 0.65 -11.07 -4.17
CA LEU A 100 1.11 -11.00 -2.80
C LEU A 100 0.26 -9.99 -2.03
N VAL A 101 -0.27 -9.01 -2.77
CA VAL A 101 -1.11 -7.99 -2.17
C VAL A 101 -2.54 -8.48 -2.10
N ALA A 102 -3.01 -9.00 -3.22
CA ALA A 102 -4.38 -9.52 -3.29
C ALA A 102 -4.52 -10.69 -2.32
N ARG A 103 -3.44 -11.44 -2.18
CA ARG A 103 -3.44 -12.58 -1.29
C ARG A 103 -3.42 -12.13 0.17
N ASN A 104 -2.30 -11.51 0.55
CA ASN A 104 -2.14 -11.02 1.91
C ASN A 104 -3.40 -10.27 2.33
N TYR A 105 -3.85 -9.38 1.45
CA TYR A 105 -5.03 -8.59 1.72
C TYR A 105 -6.20 -9.48 2.15
N GLU A 106 -6.49 -10.46 1.32
CA GLU A 106 -7.58 -11.39 1.60
C GLU A 106 -7.53 -11.82 3.07
N ARG A 107 -6.37 -12.28 3.48
CA ARG A 107 -6.18 -12.72 4.85
C ARG A 107 -6.45 -11.57 5.83
N TYR A 108 -5.68 -10.51 5.66
CA TYR A 108 -5.82 -9.35 6.51
C TYR A 108 -7.30 -8.95 6.67
N LYS A 109 -8.09 -9.34 5.67
CA LYS A 109 -9.50 -9.03 5.68
C LYS A 109 -10.24 -10.10 6.49
N ASN A 110 -9.79 -11.33 6.33
CA ASN A 110 -10.38 -12.45 7.05
C ASN A 110 -10.45 -12.13 8.53
N GLU A 111 -9.58 -11.21 8.95
CA GLU A 111 -9.52 -10.81 10.34
C GLU A 111 -10.75 -9.95 10.70
N CYS A 112 -11.29 -9.30 9.67
CA CYS A 112 -12.46 -8.46 9.87
C CYS A 112 -13.57 -9.32 10.49
N ARG A 113 -13.81 -10.46 9.87
CA ARG A 113 -14.84 -11.36 10.35
C ARG A 113 -14.39 -12.03 11.65
N GLU A 114 -13.18 -12.59 11.59
CA GLU A 114 -12.63 -13.27 12.76
C GLU A 114 -11.18 -12.83 12.99
N LYS A 115 -11.04 -11.80 13.81
CA LYS A 115 -9.73 -11.26 14.13
C LYS A 115 -9.06 -12.16 15.17
N GLU A 116 -7.87 -12.64 14.82
CA GLU A 116 -7.12 -13.50 15.72
C GLU A 116 -5.71 -13.74 15.16
N ARG A 117 -4.85 -12.76 15.39
CA ARG A 117 -3.48 -12.84 14.93
C ARG A 117 -2.97 -14.29 15.01
N GLU A 118 -2.85 -14.91 13.85
CA GLU A 118 -2.38 -16.29 13.79
C GLU A 118 -1.18 -16.49 14.72
N GLU A 119 -0.85 -17.75 14.95
CA GLU A 119 0.27 -18.08 15.81
C GLU A 119 1.34 -18.83 15.01
N ILE A 120 1.52 -18.39 13.78
CA ILE A 120 2.51 -19.01 12.90
C ILE A 120 3.76 -18.13 12.85
N ALA A 121 4.89 -18.73 13.18
CA ALA A 121 6.16 -18.01 13.17
C ALA A 121 6.05 -16.80 14.10
N ARG A 122 7.20 -16.25 14.43
CA ARG A 122 7.26 -15.08 15.32
C ARG A 122 8.71 -14.65 15.53
N GLN A 123 9.17 -13.77 14.65
CA GLN A 123 10.53 -13.27 14.74
C GLN A 123 10.57 -12.01 15.61
N ALA A 124 11.64 -11.90 16.38
CA ALA A 124 11.82 -10.76 17.26
C ALA A 124 13.30 -10.60 17.59
N SER A 125 13.86 -11.65 18.16
CA SER A 125 15.27 -11.64 18.53
C SER A 125 16.14 -11.39 17.29
N GLY A 126 16.00 -12.29 16.32
CA GLY A 126 16.77 -12.17 15.09
C GLY A 126 16.71 -10.75 14.53
N PRO A 127 15.64 -10.48 13.75
CA PRO A 127 15.45 -9.17 13.16
C PRO A 127 14.97 -8.15 14.20
N SER A 128 15.82 -7.15 14.43
CA SER A 128 15.49 -6.12 15.39
C SER A 128 14.98 -4.87 14.68
N SER A 129 13.91 -4.31 15.21
CA SER A 129 13.31 -3.13 14.63
C SER A 129 12.74 -3.44 13.24
N GLY A 130 11.83 -2.60 12.81
CA GLY A 130 11.20 -2.78 11.51
C GLY A 130 9.90 -3.56 11.63
N GLY A 1 -1.75 6.73 5.26
CA GLY A 1 -0.80 7.23 4.27
C GLY A 1 -0.73 8.76 4.30
N SER A 2 -0.58 9.33 3.12
CA SER A 2 -0.50 10.77 2.99
C SER A 2 -1.76 11.42 3.58
N SER A 3 -2.89 11.09 2.99
CA SER A 3 -4.16 11.63 3.44
C SER A 3 -4.28 11.47 4.95
N GLY A 4 -4.51 12.60 5.62
CA GLY A 4 -4.65 12.60 7.07
C GLY A 4 -6.09 12.32 7.47
N SER A 5 -6.99 13.16 6.98
CA SER A 5 -8.40 13.02 7.29
C SER A 5 -8.86 11.59 6.99
N SER A 6 -8.65 11.19 5.74
CA SER A 6 -9.03 9.86 5.30
C SER A 6 -8.34 8.80 6.18
N GLY A 7 -8.84 7.59 6.08
CA GLY A 7 -8.29 6.48 6.85
C GLY A 7 -6.94 6.04 6.28
N PRO A 8 -6.53 4.80 6.64
CA PRO A 8 -5.26 4.25 6.17
C PRO A 8 -5.36 3.83 4.71
N VAL A 9 -4.22 3.49 4.14
CA VAL A 9 -4.15 3.06 2.76
C VAL A 9 -3.74 1.59 2.69
N ASP A 10 -4.71 0.76 2.31
CA ASP A 10 -4.46 -0.67 2.22
C ASP A 10 -3.07 -0.91 1.60
N CYS A 11 -2.79 -0.14 0.55
CA CYS A 11 -1.51 -0.25 -0.13
C CYS A 11 -1.15 1.12 -0.70
N SER A 12 -0.23 1.78 -0.02
CA SER A 12 0.22 3.10 -0.44
C SER A 12 1.39 2.97 -1.41
N VAL A 13 1.33 3.76 -2.48
CA VAL A 13 2.38 3.74 -3.48
C VAL A 13 3.40 4.84 -3.16
N ILE A 14 4.64 4.42 -2.97
CA ILE A 14 5.71 5.36 -2.67
C ILE A 14 6.52 5.63 -3.94
N VAL A 15 6.47 6.88 -4.36
CA VAL A 15 7.19 7.30 -5.56
C VAL A 15 8.03 8.53 -5.25
N VAL A 16 9.30 8.31 -4.97
CA VAL A 16 10.21 9.39 -4.66
C VAL A 16 10.63 10.09 -5.96
N ASN A 17 9.64 10.68 -6.62
CA ASN A 17 9.90 11.37 -7.87
C ASN A 17 8.56 11.71 -8.55
N LYS A 18 8.66 12.39 -9.68
CA LYS A 18 7.47 12.77 -10.42
C LYS A 18 7.47 12.04 -11.77
N GLN A 19 8.66 11.88 -12.33
CA GLN A 19 8.81 11.21 -13.61
C GLN A 19 7.90 9.98 -13.67
N THR A 20 7.92 9.22 -12.59
CA THR A 20 7.11 8.02 -12.50
C THR A 20 5.76 8.33 -11.82
N LYS A 21 5.02 9.23 -12.45
CA LYS A 21 3.72 9.62 -11.93
C LYS A 21 2.65 8.70 -12.50
N ASP A 22 2.82 8.35 -13.77
CA ASP A 22 1.87 7.48 -14.44
C ASP A 22 2.16 6.02 -14.06
N TYR A 23 3.39 5.61 -14.34
CA TYR A 23 3.81 4.25 -14.03
C TYR A 23 3.36 3.85 -12.61
N ALA A 24 3.53 4.77 -11.69
CA ALA A 24 3.15 4.52 -10.31
C ALA A 24 1.63 4.57 -10.19
N GLU A 25 1.04 5.45 -10.98
CA GLU A 25 -0.41 5.61 -10.98
C GLU A 25 -1.09 4.30 -11.36
N SER A 26 -0.29 3.39 -11.91
CA SER A 26 -0.79 2.09 -12.32
C SER A 26 -0.68 1.10 -11.17
N VAL A 27 0.55 0.75 -10.83
CA VAL A 27 0.81 -0.19 -9.76
C VAL A 27 -0.16 0.09 -8.60
N GLY A 28 -0.50 1.36 -8.47
CA GLY A 28 -1.42 1.77 -7.41
C GLY A 28 -2.86 1.43 -7.76
N ARG A 29 -3.23 1.79 -8.99
CA ARG A 29 -4.58 1.53 -9.47
C ARG A 29 -4.80 0.02 -9.63
N LYS A 30 -3.70 -0.70 -9.76
CA LYS A 30 -3.75 -2.15 -9.92
C LYS A 30 -4.22 -2.78 -8.60
N VAL A 31 -3.77 -2.19 -7.51
CA VAL A 31 -4.14 -2.69 -6.19
C VAL A 31 -5.59 -2.31 -5.89
N ARG A 32 -6.02 -1.22 -6.51
CA ARG A 32 -7.38 -0.74 -6.32
C ARG A 32 -8.36 -1.63 -7.08
N ASP A 33 -7.90 -2.15 -8.19
CA ASP A 33 -8.72 -3.03 -9.02
C ASP A 33 -9.13 -4.26 -8.20
N LEU A 34 -8.40 -4.47 -7.12
CA LEU A 34 -8.67 -5.61 -6.25
C LEU A 34 -9.64 -5.19 -5.15
N GLY A 35 -9.88 -3.88 -5.07
CA GLY A 35 -10.78 -3.34 -4.08
C GLY A 35 -10.02 -2.89 -2.83
N MET A 36 -8.75 -2.55 -3.04
CA MET A 36 -7.90 -2.11 -1.95
C MET A 36 -7.56 -0.62 -2.09
N VAL A 37 -7.68 0.09 -0.96
CA VAL A 37 -7.39 1.51 -0.95
C VAL A 37 -5.90 1.73 -1.24
N VAL A 38 -5.64 2.57 -2.22
CA VAL A 38 -4.27 2.87 -2.60
C VAL A 38 -4.13 4.38 -2.83
N ASP A 39 -2.93 4.88 -2.58
CA ASP A 39 -2.65 6.30 -2.74
C ASP A 39 -1.26 6.47 -3.35
N LEU A 40 -0.99 7.69 -3.79
CA LEU A 40 0.30 8.00 -4.39
C LEU A 40 1.01 9.05 -3.54
N ILE A 41 2.23 8.71 -3.13
CA ILE A 41 3.02 9.60 -2.31
C ILE A 41 4.20 10.14 -3.14
N PHE A 42 4.10 11.39 -3.51
CA PHE A 42 5.14 12.03 -4.30
C PHE A 42 6.16 12.74 -3.41
N LEU A 43 7.42 12.39 -3.61
CA LEU A 43 8.50 12.99 -2.83
C LEU A 43 9.55 13.57 -3.76
N ASN A 44 9.50 14.89 -3.90
CA ASN A 44 10.44 15.59 -4.77
C ASN A 44 10.94 16.85 -4.06
N THR A 45 12.07 16.69 -3.38
CA THR A 45 12.67 17.80 -2.66
C THR A 45 11.78 18.21 -1.48
N GLU A 46 11.73 17.35 -0.48
CA GLU A 46 10.93 17.62 0.70
C GLU A 46 11.36 16.70 1.85
N VAL A 47 11.06 15.41 1.67
CA VAL A 47 11.40 14.42 2.69
C VAL A 47 12.01 13.20 2.01
N SER A 48 12.30 12.19 2.82
CA SER A 48 12.89 10.96 2.32
C SER A 48 11.84 9.85 2.30
N LEU A 49 12.20 8.75 1.66
CA LEU A 49 11.30 7.61 1.57
C LEU A 49 10.83 7.23 2.97
N SER A 50 11.80 6.90 3.81
CA SER A 50 11.49 6.52 5.18
C SER A 50 10.45 7.46 5.78
N GLN A 51 10.75 8.75 5.69
CA GLN A 51 9.86 9.77 6.21
C GLN A 51 8.41 9.44 5.85
N ALA A 52 8.24 8.84 4.67
CA ALA A 52 6.92 8.46 4.20
C ALA A 52 6.53 7.13 4.84
N LEU A 53 7.48 6.22 4.89
CA LEU A 53 7.24 4.91 5.48
C LEU A 53 6.77 5.07 6.92
N GLU A 54 7.57 5.81 7.68
CA GLU A 54 7.25 6.05 9.08
C GLU A 54 5.80 6.50 9.23
N ASP A 55 5.30 7.15 8.18
CA ASP A 55 3.94 7.64 8.18
C ASP A 55 3.00 6.52 7.72
N VAL A 56 3.50 5.71 6.79
CA VAL A 56 2.73 4.61 6.27
C VAL A 56 2.32 3.68 7.41
N SER A 57 3.30 3.37 8.25
CA SER A 57 3.05 2.49 9.39
C SER A 57 2.06 3.16 10.35
N ARG A 58 2.50 4.28 10.92
CA ARG A 58 1.67 5.01 11.85
C ARG A 58 0.28 5.26 11.26
N GLY A 59 0.27 5.53 9.96
CA GLY A 59 -0.98 5.78 9.26
C GLY A 59 -1.89 4.56 9.30
N GLY A 60 -1.26 3.39 9.31
CA GLY A 60 -2.00 2.14 9.36
C GLY A 60 -1.73 1.30 8.10
N SER A 61 -1.32 1.99 7.04
CA SER A 61 -1.03 1.34 5.79
C SER A 61 -0.33 0.00 6.05
N PRO A 62 -1.02 -1.10 5.63
CA PRO A 62 -0.47 -2.43 5.83
C PRO A 62 0.64 -2.72 4.81
N PHE A 63 0.37 -2.39 3.56
CA PHE A 63 1.33 -2.59 2.50
C PHE A 63 1.77 -1.26 1.88
N ALA A 64 3.00 -1.24 1.39
CA ALA A 64 3.54 -0.04 0.78
C ALA A 64 4.40 -0.44 -0.43
N ILE A 65 4.10 0.19 -1.55
CA ILE A 65 4.83 -0.08 -2.78
C ILE A 65 5.94 0.96 -2.95
N VAL A 66 7.10 0.48 -3.37
CA VAL A 66 8.24 1.36 -3.57
C VAL A 66 8.42 1.60 -5.07
N ILE A 67 8.53 2.87 -5.42
CA ILE A 67 8.70 3.25 -6.82
C ILE A 67 9.93 4.16 -6.94
N THR A 68 10.46 4.21 -8.15
CA THR A 68 11.64 5.03 -8.42
C THR A 68 11.94 5.05 -9.91
N GLN A 69 13.22 5.15 -10.22
CA GLN A 69 13.66 5.19 -11.61
C GLN A 69 13.84 3.77 -12.14
N GLN A 70 14.80 3.07 -11.54
CA GLN A 70 15.09 1.70 -11.94
C GLN A 70 13.81 0.87 -11.96
N HIS A 71 13.14 0.85 -10.81
CA HIS A 71 11.90 0.09 -10.69
C HIS A 71 11.04 0.28 -11.93
N GLN A 72 11.17 1.47 -12.52
CA GLN A 72 10.41 1.80 -13.72
C GLN A 72 10.85 0.90 -14.87
N ILE A 73 12.16 0.85 -15.08
CA ILE A 73 12.72 0.04 -16.15
C ILE A 73 12.39 -1.44 -15.89
N HIS A 74 12.93 -1.95 -14.79
CA HIS A 74 12.70 -3.33 -14.42
C HIS A 74 11.19 -3.58 -14.27
N ARG A 75 10.46 -2.48 -14.09
CA ARG A 75 9.02 -2.57 -13.93
C ARG A 75 8.67 -3.39 -12.69
N SER A 76 9.48 -3.21 -11.65
CA SER A 76 9.27 -3.94 -10.41
C SER A 76 9.32 -2.97 -9.23
N CYS A 77 8.48 -3.25 -8.24
CA CYS A 77 8.43 -2.41 -7.06
C CYS A 77 8.69 -3.28 -5.84
N THR A 78 8.83 -2.63 -4.69
CA THR A 78 9.08 -3.34 -3.44
C THR A 78 7.89 -3.22 -2.50
N VAL A 79 7.27 -4.35 -2.23
CA VAL A 79 6.11 -4.38 -1.34
C VAL A 79 6.58 -4.60 0.09
N ASN A 80 6.33 -3.60 0.93
CA ASN A 80 6.73 -3.66 2.32
C ASN A 80 5.48 -3.74 3.19
N ILE A 81 5.43 -4.77 4.02
CA ILE A 81 4.30 -4.97 4.92
C ILE A 81 4.55 -4.23 6.23
N MET A 82 3.47 -3.73 6.81
CA MET A 82 3.55 -3.00 8.07
C MET A 82 2.78 -3.72 9.17
N PHE A 83 1.73 -4.41 8.76
CA PHE A 83 0.90 -5.14 9.70
C PHE A 83 1.67 -6.32 10.31
N GLY A 84 0.98 -7.04 11.18
CA GLY A 84 1.58 -8.20 11.83
C GLY A 84 2.49 -8.96 10.87
N THR A 85 3.40 -9.73 11.46
CA THR A 85 4.33 -10.51 10.67
C THR A 85 5.14 -9.61 9.74
N PRO A 86 6.46 -9.51 10.04
CA PRO A 86 7.35 -8.69 9.24
C PRO A 86 7.66 -9.35 7.89
N GLN A 87 7.20 -8.71 6.83
CA GLN A 87 7.42 -9.24 5.49
C GLN A 87 8.01 -8.14 4.59
N GLU A 88 9.12 -8.49 3.96
CA GLU A 88 9.80 -7.55 3.08
C GLU A 88 10.16 -8.24 1.76
N HIS A 89 9.54 -7.76 0.70
CA HIS A 89 9.79 -8.32 -0.63
C HIS A 89 10.64 -7.34 -1.44
N ARG A 90 11.76 -7.86 -1.95
CA ARG A 90 12.66 -7.06 -2.75
C ARG A 90 12.60 -7.47 -4.21
N ASN A 91 12.31 -6.49 -5.06
CA ASN A 91 12.22 -6.74 -6.49
C ASN A 91 11.11 -7.77 -6.75
N MET A 92 9.94 -7.26 -7.10
CA MET A 92 8.80 -8.12 -7.37
C MET A 92 8.07 -7.67 -8.64
N PRO A 93 7.62 -8.67 -9.44
CA PRO A 93 6.91 -8.38 -10.67
C PRO A 93 5.48 -7.93 -10.38
N GLN A 94 5.06 -6.89 -11.09
CA GLN A 94 3.71 -6.36 -10.92
C GLN A 94 2.72 -7.50 -10.70
N ALA A 95 2.56 -8.31 -11.74
CA ALA A 95 1.63 -9.43 -11.67
C ALA A 95 1.74 -10.09 -10.30
N ASP A 96 2.86 -10.76 -10.08
CA ASP A 96 3.09 -11.45 -8.83
C ASP A 96 2.74 -10.51 -7.67
N ALA A 97 3.13 -9.26 -7.82
CA ALA A 97 2.86 -8.25 -6.81
C ALA A 97 1.36 -8.19 -6.55
N MET A 98 0.61 -8.25 -7.64
CA MET A 98 -0.85 -8.19 -7.54
C MET A 98 -1.40 -9.43 -6.81
N VAL A 99 -0.62 -10.50 -6.86
CA VAL A 99 -1.02 -11.74 -6.20
C VAL A 99 -0.56 -11.70 -4.74
N LEU A 100 0.68 -11.28 -4.55
CA LEU A 100 1.24 -11.20 -3.21
C LEU A 100 0.43 -10.21 -2.38
N VAL A 101 -0.15 -9.24 -3.09
CA VAL A 101 -0.95 -8.22 -2.43
C VAL A 101 -2.38 -8.74 -2.25
N ALA A 102 -2.92 -9.28 -3.34
CA ALA A 102 -4.27 -9.82 -3.31
C ALA A 102 -4.34 -10.98 -2.31
N ARG A 103 -3.22 -11.67 -2.18
CA ARG A 103 -3.14 -12.79 -1.27
C ARG A 103 -3.03 -12.30 0.18
N ASN A 104 -1.91 -11.66 0.47
CA ASN A 104 -1.66 -11.14 1.81
C ASN A 104 -2.93 -10.46 2.32
N TYR A 105 -3.38 -9.47 1.58
CA TYR A 105 -4.57 -8.73 1.94
C TYR A 105 -5.66 -9.68 2.48
N GLU A 106 -6.08 -10.59 1.61
CA GLU A 106 -7.10 -11.54 1.98
C GLU A 106 -6.88 -12.03 3.42
N ARG A 107 -5.68 -12.54 3.66
CA ARG A 107 -5.33 -13.04 4.97
C ARG A 107 -5.27 -11.89 5.98
N TYR A 108 -4.35 -10.97 5.73
CA TYR A 108 -4.18 -9.82 6.60
C TYR A 108 -5.55 -9.27 7.05
N LYS A 109 -6.54 -9.48 6.20
CA LYS A 109 -7.88 -9.01 6.50
C LYS A 109 -8.52 -9.93 7.54
N ASN A 110 -8.41 -11.23 7.29
CA ASN A 110 -8.97 -12.22 8.19
C ASN A 110 -8.59 -11.87 9.63
N GLU A 111 -7.35 -11.42 9.79
CA GLU A 111 -6.85 -11.04 11.09
C GLU A 111 -7.38 -9.66 11.49
N CYS A 112 -7.64 -8.85 10.47
CA CYS A 112 -8.14 -7.51 10.69
C CYS A 112 -9.54 -7.62 11.32
N ARG A 113 -10.45 -8.16 10.54
CA ARG A 113 -11.82 -8.33 11.00
C ARG A 113 -11.84 -8.88 12.42
N GLU A 114 -11.14 -9.99 12.61
CA GLU A 114 -11.06 -10.62 13.91
C GLU A 114 -9.82 -10.15 14.67
N LYS A 115 -9.95 -8.97 15.26
CA LYS A 115 -8.86 -8.38 16.02
C LYS A 115 -9.42 -7.54 17.16
N GLU A 116 -8.51 -6.91 17.90
CA GLU A 116 -8.91 -6.08 19.01
C GLU A 116 -9.66 -4.84 18.51
N ARG A 117 -10.98 -4.90 18.64
CA ARG A 117 -11.82 -3.79 18.20
C ARG A 117 -11.64 -3.55 16.70
N GLU A 118 -12.66 -3.89 15.95
CA GLU A 118 -12.63 -3.71 14.51
C GLU A 118 -12.04 -2.34 14.16
N GLU A 119 -11.67 -2.21 12.89
CA GLU A 119 -11.08 -0.96 12.42
C GLU A 119 -12.10 -0.17 11.59
N ILE A 120 -13.35 -0.25 12.03
CA ILE A 120 -14.42 0.44 11.34
C ILE A 120 -13.94 1.83 10.89
N ALA A 121 -14.27 2.17 9.67
CA ALA A 121 -13.88 3.45 9.11
C ALA A 121 -14.99 3.98 8.20
N ARG A 122 -16.03 4.52 8.84
CA ARG A 122 -17.15 5.06 8.11
C ARG A 122 -17.45 6.49 8.57
N GLN A 123 -17.38 7.41 7.61
CA GLN A 123 -17.64 8.81 7.90
C GLN A 123 -18.90 9.28 7.16
N ALA A 124 -19.63 10.16 7.82
CA ALA A 124 -20.85 10.71 7.25
C ALA A 124 -20.72 12.22 7.10
N SER A 125 -20.35 12.64 5.90
CA SER A 125 -20.18 14.06 5.63
C SER A 125 -21.48 14.80 5.95
N GLY A 126 -22.54 14.40 5.26
CA GLY A 126 -23.83 15.03 5.46
C GLY A 126 -24.46 15.42 4.12
N PRO A 127 -25.55 16.24 4.21
CA PRO A 127 -26.25 16.69 3.03
C PRO A 127 -25.43 17.77 2.30
N SER A 128 -25.65 17.85 0.99
CA SER A 128 -24.96 18.83 0.17
C SER A 128 -25.78 19.14 -1.08
N SER A 129 -25.69 20.38 -1.52
CA SER A 129 -26.41 20.81 -2.71
C SER A 129 -25.65 21.95 -3.39
N GLY A 130 -24.99 21.61 -4.49
CA GLY A 130 -24.24 22.59 -5.24
C GLY A 130 -24.63 22.58 -6.72
N GLY A 1 5.70 12.47 4.71
CA GLY A 1 4.78 13.50 5.18
C GLY A 1 4.47 14.51 4.06
N SER A 2 3.19 14.84 3.96
CA SER A 2 2.75 15.78 2.95
C SER A 2 1.39 16.37 3.33
N SER A 3 0.41 15.48 3.49
CA SER A 3 -0.93 15.90 3.86
C SER A 3 -1.16 15.65 5.36
N GLY A 4 -2.15 16.35 5.89
CA GLY A 4 -2.48 16.21 7.30
C GLY A 4 -3.36 14.99 7.54
N SER A 5 -4.65 15.16 7.30
CA SER A 5 -5.61 14.08 7.48
C SER A 5 -6.03 13.52 6.13
N SER A 6 -6.08 12.20 6.06
CA SER A 6 -6.46 11.52 4.82
C SER A 6 -7.18 10.22 5.16
N GLY A 7 -6.49 9.35 5.87
CA GLY A 7 -7.04 8.06 6.26
C GLY A 7 -6.06 6.94 5.95
N PRO A 8 -6.49 5.69 6.31
CA PRO A 8 -5.67 4.52 6.08
C PRO A 8 -5.66 4.12 4.60
N VAL A 9 -4.50 3.70 4.15
CA VAL A 9 -4.34 3.29 2.76
C VAL A 9 -3.91 1.82 2.70
N ASP A 10 -4.84 0.99 2.28
CA ASP A 10 -4.59 -0.44 2.18
C ASP A 10 -3.17 -0.65 1.62
N CYS A 11 -2.92 0.00 0.50
CA CYS A 11 -1.62 -0.11 -0.14
C CYS A 11 -1.22 1.28 -0.67
N SER A 12 -0.29 1.89 0.06
CA SER A 12 0.19 3.22 -0.32
C SER A 12 1.39 3.10 -1.24
N VAL A 13 1.33 3.82 -2.35
CA VAL A 13 2.41 3.80 -3.32
C VAL A 13 3.41 4.91 -2.98
N ILE A 14 4.67 4.52 -2.89
CA ILE A 14 5.73 5.48 -2.58
C ILE A 14 6.56 5.74 -3.83
N VAL A 15 6.49 6.98 -4.30
CA VAL A 15 7.23 7.37 -5.48
C VAL A 15 8.10 8.59 -5.17
N VAL A 16 9.38 8.33 -4.95
CA VAL A 16 10.32 9.39 -4.63
C VAL A 16 10.64 10.17 -5.91
N ASN A 17 10.54 9.48 -7.04
CA ASN A 17 10.82 10.11 -8.32
C ASN A 17 9.56 10.83 -8.81
N LYS A 18 9.77 12.04 -9.30
CA LYS A 18 8.67 12.84 -9.81
C LYS A 18 8.51 12.60 -11.31
N GLN A 19 8.94 11.41 -11.73
CA GLN A 19 8.85 11.04 -13.14
C GLN A 19 7.90 9.84 -13.31
N THR A 20 8.00 8.92 -12.37
CA THR A 20 7.17 7.73 -12.41
C THR A 20 5.79 8.02 -11.79
N LYS A 21 5.13 9.01 -12.37
CA LYS A 21 3.81 9.41 -11.88
C LYS A 21 2.76 8.43 -12.43
N ASP A 22 2.74 8.31 -13.75
CA ASP A 22 1.79 7.42 -14.40
C ASP A 22 2.12 5.97 -14.03
N TYR A 23 3.39 5.62 -14.21
CA TYR A 23 3.84 4.27 -13.89
C TYR A 23 3.38 3.86 -12.50
N ALA A 24 3.52 4.78 -11.55
CA ALA A 24 3.13 4.52 -10.18
C ALA A 24 1.61 4.57 -10.08
N GLU A 25 1.02 5.49 -10.84
CA GLU A 25 -0.43 5.65 -10.84
C GLU A 25 -1.11 4.34 -11.23
N SER A 26 -0.32 3.44 -11.81
CA SER A 26 -0.82 2.16 -12.23
C SER A 26 -0.74 1.15 -11.08
N VAL A 27 0.48 0.80 -10.73
CA VAL A 27 0.72 -0.14 -9.65
C VAL A 27 -0.28 0.13 -8.52
N GLY A 28 -0.60 1.40 -8.36
CA GLY A 28 -1.53 1.81 -7.33
C GLY A 28 -2.97 1.44 -7.70
N ARG A 29 -3.33 1.79 -8.92
CA ARG A 29 -4.66 1.51 -9.42
C ARG A 29 -4.87 0.00 -9.57
N LYS A 30 -3.77 -0.68 -9.83
CA LYS A 30 -3.81 -2.12 -10.00
C LYS A 30 -4.31 -2.77 -8.71
N VAL A 31 -3.85 -2.22 -7.59
CA VAL A 31 -4.25 -2.73 -6.29
C VAL A 31 -5.71 -2.35 -6.02
N ARG A 32 -6.13 -1.26 -6.64
CA ARG A 32 -7.49 -0.78 -6.48
C ARG A 32 -8.46 -1.68 -7.25
N ASP A 33 -7.97 -2.20 -8.36
CA ASP A 33 -8.78 -3.06 -9.20
C ASP A 33 -9.22 -4.29 -8.39
N LEU A 34 -8.52 -4.51 -7.29
CA LEU A 34 -8.82 -5.63 -6.41
C LEU A 34 -9.82 -5.19 -5.34
N GLY A 35 -10.01 -3.88 -5.27
CA GLY A 35 -10.93 -3.31 -4.29
C GLY A 35 -10.18 -2.87 -3.04
N MET A 36 -8.91 -2.56 -3.22
CA MET A 36 -8.07 -2.11 -2.12
C MET A 36 -7.74 -0.62 -2.25
N VAL A 37 -7.85 0.07 -1.13
CA VAL A 37 -7.56 1.50 -1.10
C VAL A 37 -6.07 1.72 -1.39
N VAL A 38 -5.81 2.49 -2.43
CA VAL A 38 -4.44 2.78 -2.83
C VAL A 38 -4.28 4.29 -3.00
N ASP A 39 -3.07 4.76 -2.71
CA ASP A 39 -2.77 6.17 -2.83
C ASP A 39 -1.38 6.35 -3.45
N LEU A 40 -1.05 7.60 -3.71
CA LEU A 40 0.25 7.92 -4.30
C LEU A 40 0.93 9.01 -3.48
N ILE A 41 2.12 8.68 -2.99
CA ILE A 41 2.88 9.62 -2.18
C ILE A 41 4.07 10.12 -2.99
N PHE A 42 3.93 11.33 -3.51
CA PHE A 42 4.98 11.94 -4.30
C PHE A 42 5.99 12.67 -3.41
N LEU A 43 7.27 12.42 -3.67
CA LEU A 43 8.33 13.04 -2.91
C LEU A 43 9.32 13.72 -3.87
N ASN A 44 9.87 14.82 -3.41
CA ASN A 44 10.83 15.57 -4.21
C ASN A 44 11.38 16.73 -3.37
N THR A 45 12.69 16.69 -3.18
CA THR A 45 13.36 17.72 -2.40
C THR A 45 12.50 18.14 -1.21
N GLU A 46 11.75 17.18 -0.70
CA GLU A 46 10.88 17.44 0.44
C GLU A 46 11.25 16.52 1.61
N VAL A 47 11.01 15.24 1.41
CA VAL A 47 11.31 14.24 2.43
C VAL A 47 11.94 13.02 1.78
N SER A 48 12.35 12.09 2.62
CA SER A 48 12.97 10.85 2.14
C SER A 48 11.96 9.72 2.16
N LEU A 49 12.27 8.68 1.39
CA LEU A 49 11.40 7.53 1.31
C LEU A 49 10.92 7.14 2.71
N SER A 50 11.88 6.75 3.54
CA SER A 50 11.57 6.37 4.91
C SER A 50 10.55 7.34 5.51
N GLN A 51 10.85 8.62 5.38
CA GLN A 51 9.97 9.64 5.91
C GLN A 51 8.51 9.31 5.60
N ALA A 52 8.31 8.70 4.44
CA ALA A 52 6.97 8.31 4.03
C ALA A 52 6.61 6.97 4.65
N LEU A 53 7.59 6.08 4.67
CA LEU A 53 7.39 4.75 5.23
C LEU A 53 6.99 4.89 6.71
N GLU A 54 7.68 5.79 7.39
CA GLU A 54 7.40 6.03 8.80
C GLU A 54 5.95 6.46 9.00
N ASP A 55 5.45 7.20 8.01
CA ASP A 55 4.08 7.68 8.06
C ASP A 55 3.14 6.57 7.59
N VAL A 56 3.65 5.72 6.72
CA VAL A 56 2.86 4.61 6.20
C VAL A 56 2.44 3.71 7.36
N SER A 57 3.39 3.46 8.24
CA SER A 57 3.14 2.61 9.40
C SER A 57 2.20 3.33 10.38
N ARG A 58 2.67 4.46 10.88
CA ARG A 58 1.90 5.25 11.82
C ARG A 58 0.52 5.56 11.24
N GLY A 59 0.51 5.82 9.94
CA GLY A 59 -0.74 6.13 9.26
C GLY A 59 -1.72 4.96 9.33
N GLY A 60 -1.16 3.76 9.35
CA GLY A 60 -1.96 2.55 9.42
C GLY A 60 -1.77 1.68 8.18
N SER A 61 -1.38 2.34 7.10
CA SER A 61 -1.14 1.64 5.85
C SER A 61 -0.47 0.29 6.12
N PRO A 62 -1.20 -0.80 5.76
CA PRO A 62 -0.68 -2.15 5.96
C PRO A 62 0.38 -2.48 4.93
N PHE A 63 0.10 -2.10 3.69
CA PHE A 63 1.02 -2.36 2.60
C PHE A 63 1.52 -1.05 1.98
N ALA A 64 2.77 -1.09 1.53
CA ALA A 64 3.38 0.08 0.92
C ALA A 64 4.23 -0.35 -0.27
N ILE A 65 3.92 0.20 -1.43
CA ILE A 65 4.65 -0.11 -2.64
C ILE A 65 5.74 0.93 -2.86
N VAL A 66 6.90 0.45 -3.29
CA VAL A 66 8.03 1.33 -3.54
C VAL A 66 8.19 1.52 -5.05
N ILE A 67 8.25 2.78 -5.45
CA ILE A 67 8.40 3.11 -6.86
C ILE A 67 9.63 4.00 -7.04
N THR A 68 10.24 3.89 -8.22
CA THR A 68 11.42 4.68 -8.52
C THR A 68 11.85 4.45 -9.97
N GLN A 69 12.69 5.36 -10.46
CA GLN A 69 13.18 5.26 -11.82
C GLN A 69 13.73 3.86 -12.09
N GLN A 70 14.66 3.46 -11.25
CA GLN A 70 15.27 2.14 -11.38
C GLN A 70 14.21 1.05 -11.37
N HIS A 71 13.11 1.34 -10.67
CA HIS A 71 12.02 0.39 -10.57
C HIS A 71 11.20 0.44 -11.86
N GLN A 72 11.38 1.52 -12.61
CA GLN A 72 10.66 1.70 -13.86
C GLN A 72 11.30 0.86 -14.97
N ILE A 73 12.61 0.69 -14.84
CA ILE A 73 13.36 -0.07 -15.83
C ILE A 73 12.99 -1.55 -15.70
N HIS A 74 13.07 -2.05 -14.47
CA HIS A 74 12.74 -3.43 -14.21
C HIS A 74 11.22 -3.60 -14.15
N ARG A 75 10.53 -2.48 -14.03
CA ARG A 75 9.08 -2.49 -13.96
C ARG A 75 8.61 -3.27 -12.73
N SER A 76 9.42 -3.20 -11.68
CA SER A 76 9.10 -3.89 -10.45
C SER A 76 9.20 -2.93 -9.26
N CYS A 77 8.40 -3.19 -8.25
CA CYS A 77 8.40 -2.35 -7.05
C CYS A 77 8.67 -3.24 -5.85
N THR A 78 8.83 -2.60 -4.70
CA THR A 78 9.10 -3.31 -3.47
C THR A 78 7.90 -3.23 -2.53
N VAL A 79 7.37 -4.39 -2.18
CA VAL A 79 6.22 -4.47 -1.29
C VAL A 79 6.71 -4.57 0.15
N ASN A 80 6.15 -3.71 0.98
CA ASN A 80 6.52 -3.68 2.40
C ASN A 80 5.25 -3.66 3.25
N ILE A 81 5.16 -4.65 4.14
CA ILE A 81 4.00 -4.76 5.02
C ILE A 81 4.29 -4.00 6.32
N MET A 82 3.22 -3.46 6.88
CA MET A 82 3.34 -2.70 8.13
C MET A 82 2.56 -3.39 9.25
N PHE A 83 1.50 -4.08 8.86
CA PHE A 83 0.67 -4.78 9.83
C PHE A 83 1.40 -5.99 10.41
N GLY A 84 0.72 -6.67 11.32
CA GLY A 84 1.30 -7.84 11.96
C GLY A 84 2.09 -8.68 10.97
N THR A 85 2.98 -9.50 11.49
CA THR A 85 3.81 -10.37 10.66
C THR A 85 4.65 -9.53 9.70
N PRO A 86 5.99 -9.58 9.92
CA PRO A 86 6.91 -8.83 9.08
C PRO A 86 7.07 -9.49 7.71
N GLN A 87 6.91 -8.68 6.68
CA GLN A 87 7.03 -9.16 5.32
C GLN A 87 7.63 -8.09 4.41
N GLU A 88 8.78 -8.43 3.82
CA GLU A 88 9.46 -7.50 2.94
C GLU A 88 9.88 -8.21 1.65
N HIS A 89 9.40 -7.68 0.53
CA HIS A 89 9.71 -8.25 -0.76
C HIS A 89 10.47 -7.22 -1.61
N ARG A 90 11.66 -7.61 -2.04
CA ARG A 90 12.49 -6.74 -2.84
C ARG A 90 12.26 -7.02 -4.34
N ASN A 91 12.18 -5.94 -5.10
CA ASN A 91 11.97 -6.06 -6.53
C ASN A 91 10.93 -7.15 -6.80
N MET A 92 9.67 -6.74 -6.75
CA MET A 92 8.57 -7.68 -6.98
C MET A 92 7.83 -7.33 -8.28
N PRO A 93 7.40 -8.41 -8.99
CA PRO A 93 6.67 -8.23 -10.24
C PRO A 93 5.23 -7.78 -9.98
N GLN A 94 4.84 -6.74 -10.70
CA GLN A 94 3.49 -6.21 -10.56
C GLN A 94 2.49 -7.35 -10.36
N ALA A 95 2.38 -8.18 -11.37
CA ALA A 95 1.46 -9.32 -11.32
C ALA A 95 1.53 -9.95 -9.93
N ASP A 96 2.66 -10.60 -9.67
CA ASP A 96 2.87 -11.25 -8.39
C ASP A 96 2.46 -10.31 -7.27
N ALA A 97 2.90 -9.05 -7.41
CA ALA A 97 2.58 -8.04 -6.41
C ALA A 97 1.07 -7.96 -6.21
N MET A 98 0.37 -7.99 -7.34
CA MET A 98 -1.09 -7.92 -7.31
C MET A 98 -1.68 -9.15 -6.62
N VAL A 99 -0.91 -10.23 -6.63
CA VAL A 99 -1.35 -11.47 -6.01
C VAL A 99 -0.97 -11.45 -4.53
N LEU A 100 0.26 -11.03 -4.27
CA LEU A 100 0.75 -10.96 -2.90
C LEU A 100 -0.11 -10.00 -2.10
N VAL A 101 -0.66 -9.01 -2.81
CA VAL A 101 -1.51 -8.01 -2.18
C VAL A 101 -2.93 -8.56 -2.07
N ALA A 102 -3.41 -9.10 -3.18
CA ALA A 102 -4.75 -9.66 -3.22
C ALA A 102 -4.83 -10.85 -2.27
N ARG A 103 -3.66 -11.34 -1.88
CA ARG A 103 -3.60 -12.48 -0.97
C ARG A 103 -3.48 -11.99 0.48
N ASN A 104 -2.39 -11.30 0.75
CA ASN A 104 -2.14 -10.77 2.08
C ASN A 104 -3.38 -10.02 2.56
N TYR A 105 -3.81 -9.06 1.75
CA TYR A 105 -4.97 -8.27 2.09
C TYR A 105 -6.07 -9.13 2.71
N GLU A 106 -6.40 -10.21 2.02
CA GLU A 106 -7.42 -11.12 2.51
C GLU A 106 -7.16 -11.50 3.96
N ARG A 107 -5.96 -11.98 4.21
CA ARG A 107 -5.56 -12.37 5.55
C ARG A 107 -5.58 -11.16 6.49
N TYR A 108 -4.72 -10.20 6.17
CA TYR A 108 -4.63 -8.99 6.98
C TYR A 108 -6.02 -8.52 7.43
N LYS A 109 -6.96 -8.62 6.50
CA LYS A 109 -8.33 -8.21 6.78
C LYS A 109 -8.92 -9.13 7.85
N ASN A 110 -8.75 -10.43 7.63
CA ASN A 110 -9.26 -11.42 8.56
C ASN A 110 -8.90 -11.01 9.99
N GLU A 111 -7.74 -10.38 10.11
CA GLU A 111 -7.26 -9.93 11.41
C GLU A 111 -7.72 -8.49 11.67
N CYS A 112 -7.92 -7.76 10.59
CA CYS A 112 -8.35 -6.37 10.69
C CYS A 112 -9.70 -6.34 11.43
N ARG A 113 -10.71 -6.88 10.76
CA ARG A 113 -12.04 -6.92 11.34
C ARG A 113 -11.97 -7.29 12.83
N GLU A 114 -11.17 -8.30 13.10
CA GLU A 114 -10.99 -8.77 14.47
C GLU A 114 -9.82 -8.04 15.14
N LYS A 115 -10.12 -6.86 15.64
CA LYS A 115 -9.09 -6.05 16.30
C LYS A 115 -9.52 -5.80 17.75
N GLU A 116 -8.77 -4.92 18.41
CA GLU A 116 -9.04 -4.59 19.79
C GLU A 116 -10.47 -4.04 19.93
N ARG A 117 -10.92 -3.93 21.17
CA ARG A 117 -12.25 -3.43 21.44
C ARG A 117 -12.63 -2.34 20.45
N GLU A 118 -13.54 -2.68 19.55
CA GLU A 118 -13.99 -1.74 18.54
C GLU A 118 -14.16 -0.34 19.15
N GLU A 119 -14.12 0.65 18.29
CA GLU A 119 -14.27 2.03 18.72
C GLU A 119 -15.71 2.51 18.48
N ILE A 120 -16.64 1.60 18.70
CA ILE A 120 -18.05 1.92 18.50
C ILE A 120 -18.33 3.33 19.03
N ALA A 121 -18.75 4.21 18.13
CA ALA A 121 -19.05 5.57 18.49
C ALA A 121 -19.97 6.19 17.43
N ARG A 122 -20.57 7.31 17.80
CA ARG A 122 -21.47 8.00 16.89
C ARG A 122 -20.67 8.81 15.86
N GLN A 123 -20.92 8.51 14.61
CA GLN A 123 -20.23 9.20 13.52
C GLN A 123 -21.22 9.60 12.43
N ALA A 124 -20.89 10.68 11.74
CA ALA A 124 -21.74 11.18 10.68
C ALA A 124 -23.03 11.74 11.28
N SER A 125 -23.20 13.04 11.12
CA SER A 125 -24.39 13.71 11.63
C SER A 125 -25.54 13.58 10.64
N GLY A 126 -26.50 12.74 11.01
CA GLY A 126 -27.66 12.52 10.16
C GLY A 126 -27.30 11.65 8.95
N PRO A 127 -27.93 10.44 8.91
CA PRO A 127 -27.68 9.51 7.82
C PRO A 127 -28.39 9.97 6.54
N SER A 128 -27.90 11.06 5.99
CA SER A 128 -28.48 11.61 4.77
C SER A 128 -27.56 12.68 4.20
N SER A 129 -27.66 12.88 2.89
CA SER A 129 -26.85 13.87 2.20
C SER A 129 -27.42 14.14 0.81
N GLY A 130 -27.79 15.39 0.59
CA GLY A 130 -28.35 15.79 -0.69
C GLY A 130 -27.24 16.21 -1.67
N GLY A 1 -12.90 9.50 10.88
CA GLY A 1 -12.08 10.69 10.64
C GLY A 1 -10.66 10.30 10.24
N SER A 2 -9.70 10.89 10.93
CA SER A 2 -8.30 10.61 10.66
C SER A 2 -7.41 11.36 11.65
N SER A 3 -6.28 10.75 11.97
CA SER A 3 -5.34 11.35 12.90
C SER A 3 -5.07 12.80 12.51
N GLY A 4 -4.57 12.97 11.29
CA GLY A 4 -4.27 14.31 10.78
C GLY A 4 -4.27 14.32 9.26
N SER A 5 -5.45 14.13 8.69
CA SER A 5 -5.60 14.12 7.25
C SER A 5 -4.56 13.19 6.61
N SER A 6 -4.99 11.97 6.34
CA SER A 6 -4.11 10.99 5.74
C SER A 6 -4.84 9.65 5.58
N GLY A 7 -5.44 9.21 6.68
CA GLY A 7 -6.18 7.95 6.68
C GLY A 7 -5.28 6.79 6.26
N PRO A 8 -5.69 5.57 6.68
CA PRO A 8 -4.93 4.38 6.36
C PRO A 8 -5.13 3.97 4.90
N VAL A 9 -4.09 3.40 4.33
CA VAL A 9 -4.14 2.96 2.94
C VAL A 9 -3.72 1.49 2.85
N ASP A 10 -4.64 0.67 2.37
CA ASP A 10 -4.38 -0.75 2.23
C ASP A 10 -2.97 -0.95 1.66
N CYS A 11 -2.66 -0.18 0.63
CA CYS A 11 -1.36 -0.26 -0.01
C CYS A 11 -1.01 1.12 -0.56
N SER A 12 -0.04 1.75 0.10
CA SER A 12 0.40 3.08 -0.31
C SER A 12 1.62 2.96 -1.23
N VAL A 13 1.57 3.72 -2.31
CA VAL A 13 2.67 3.72 -3.27
C VAL A 13 3.66 4.82 -2.92
N ILE A 14 4.92 4.42 -2.77
CA ILE A 14 5.97 5.37 -2.44
C ILE A 14 6.83 5.63 -3.67
N VAL A 15 6.68 6.84 -4.20
CA VAL A 15 7.44 7.23 -5.38
C VAL A 15 8.35 8.41 -5.03
N VAL A 16 9.62 8.10 -4.85
CA VAL A 16 10.60 9.11 -4.50
C VAL A 16 10.93 9.93 -5.75
N ASN A 17 10.99 9.23 -6.87
CA ASN A 17 11.30 9.87 -8.14
C ASN A 17 10.09 10.69 -8.60
N LYS A 18 10.35 11.96 -8.88
CA LYS A 18 9.29 12.86 -9.32
C LYS A 18 9.15 12.74 -10.84
N GLN A 19 9.04 11.50 -11.30
CA GLN A 19 8.88 11.24 -12.72
C GLN A 19 7.93 10.07 -12.95
N THR A 20 8.18 8.98 -12.22
CA THR A 20 7.35 7.79 -12.33
C THR A 20 5.97 8.05 -11.73
N LYS A 21 5.28 9.03 -12.30
CA LYS A 21 3.96 9.38 -11.82
C LYS A 21 2.93 8.42 -12.43
N ASP A 22 2.76 8.55 -13.73
CA ASP A 22 1.81 7.71 -14.45
C ASP A 22 2.03 6.25 -14.04
N TYR A 23 3.26 5.80 -14.21
CA TYR A 23 3.61 4.43 -13.87
C TYR A 23 3.18 4.10 -12.44
N ALA A 24 3.75 4.84 -11.49
CA ALA A 24 3.43 4.63 -10.09
C ALA A 24 1.91 4.67 -9.91
N GLU A 25 1.29 5.62 -10.59
CA GLU A 25 -0.15 5.77 -10.52
C GLU A 25 -0.85 4.52 -11.06
N SER A 26 -0.07 3.67 -11.70
CA SER A 26 -0.59 2.43 -12.26
C SER A 26 -0.58 1.33 -11.21
N VAL A 27 0.62 0.91 -10.85
CA VAL A 27 0.78 -0.14 -9.86
C VAL A 27 -0.09 0.17 -8.64
N GLY A 28 -0.30 1.46 -8.42
CA GLY A 28 -1.12 1.90 -7.31
C GLY A 28 -2.60 1.67 -7.59
N ARG A 29 -2.97 1.81 -8.85
CA ARG A 29 -4.35 1.61 -9.26
C ARG A 29 -4.64 0.12 -9.44
N LYS A 30 -3.62 -0.61 -9.84
CA LYS A 30 -3.75 -2.04 -10.05
C LYS A 30 -4.18 -2.71 -8.75
N VAL A 31 -3.75 -2.12 -7.65
CA VAL A 31 -4.09 -2.65 -6.33
C VAL A 31 -5.54 -2.28 -6.00
N ARG A 32 -5.99 -1.17 -6.58
CA ARG A 32 -7.34 -0.71 -6.36
C ARG A 32 -8.33 -1.59 -7.12
N ASP A 33 -7.89 -2.10 -8.25
CA ASP A 33 -8.73 -2.95 -9.07
C ASP A 33 -9.12 -4.19 -8.28
N LEU A 34 -8.36 -4.45 -7.23
CA LEU A 34 -8.61 -5.61 -6.37
C LEU A 34 -9.58 -5.19 -5.26
N GLY A 35 -9.80 -3.89 -5.15
CA GLY A 35 -10.70 -3.36 -4.14
C GLY A 35 -9.92 -2.92 -2.90
N MET A 36 -8.64 -2.63 -3.11
CA MET A 36 -7.79 -2.20 -2.02
C MET A 36 -7.48 -0.71 -2.12
N VAL A 37 -7.61 -0.02 -0.99
CA VAL A 37 -7.35 1.41 -0.94
C VAL A 37 -5.86 1.65 -1.21
N VAL A 38 -5.60 2.36 -2.30
CA VAL A 38 -4.23 2.68 -2.67
C VAL A 38 -4.12 4.18 -2.95
N ASP A 39 -2.93 4.71 -2.66
CA ASP A 39 -2.68 6.12 -2.87
C ASP A 39 -1.27 6.31 -3.42
N LEU A 40 -1.00 7.52 -3.89
CA LEU A 40 0.30 7.84 -4.43
C LEU A 40 0.98 8.89 -3.56
N ILE A 41 2.21 8.59 -3.15
CA ILE A 41 2.97 9.50 -2.31
C ILE A 41 4.18 10.02 -3.10
N PHE A 42 4.11 11.28 -3.46
CA PHE A 42 5.19 11.91 -4.20
C PHE A 42 6.18 12.60 -3.27
N LEU A 43 7.45 12.34 -3.51
CA LEU A 43 8.50 12.94 -2.69
C LEU A 43 9.45 13.73 -3.59
N ASN A 44 10.75 13.59 -3.31
CA ASN A 44 11.76 14.28 -4.08
C ASN A 44 11.83 15.74 -3.63
N THR A 45 12.91 16.07 -2.93
CA THR A 45 13.10 17.42 -2.45
C THR A 45 12.29 17.65 -1.16
N GLU A 46 11.00 17.34 -1.26
CA GLU A 46 10.11 17.51 -0.12
C GLU A 46 10.76 16.94 1.14
N VAL A 47 10.84 15.62 1.18
CA VAL A 47 11.43 14.93 2.32
C VAL A 47 12.18 13.69 1.83
N SER A 48 12.12 12.64 2.63
CA SER A 48 12.78 11.40 2.30
C SER A 48 11.76 10.25 2.25
N LEU A 49 12.26 9.08 1.89
CA LEU A 49 11.41 7.90 1.80
C LEU A 49 10.85 7.57 3.19
N SER A 50 11.76 7.33 4.11
CA SER A 50 11.39 7.00 5.47
C SER A 50 10.18 7.83 5.89
N GLN A 51 10.32 9.15 5.75
CA GLN A 51 9.26 10.05 6.11
C GLN A 51 7.90 9.49 5.70
N ALA A 52 7.87 8.93 4.49
CA ALA A 52 6.65 8.35 3.97
C ALA A 52 6.42 6.98 4.62
N LEU A 53 7.51 6.22 4.74
CA LEU A 53 7.43 4.90 5.33
C LEU A 53 6.88 5.03 6.75
N GLU A 54 7.21 6.14 7.39
CA GLU A 54 6.74 6.39 8.75
C GLU A 54 5.22 6.54 8.78
N ASP A 55 4.72 7.34 7.85
CA ASP A 55 3.30 7.59 7.76
C ASP A 55 2.60 6.32 7.24
N VAL A 56 3.39 5.46 6.61
CA VAL A 56 2.87 4.22 6.08
C VAL A 56 2.53 3.27 7.23
N SER A 57 3.40 3.27 8.22
CA SER A 57 3.22 2.41 9.39
C SER A 57 2.28 3.10 10.38
N ARG A 58 2.61 4.34 10.70
CA ARG A 58 1.81 5.11 11.63
C ARG A 58 0.41 5.35 11.08
N GLY A 59 0.36 5.55 9.76
CA GLY A 59 -0.91 5.78 9.10
C GLY A 59 -1.80 4.54 9.15
N GLY A 60 -1.14 3.38 9.18
CA GLY A 60 -1.85 2.12 9.24
C GLY A 60 -1.56 1.28 8.00
N SER A 61 -1.09 1.95 6.96
CA SER A 61 -0.77 1.28 5.70
C SER A 61 -0.01 -0.03 6.00
N PRO A 62 -0.70 -1.16 5.73
CA PRO A 62 -0.11 -2.47 5.95
C PRO A 62 0.93 -2.80 4.87
N PHE A 63 0.61 -2.38 3.66
CA PHE A 63 1.51 -2.63 2.53
C PHE A 63 2.04 -1.31 1.97
N ALA A 64 3.27 -1.35 1.48
CA ALA A 64 3.91 -0.18 0.91
C ALA A 64 4.66 -0.58 -0.35
N ILE A 65 4.32 0.09 -1.45
CA ILE A 65 4.96 -0.19 -2.72
C ILE A 65 6.01 0.88 -3.01
N VAL A 66 7.18 0.43 -3.42
CA VAL A 66 8.28 1.34 -3.73
C VAL A 66 8.37 1.52 -5.24
N ILE A 67 8.52 2.78 -5.65
CA ILE A 67 8.62 3.10 -7.06
C ILE A 67 9.87 3.96 -7.29
N THR A 68 10.39 3.87 -8.51
CA THR A 68 11.57 4.64 -8.87
C THR A 68 11.97 4.34 -10.31
N GLN A 69 12.99 5.06 -10.77
CA GLN A 69 13.48 4.88 -12.13
C GLN A 69 13.62 3.38 -12.44
N GLN A 70 14.53 2.74 -11.72
CA GLN A 70 14.77 1.32 -11.91
C GLN A 70 13.45 0.55 -11.88
N HIS A 71 12.83 0.56 -10.70
CA HIS A 71 11.57 -0.13 -10.52
C HIS A 71 10.71 0.04 -11.78
N GLN A 72 10.74 1.26 -12.32
CA GLN A 72 9.97 1.56 -13.51
C GLN A 72 10.48 0.75 -14.70
N ILE A 73 11.79 0.83 -14.91
CA ILE A 73 12.41 0.11 -16.01
C ILE A 73 12.16 -1.39 -15.84
N HIS A 74 12.50 -1.89 -14.65
CA HIS A 74 12.31 -3.29 -14.36
C HIS A 74 10.83 -3.58 -14.16
N ARG A 75 10.03 -2.52 -14.18
CA ARG A 75 8.60 -2.64 -14.01
C ARG A 75 8.29 -3.43 -12.72
N SER A 76 9.25 -3.41 -11.81
CA SER A 76 9.09 -4.11 -10.55
C SER A 76 9.26 -3.13 -9.39
N CYS A 77 8.42 -3.30 -8.38
CA CYS A 77 8.47 -2.45 -7.20
C CYS A 77 8.83 -3.31 -6.00
N THR A 78 9.08 -2.64 -4.88
CA THR A 78 9.43 -3.32 -3.65
C THR A 78 8.27 -3.27 -2.66
N VAL A 79 7.73 -4.44 -2.36
CA VAL A 79 6.62 -4.55 -1.43
C VAL A 79 7.17 -4.75 -0.01
N ASN A 80 6.68 -3.92 0.89
CA ASN A 80 7.11 -3.99 2.28
C ASN A 80 5.88 -3.94 3.19
N ILE A 81 5.64 -5.04 3.87
CA ILE A 81 4.51 -5.13 4.78
C ILE A 81 4.86 -4.43 6.10
N MET A 82 3.83 -3.89 6.74
CA MET A 82 4.01 -3.20 8.00
C MET A 82 3.32 -3.94 9.14
N PHE A 83 2.31 -4.72 8.77
CA PHE A 83 1.55 -5.48 9.75
C PHE A 83 2.01 -6.95 9.76
N GLY A 84 1.82 -7.58 10.90
CA GLY A 84 2.19 -8.98 11.06
C GLY A 84 3.62 -9.21 10.59
N THR A 85 3.96 -10.49 10.44
CA THR A 85 5.29 -10.87 10.01
C THR A 85 5.81 -9.88 8.95
N PRO A 86 6.92 -9.19 9.30
CA PRO A 86 7.52 -8.22 8.39
C PRO A 86 8.26 -8.93 7.25
N GLN A 87 7.62 -8.94 6.09
CA GLN A 87 8.21 -9.57 4.92
C GLN A 87 8.62 -8.52 3.90
N GLU A 88 9.92 -8.37 3.73
CA GLU A 88 10.45 -7.40 2.78
C GLU A 88 10.80 -8.08 1.46
N HIS A 89 9.91 -7.93 0.50
CA HIS A 89 10.11 -8.52 -0.81
C HIS A 89 10.82 -7.53 -1.72
N ARG A 90 12.03 -7.87 -2.11
CA ARG A 90 12.83 -7.02 -2.98
C ARG A 90 12.63 -7.43 -4.44
N ASN A 91 12.51 -6.42 -5.29
CA ASN A 91 12.32 -6.66 -6.71
C ASN A 91 11.21 -7.70 -6.91
N MET A 92 9.99 -7.20 -6.99
CA MET A 92 8.84 -8.07 -7.17
C MET A 92 8.07 -7.70 -8.44
N PRO A 93 7.64 -8.75 -9.18
CA PRO A 93 6.89 -8.55 -10.42
C PRO A 93 5.45 -8.12 -10.12
N GLN A 94 5.01 -7.11 -10.84
CA GLN A 94 3.65 -6.60 -10.66
C GLN A 94 2.68 -7.75 -10.42
N ALA A 95 2.57 -8.62 -11.42
CA ALA A 95 1.69 -9.76 -11.33
C ALA A 95 1.73 -10.33 -9.91
N ASP A 96 2.85 -10.98 -9.62
CA ASP A 96 3.04 -11.58 -8.31
C ASP A 96 2.60 -10.58 -7.22
N ALA A 97 3.16 -9.39 -7.31
CA ALA A 97 2.83 -8.34 -6.35
C ALA A 97 1.32 -8.25 -6.20
N MET A 98 0.65 -8.19 -7.34
CA MET A 98 -0.81 -8.10 -7.35
C MET A 98 -1.44 -9.32 -6.67
N VAL A 99 -0.69 -10.40 -6.67
CA VAL A 99 -1.15 -11.63 -6.06
C VAL A 99 -0.81 -11.63 -4.58
N LEU A 100 0.44 -11.28 -4.29
CA LEU A 100 0.91 -11.24 -2.91
C LEU A 100 0.08 -10.23 -2.13
N VAL A 101 -0.43 -9.23 -2.86
CA VAL A 101 -1.23 -8.19 -2.24
C VAL A 101 -2.70 -8.67 -2.16
N ALA A 102 -3.18 -9.17 -3.28
CA ALA A 102 -4.54 -9.66 -3.36
C ALA A 102 -4.70 -10.86 -2.41
N ARG A 103 -3.59 -11.53 -2.18
CA ARG A 103 -3.59 -12.69 -1.30
C ARG A 103 -3.51 -12.25 0.16
N ASN A 104 -2.38 -11.63 0.51
CA ASN A 104 -2.17 -11.16 1.86
C ASN A 104 -3.38 -10.34 2.31
N TYR A 105 -3.83 -9.47 1.41
CA TYR A 105 -4.97 -8.62 1.70
C TYR A 105 -6.15 -9.45 2.22
N GLU A 106 -6.49 -10.48 1.45
CA GLU A 106 -7.59 -11.36 1.81
C GLU A 106 -7.41 -11.85 3.25
N ARG A 107 -6.23 -12.38 3.52
CA ARG A 107 -5.92 -12.91 4.84
C ARG A 107 -6.12 -11.81 5.89
N TYR A 108 -5.35 -10.74 5.73
CA TYR A 108 -5.44 -9.62 6.66
C TYR A 108 -6.90 -9.25 6.95
N LYS A 109 -7.67 -9.20 5.88
CA LYS A 109 -9.08 -8.85 6.00
C LYS A 109 -9.80 -9.93 6.83
N ASN A 110 -9.54 -11.17 6.46
CA ASN A 110 -10.15 -12.30 7.15
C ASN A 110 -10.00 -12.10 8.66
N GLU A 111 -8.88 -11.48 9.04
CA GLU A 111 -8.60 -11.23 10.44
C GLU A 111 -9.10 -9.83 10.83
N CYS A 112 -9.15 -8.96 9.84
CA CYS A 112 -9.60 -7.59 10.07
C CYS A 112 -11.10 -7.63 10.40
N ARG A 113 -11.86 -8.24 9.49
CA ARG A 113 -13.29 -8.35 9.67
C ARG A 113 -13.62 -8.73 11.11
N GLU A 114 -13.10 -9.87 11.52
CA GLU A 114 -13.32 -10.36 12.88
C GLU A 114 -14.78 -10.80 13.03
N LYS A 115 -15.01 -11.59 14.08
CA LYS A 115 -16.35 -12.09 14.36
C LYS A 115 -17.35 -10.94 14.19
N GLU A 116 -18.63 -11.33 14.11
CA GLU A 116 -19.68 -10.35 13.95
C GLU A 116 -19.56 -9.65 12.59
N ARG A 117 -20.71 -9.23 12.08
CA ARG A 117 -20.75 -8.55 10.79
C ARG A 117 -20.24 -9.47 9.69
N GLU A 118 -21.18 -9.95 8.88
CA GLU A 118 -20.84 -10.84 7.78
C GLU A 118 -19.63 -10.32 7.02
N GLU A 119 -19.12 -11.16 6.13
CA GLU A 119 -17.96 -10.80 5.34
C GLU A 119 -18.30 -10.82 3.85
N ILE A 120 -19.50 -10.35 3.55
CA ILE A 120 -19.97 -10.32 2.17
C ILE A 120 -18.82 -9.88 1.27
N ALA A 121 -18.77 -10.47 0.08
CA ALA A 121 -17.74 -10.14 -0.88
C ALA A 121 -18.12 -10.70 -2.24
N ARG A 122 -17.40 -10.26 -3.27
CA ARG A 122 -17.66 -10.71 -4.62
C ARG A 122 -16.34 -11.10 -5.31
N GLN A 123 -16.40 -12.22 -6.01
CA GLN A 123 -15.23 -12.73 -6.71
C GLN A 123 -15.57 -14.01 -7.45
N ALA A 124 -16.06 -13.85 -8.68
CA ALA A 124 -16.42 -14.99 -9.49
C ALA A 124 -16.82 -14.50 -10.89
N SER A 125 -16.35 -15.22 -11.89
CA SER A 125 -16.65 -14.87 -13.28
C SER A 125 -16.79 -16.14 -14.12
N GLY A 126 -17.50 -16.00 -15.23
CA GLY A 126 -17.71 -17.13 -16.12
C GLY A 126 -17.29 -16.77 -17.56
N PRO A 127 -16.70 -17.79 -18.25
CA PRO A 127 -16.25 -17.58 -19.62
C PRO A 127 -17.44 -17.56 -20.59
N SER A 128 -18.18 -18.66 -20.59
CA SER A 128 -19.34 -18.78 -21.45
C SER A 128 -20.56 -19.21 -20.64
N SER A 129 -21.69 -19.28 -21.33
CA SER A 129 -22.93 -19.69 -20.69
C SER A 129 -23.33 -21.09 -21.14
N GLY A 130 -24.30 -21.65 -20.44
CA GLY A 130 -24.78 -22.99 -20.75
C GLY A 130 -25.12 -23.11 -22.24
N GLY A 1 9.90 15.35 9.02
CA GLY A 1 9.41 15.83 7.74
C GLY A 1 8.06 16.52 7.90
N SER A 2 7.29 16.53 6.82
CA SER A 2 5.99 17.16 6.83
C SER A 2 5.32 16.99 5.47
N SER A 3 4.13 16.41 5.48
CA SER A 3 3.38 16.19 4.25
C SER A 3 1.88 16.32 4.53
N GLY A 4 1.21 17.05 3.67
CA GLY A 4 -0.22 17.25 3.80
C GLY A 4 -1.00 16.04 3.27
N SER A 5 -0.90 14.95 4.00
CA SER A 5 -1.59 13.73 3.62
C SER A 5 -1.41 12.66 4.70
N SER A 6 -2.44 12.52 5.53
CA SER A 6 -2.40 11.55 6.61
C SER A 6 -3.71 10.76 6.64
N GLY A 7 -3.69 9.60 5.98
CA GLY A 7 -4.86 8.75 5.93
C GLY A 7 -4.47 7.29 5.76
N PRO A 8 -5.40 6.39 6.17
CA PRO A 8 -5.16 4.95 6.06
C PRO A 8 -5.30 4.48 4.62
N VAL A 9 -4.26 3.83 4.13
CA VAL A 9 -4.26 3.32 2.77
C VAL A 9 -3.80 1.86 2.77
N ASP A 10 -4.71 0.99 2.36
CA ASP A 10 -4.40 -0.43 2.31
C ASP A 10 -3.01 -0.63 1.72
N CYS A 11 -2.75 0.07 0.64
CA CYS A 11 -1.47 -0.02 -0.03
C CYS A 11 -1.10 1.37 -0.57
N SER A 12 -0.14 1.99 0.08
CA SER A 12 0.31 3.31 -0.32
C SER A 12 1.52 3.19 -1.25
N VAL A 13 1.41 3.84 -2.40
CA VAL A 13 2.50 3.82 -3.38
C VAL A 13 3.48 4.94 -3.06
N ILE A 14 4.72 4.55 -2.83
CA ILE A 14 5.77 5.50 -2.52
C ILE A 14 6.57 5.81 -3.79
N VAL A 15 6.45 7.05 -4.23
CA VAL A 15 7.15 7.48 -5.44
C VAL A 15 7.92 8.76 -5.13
N VAL A 16 9.20 8.60 -4.82
CA VAL A 16 10.04 9.73 -4.51
C VAL A 16 10.22 10.59 -5.76
N ASN A 17 10.46 9.91 -6.87
CA ASN A 17 10.65 10.61 -8.14
C ASN A 17 9.29 11.06 -8.68
N LYS A 18 9.34 11.85 -9.73
CA LYS A 18 8.12 12.36 -10.34
C LYS A 18 7.92 11.67 -11.70
N GLN A 19 9.03 11.29 -12.30
CA GLN A 19 9.00 10.63 -13.60
C GLN A 19 8.02 9.46 -13.56
N THR A 20 8.06 8.72 -12.46
CA THR A 20 7.19 7.58 -12.29
C THR A 20 5.82 8.02 -11.77
N LYS A 21 5.27 9.03 -12.44
CA LYS A 21 3.97 9.55 -12.05
C LYS A 21 2.88 8.73 -12.73
N ASP A 22 3.01 8.57 -14.03
CA ASP A 22 2.04 7.81 -14.81
C ASP A 22 2.26 6.32 -14.56
N TYR A 23 3.43 6.00 -14.03
CA TYR A 23 3.77 4.62 -13.74
C TYR A 23 3.24 4.20 -12.36
N ALA A 24 3.77 4.84 -11.34
CA ALA A 24 3.36 4.56 -9.97
C ALA A 24 1.83 4.62 -9.88
N GLU A 25 1.26 5.52 -10.67
CA GLU A 25 -0.19 5.69 -10.69
C GLU A 25 -0.87 4.41 -11.17
N SER A 26 -0.06 3.51 -11.72
CA SER A 26 -0.56 2.25 -12.22
C SER A 26 -0.56 1.20 -11.11
N VAL A 27 0.64 0.80 -10.71
CA VAL A 27 0.79 -0.19 -9.66
C VAL A 27 -0.13 0.17 -8.50
N GLY A 28 -0.40 1.46 -8.38
CA GLY A 28 -1.27 1.95 -7.31
C GLY A 28 -2.74 1.62 -7.60
N ARG A 29 -3.09 1.71 -8.87
CA ARG A 29 -4.45 1.44 -9.28
C ARG A 29 -4.66 -0.07 -9.44
N LYS A 30 -3.57 -0.76 -9.76
CA LYS A 30 -3.61 -2.20 -9.94
C LYS A 30 -4.10 -2.86 -8.65
N VAL A 31 -3.70 -2.26 -7.53
CA VAL A 31 -4.07 -2.78 -6.23
C VAL A 31 -5.54 -2.43 -5.97
N ARG A 32 -6.00 -1.37 -6.59
CA ARG A 32 -7.37 -0.93 -6.43
C ARG A 32 -8.31 -1.85 -7.21
N ASP A 33 -7.80 -2.38 -8.31
CA ASP A 33 -8.59 -3.27 -9.14
C ASP A 33 -8.98 -4.51 -8.33
N LEU A 34 -8.30 -4.68 -7.21
CA LEU A 34 -8.57 -5.81 -6.34
C LEU A 34 -9.57 -5.39 -5.25
N GLY A 35 -9.78 -4.08 -5.17
CA GLY A 35 -10.70 -3.54 -4.19
C GLY A 35 -9.96 -3.06 -2.94
N MET A 36 -8.73 -2.63 -3.15
CA MET A 36 -7.90 -2.14 -2.06
C MET A 36 -7.60 -0.66 -2.21
N VAL A 37 -7.71 0.06 -1.10
CA VAL A 37 -7.46 1.49 -1.10
C VAL A 37 -5.98 1.74 -1.39
N VAL A 38 -5.73 2.47 -2.47
CA VAL A 38 -4.37 2.78 -2.87
C VAL A 38 -4.25 4.29 -3.09
N ASP A 39 -3.04 4.79 -2.90
CA ASP A 39 -2.77 6.21 -3.08
C ASP A 39 -1.35 6.39 -3.60
N LEU A 40 -1.07 7.61 -4.05
CA LEU A 40 0.24 7.93 -4.58
C LEU A 40 0.90 9.00 -3.71
N ILE A 41 2.12 8.71 -3.30
CA ILE A 41 2.87 9.63 -2.46
C ILE A 41 4.07 10.18 -3.25
N PHE A 42 3.92 11.42 -3.71
CA PHE A 42 4.97 12.05 -4.48
C PHE A 42 5.88 12.88 -3.57
N LEU A 43 7.13 12.46 -3.47
CA LEU A 43 8.10 13.15 -2.64
C LEU A 43 9.09 13.91 -3.54
N ASN A 44 8.55 14.86 -4.29
CA ASN A 44 9.36 15.66 -5.19
C ASN A 44 10.20 16.64 -4.36
N THR A 45 11.45 16.24 -4.13
CA THR A 45 12.36 17.07 -3.36
C THR A 45 11.77 17.41 -2.00
N GLU A 46 11.00 16.47 -1.47
CA GLU A 46 10.35 16.65 -0.18
C GLU A 46 11.29 16.19 0.94
N VAL A 47 11.12 14.92 1.31
CA VAL A 47 11.93 14.33 2.37
C VAL A 47 12.56 13.04 1.86
N SER A 48 12.68 12.08 2.77
CA SER A 48 13.25 10.79 2.43
C SER A 48 12.16 9.72 2.39
N LEU A 49 12.45 8.65 1.65
CA LEU A 49 11.51 7.56 1.52
C LEU A 49 11.00 7.16 2.92
N SER A 50 11.94 6.77 3.77
CA SER A 50 11.61 6.37 5.11
C SER A 50 10.51 7.27 5.69
N GLN A 51 10.78 8.58 5.65
CA GLN A 51 9.82 9.55 6.15
C GLN A 51 8.40 9.14 5.77
N ALA A 52 8.26 8.68 4.54
CA ALA A 52 6.97 8.25 4.04
C ALA A 52 6.62 6.88 4.62
N LEU A 53 7.62 6.01 4.63
CA LEU A 53 7.44 4.66 5.16
C LEU A 53 7.00 4.75 6.62
N GLU A 54 7.42 5.82 7.27
CA GLU A 54 7.07 6.04 8.67
C GLU A 54 5.59 6.38 8.80
N ASP A 55 5.15 7.32 7.96
CA ASP A 55 3.77 7.75 7.99
C ASP A 55 2.88 6.60 7.50
N VAL A 56 3.49 5.70 6.73
CA VAL A 56 2.78 4.56 6.20
C VAL A 56 2.27 3.70 7.35
N SER A 57 3.21 3.27 8.19
CA SER A 57 2.88 2.44 9.32
C SER A 57 1.97 3.20 10.29
N ARG A 58 2.50 4.31 10.79
CA ARG A 58 1.76 5.14 11.73
C ARG A 58 0.39 5.50 11.15
N GLY A 59 0.39 5.80 9.86
CA GLY A 59 -0.84 6.16 9.17
C GLY A 59 -1.81 4.98 9.13
N GLY A 60 -1.24 3.78 9.19
CA GLY A 60 -2.04 2.57 9.16
C GLY A 60 -1.68 1.70 7.96
N SER A 61 -1.32 2.36 6.87
CA SER A 61 -0.95 1.67 5.66
C SER A 61 -0.14 0.42 6.00
N PRO A 62 -0.79 -0.76 5.83
CA PRO A 62 -0.13 -2.03 6.11
C PRO A 62 0.87 -2.38 5.01
N PHE A 63 0.51 -2.02 3.79
CA PHE A 63 1.36 -2.29 2.65
C PHE A 63 1.86 -0.99 2.01
N ALA A 64 3.14 -1.01 1.66
CA ALA A 64 3.76 0.16 1.04
C ALA A 64 4.53 -0.27 -0.20
N ILE A 65 4.18 0.32 -1.33
CA ILE A 65 4.83 0.00 -2.59
C ILE A 65 5.94 1.02 -2.84
N VAL A 66 7.10 0.50 -3.24
CA VAL A 66 8.24 1.35 -3.53
C VAL A 66 8.35 1.57 -5.04
N ILE A 67 8.52 2.84 -5.40
CA ILE A 67 8.64 3.20 -6.81
C ILE A 67 9.89 4.06 -7.01
N THR A 68 10.47 3.92 -8.20
CA THR A 68 11.67 4.68 -8.53
C THR A 68 12.04 4.45 -10.00
N GLN A 69 12.77 5.43 -10.54
CA GLN A 69 13.20 5.35 -11.92
C GLN A 69 13.59 3.91 -12.28
N GLN A 70 14.65 3.45 -11.64
CA GLN A 70 15.14 2.10 -11.87
C GLN A 70 13.97 1.11 -11.92
N HIS A 71 13.25 1.04 -10.81
CA HIS A 71 12.11 0.14 -10.71
C HIS A 71 11.30 0.20 -12.00
N GLN A 72 10.90 1.41 -12.36
CA GLN A 72 10.12 1.62 -13.57
C GLN A 72 10.63 0.71 -14.69
N ILE A 73 11.95 0.68 -14.82
CA ILE A 73 12.57 -0.15 -15.85
C ILE A 73 12.16 -1.60 -15.65
N HIS A 74 12.40 -2.09 -14.45
CA HIS A 74 12.05 -3.46 -14.13
C HIS A 74 10.53 -3.58 -13.95
N ARG A 75 9.87 -2.45 -14.06
CA ARG A 75 8.43 -2.41 -13.91
C ARG A 75 8.00 -3.15 -12.64
N SER A 76 8.94 -3.26 -11.71
CA SER A 76 8.68 -3.94 -10.45
C SER A 76 8.80 -2.95 -9.29
N CYS A 77 8.17 -3.32 -8.18
CA CYS A 77 8.21 -2.49 -6.99
C CYS A 77 8.52 -3.37 -5.79
N THR A 78 8.68 -2.72 -4.64
CA THR A 78 9.00 -3.43 -3.42
C THR A 78 7.83 -3.34 -2.44
N VAL A 79 7.21 -4.48 -2.19
CA VAL A 79 6.08 -4.55 -1.27
C VAL A 79 6.59 -4.83 0.14
N ASN A 80 6.42 -3.84 1.00
CA ASN A 80 6.86 -3.97 2.39
C ASN A 80 5.64 -3.91 3.32
N ILE A 81 5.42 -5.00 4.02
CA ILE A 81 4.29 -5.09 4.94
C ILE A 81 4.65 -4.37 6.25
N MET A 82 3.64 -3.82 6.88
CA MET A 82 3.83 -3.10 8.13
C MET A 82 3.13 -3.83 9.29
N PHE A 83 2.13 -4.62 8.94
CA PHE A 83 1.38 -5.37 9.93
C PHE A 83 1.74 -6.85 9.88
N GLY A 84 1.58 -7.50 11.03
CA GLY A 84 1.88 -8.91 11.13
C GLY A 84 3.38 -9.16 10.99
N THR A 85 3.73 -10.43 10.91
CA THR A 85 5.13 -10.82 10.76
C THR A 85 5.86 -9.87 9.82
N PRO A 86 7.16 -9.65 10.12
CA PRO A 86 7.97 -8.77 9.30
C PRO A 86 8.36 -9.44 7.99
N GLN A 87 7.52 -9.23 6.98
CA GLN A 87 7.77 -9.81 5.67
C GLN A 87 8.15 -8.72 4.66
N GLU A 88 9.39 -8.80 4.20
CA GLU A 88 9.88 -7.83 3.24
C GLU A 88 10.16 -8.50 1.89
N HIS A 89 9.36 -8.11 0.90
CA HIS A 89 9.51 -8.67 -0.43
C HIS A 89 10.29 -7.69 -1.31
N ARG A 90 11.43 -8.17 -1.80
CA ARG A 90 12.27 -7.35 -2.66
C ARG A 90 12.19 -7.84 -4.11
N ASN A 91 12.05 -6.88 -5.02
CA ASN A 91 11.96 -7.20 -6.43
C ASN A 91 10.78 -8.15 -6.67
N MET A 92 9.62 -7.56 -6.92
CA MET A 92 8.42 -8.34 -7.16
C MET A 92 7.67 -7.82 -8.39
N PRO A 93 7.20 -8.79 -9.22
CA PRO A 93 6.47 -8.45 -10.43
C PRO A 93 5.04 -8.00 -10.10
N GLN A 94 4.56 -7.03 -10.86
CA GLN A 94 3.21 -6.51 -10.65
C GLN A 94 2.26 -7.65 -10.28
N ALA A 95 1.97 -8.49 -11.26
CA ALA A 95 1.08 -9.62 -11.04
C ALA A 95 1.32 -10.19 -9.65
N ASP A 96 2.47 -10.83 -9.50
CA ASP A 96 2.83 -11.43 -8.23
C ASP A 96 2.47 -10.48 -7.09
N ALA A 97 2.84 -9.22 -7.29
CA ALA A 97 2.55 -8.20 -6.29
C ALA A 97 1.04 -8.10 -6.07
N MET A 98 0.31 -8.14 -7.17
CA MET A 98 -1.14 -8.06 -7.12
C MET A 98 -1.73 -9.30 -6.44
N VAL A 99 -1.01 -10.40 -6.58
CA VAL A 99 -1.45 -11.66 -5.99
C VAL A 99 -1.04 -11.69 -4.51
N LEU A 100 0.20 -11.29 -4.26
CA LEU A 100 0.72 -11.26 -2.91
C LEU A 100 -0.08 -10.27 -2.07
N VAL A 101 -0.58 -9.25 -2.74
CA VAL A 101 -1.37 -8.22 -2.08
C VAL A 101 -2.82 -8.69 -1.97
N ALA A 102 -3.34 -9.17 -3.10
CA ALA A 102 -4.71 -9.65 -3.15
C ALA A 102 -4.86 -10.82 -2.18
N ARG A 103 -3.80 -11.61 -2.07
CA ARG A 103 -3.81 -12.76 -1.20
C ARG A 103 -3.71 -12.32 0.26
N ASN A 104 -2.63 -11.63 0.57
CA ASN A 104 -2.40 -11.14 1.92
C ASN A 104 -3.62 -10.33 2.38
N TYR A 105 -4.02 -9.40 1.51
CA TYR A 105 -5.17 -8.56 1.82
C TYR A 105 -6.34 -9.39 2.35
N GLU A 106 -6.69 -10.41 1.58
CA GLU A 106 -7.79 -11.28 1.96
C GLU A 106 -7.72 -11.60 3.45
N ARG A 107 -6.57 -12.12 3.86
CA ARG A 107 -6.36 -12.47 5.25
C ARG A 107 -6.42 -11.22 6.14
N TYR A 108 -5.56 -10.26 5.80
CA TYR A 108 -5.50 -9.02 6.54
C TYR A 108 -6.90 -8.55 6.94
N LYS A 109 -7.84 -8.71 6.02
CA LYS A 109 -9.21 -8.32 6.25
C LYS A 109 -9.82 -9.22 7.33
N ASN A 110 -9.63 -10.52 7.15
CA ASN A 110 -10.15 -11.49 8.09
C ASN A 110 -9.81 -11.05 9.51
N GLU A 111 -8.64 -10.44 9.64
CA GLU A 111 -8.18 -9.96 10.94
C GLU A 111 -8.57 -8.50 11.14
N CYS A 112 -8.76 -7.82 10.02
CA CYS A 112 -9.14 -6.41 10.06
C CYS A 112 -10.48 -6.30 10.79
N ARG A 113 -11.47 -7.01 10.29
CA ARG A 113 -12.78 -7.00 10.88
C ARG A 113 -12.69 -7.06 12.41
N GLU A 114 -11.98 -8.08 12.88
CA GLU A 114 -11.81 -8.25 14.31
C GLU A 114 -10.74 -7.29 14.84
N LYS A 115 -11.21 -6.15 15.30
CA LYS A 115 -10.32 -5.13 15.83
C LYS A 115 -11.10 -4.20 16.75
N GLU A 116 -10.41 -3.20 17.28
CA GLU A 116 -11.02 -2.23 18.17
C GLU A 116 -11.01 -0.84 17.53
N ARG A 117 -12.17 -0.19 17.58
CA ARG A 117 -12.30 1.13 17.03
C ARG A 117 -11.95 1.13 15.53
N GLU A 118 -12.96 1.40 14.72
CA GLU A 118 -12.77 1.42 13.27
C GLU A 118 -11.48 2.15 12.92
N GLU A 119 -10.90 1.76 11.79
CA GLU A 119 -9.67 2.36 11.32
C GLU A 119 -9.91 3.81 10.89
N ILE A 120 -11.18 4.17 10.84
CA ILE A 120 -11.56 5.51 10.45
C ILE A 120 -12.00 6.31 11.68
N ALA A 121 -13.28 6.65 11.71
CA ALA A 121 -13.82 7.40 12.83
C ALA A 121 -12.84 8.49 13.24
N ARG A 122 -12.69 9.47 12.36
CA ARG A 122 -11.78 10.58 12.60
C ARG A 122 -12.02 11.15 14.01
N GLN A 123 -11.02 10.98 14.85
CA GLN A 123 -11.10 11.47 16.22
C GLN A 123 -11.12 13.00 16.24
N ALA A 124 -11.41 13.54 17.41
CA ALA A 124 -11.45 14.99 17.57
C ALA A 124 -10.20 15.61 16.96
N SER A 125 -10.36 16.86 16.54
CA SER A 125 -9.25 17.58 15.93
C SER A 125 -9.66 19.02 15.63
N GLY A 126 -9.39 19.89 16.58
CA GLY A 126 -9.73 21.30 16.43
C GLY A 126 -8.57 22.20 16.86
N PRO A 127 -7.82 22.71 15.86
CA PRO A 127 -6.69 23.57 16.12
C PRO A 127 -7.16 24.98 16.53
N SER A 128 -7.12 25.22 17.83
CA SER A 128 -7.54 26.52 18.36
C SER A 128 -6.49 27.58 18.02
N SER A 129 -6.90 28.83 18.17
CA SER A 129 -6.00 29.94 17.89
C SER A 129 -5.33 30.41 19.19
N GLY A 130 -6.16 30.73 20.17
CA GLY A 130 -5.66 31.19 21.45
C GLY A 130 -5.40 30.01 22.39
N GLY A 1 -5.73 5.00 13.27
CA GLY A 1 -6.06 6.25 12.63
C GLY A 1 -5.35 7.43 13.30
N SER A 2 -4.46 8.05 12.56
CA SER A 2 -3.71 9.19 13.07
C SER A 2 -2.86 9.81 11.96
N SER A 3 -3.31 10.96 11.48
CA SER A 3 -2.61 11.66 10.43
C SER A 3 -2.44 10.75 9.22
N GLY A 4 -1.85 11.31 8.17
CA GLY A 4 -1.62 10.55 6.95
C GLY A 4 -2.70 10.87 5.90
N SER A 5 -2.53 10.27 4.72
CA SER A 5 -3.47 10.48 3.64
C SER A 5 -4.90 10.36 4.17
N SER A 6 -5.77 11.19 3.61
CA SER A 6 -7.17 11.20 4.01
C SER A 6 -7.67 9.75 4.12
N GLY A 7 -7.82 9.30 5.36
CA GLY A 7 -8.30 7.95 5.61
C GLY A 7 -7.16 6.94 5.47
N PRO A 8 -7.42 5.71 6.02
CA PRO A 8 -6.43 4.65 5.95
C PRO A 8 -6.35 4.05 4.54
N VAL A 9 -5.18 3.56 4.20
CA VAL A 9 -4.96 2.95 2.90
C VAL A 9 -4.54 1.50 3.08
N ASP A 10 -4.72 0.72 2.02
CA ASP A 10 -4.37 -0.68 2.05
C ASP A 10 -2.93 -0.85 1.57
N CYS A 11 -2.61 -0.13 0.50
CA CYS A 11 -1.27 -0.20 -0.07
C CYS A 11 -0.89 1.21 -0.56
N SER A 12 0.09 1.79 0.14
CA SER A 12 0.55 3.12 -0.20
C SER A 12 1.70 3.04 -1.21
N VAL A 13 1.58 3.82 -2.27
CA VAL A 13 2.59 3.85 -3.31
C VAL A 13 3.61 4.93 -2.99
N ILE A 14 4.88 4.53 -2.94
CA ILE A 14 5.95 5.45 -2.65
C ILE A 14 6.80 5.65 -3.91
N VAL A 15 6.71 6.86 -4.45
CA VAL A 15 7.45 7.19 -5.65
C VAL A 15 8.47 8.29 -5.34
N VAL A 16 9.73 7.90 -5.27
CA VAL A 16 10.80 8.83 -4.97
C VAL A 16 11.35 9.40 -6.28
N ASN A 17 11.32 8.57 -7.31
CA ASN A 17 11.81 8.99 -8.62
C ASN A 17 11.16 10.31 -9.01
N LYS A 18 11.75 10.94 -10.01
CA LYS A 18 11.24 12.23 -10.49
C LYS A 18 9.91 12.00 -11.20
N GLN A 19 10.00 11.58 -12.45
CA GLN A 19 8.82 11.32 -13.25
C GLN A 19 8.44 9.84 -13.18
N THR A 20 7.46 9.55 -12.34
CA THR A 20 6.99 8.19 -12.17
C THR A 20 5.53 8.17 -11.74
N LYS A 21 4.84 9.26 -12.05
CA LYS A 21 3.43 9.37 -11.70
C LYS A 21 2.61 8.42 -12.57
N ASP A 22 2.65 8.67 -13.86
CA ASP A 22 1.92 7.85 -14.81
C ASP A 22 2.11 6.37 -14.45
N TYR A 23 3.34 6.05 -14.05
CA TYR A 23 3.66 4.69 -13.68
C TYR A 23 3.08 4.33 -12.31
N ALA A 24 3.59 5.03 -11.29
CA ALA A 24 3.14 4.79 -9.94
C ALA A 24 1.60 4.77 -9.91
N GLU A 25 1.02 5.79 -10.53
CA GLU A 25 -0.42 5.89 -10.59
C GLU A 25 -1.03 4.58 -11.09
N SER A 26 -0.21 3.79 -11.76
CA SER A 26 -0.65 2.52 -12.29
C SER A 26 -0.57 1.44 -11.21
N VAL A 27 0.66 1.12 -10.83
CA VAL A 27 0.89 0.11 -9.80
C VAL A 27 0.02 0.42 -8.59
N GLY A 28 -0.30 1.70 -8.44
CA GLY A 28 -1.12 2.13 -7.32
C GLY A 28 -2.59 1.77 -7.55
N ARG A 29 -2.95 1.68 -8.82
CA ARG A 29 -4.31 1.34 -9.20
C ARG A 29 -4.47 -0.17 -9.34
N LYS A 30 -3.41 -0.79 -9.83
CA LYS A 30 -3.41 -2.24 -10.03
C LYS A 30 -3.92 -2.91 -8.76
N VAL A 31 -3.49 -2.37 -7.62
CA VAL A 31 -3.90 -2.91 -6.33
C VAL A 31 -5.37 -2.58 -6.09
N ARG A 32 -5.79 -1.46 -6.64
CA ARG A 32 -7.17 -1.02 -6.49
C ARG A 32 -8.11 -1.91 -7.30
N ASP A 33 -7.58 -2.41 -8.41
CA ASP A 33 -8.37 -3.28 -9.28
C ASP A 33 -8.80 -4.52 -8.49
N LEU A 34 -8.09 -4.76 -7.40
CA LEU A 34 -8.39 -5.91 -6.56
C LEU A 34 -9.41 -5.51 -5.50
N GLY A 35 -9.63 -4.20 -5.39
CA GLY A 35 -10.56 -3.67 -4.42
C GLY A 35 -9.85 -3.24 -3.14
N MET A 36 -8.57 -2.91 -3.29
CA MET A 36 -7.77 -2.48 -2.16
C MET A 36 -7.46 -0.98 -2.24
N VAL A 37 -7.59 -0.33 -1.11
CA VAL A 37 -7.34 1.10 -1.04
C VAL A 37 -5.84 1.36 -1.29
N VAL A 38 -5.58 2.23 -2.25
CA VAL A 38 -4.22 2.58 -2.60
C VAL A 38 -4.10 4.09 -2.78
N ASP A 39 -2.92 4.61 -2.47
CA ASP A 39 -2.67 6.03 -2.60
C ASP A 39 -1.31 6.24 -3.27
N LEU A 40 -1.08 7.49 -3.67
CA LEU A 40 0.18 7.85 -4.31
C LEU A 40 0.89 8.93 -3.50
N ILE A 41 2.14 8.65 -3.16
CA ILE A 41 2.93 9.59 -2.38
C ILE A 41 4.09 10.09 -3.23
N PHE A 42 4.05 11.38 -3.54
CA PHE A 42 5.09 12.00 -4.34
C PHE A 42 6.05 12.82 -3.47
N LEU A 43 7.32 12.43 -3.53
CA LEU A 43 8.33 13.12 -2.76
C LEU A 43 8.90 14.28 -3.57
N ASN A 44 9.68 13.93 -4.58
CA ASN A 44 10.29 14.92 -5.44
C ASN A 44 11.09 15.91 -4.59
N THR A 45 12.36 15.59 -4.42
CA THR A 45 13.25 16.44 -3.64
C THR A 45 12.52 16.98 -2.42
N GLU A 46 12.12 16.07 -1.54
CA GLU A 46 11.40 16.45 -0.33
C GLU A 46 12.15 15.94 0.91
N VAL A 47 12.03 14.64 1.13
CA VAL A 47 12.68 14.02 2.27
C VAL A 47 13.22 12.65 1.86
N SER A 48 13.19 11.72 2.79
CA SER A 48 13.67 10.37 2.54
C SER A 48 12.50 9.39 2.54
N LEU A 49 12.67 8.33 1.76
CA LEU A 49 11.64 7.31 1.65
C LEU A 49 11.05 7.05 3.05
N SER A 50 11.93 6.67 3.96
CA SER A 50 11.51 6.38 5.33
C SER A 50 10.45 7.39 5.77
N GLN A 51 10.80 8.67 5.66
CA GLN A 51 9.89 9.73 6.04
C GLN A 51 8.45 9.39 5.62
N ALA A 52 8.35 8.81 4.44
CA ALA A 52 7.04 8.42 3.90
C ALA A 52 6.62 7.09 4.54
N LEU A 53 7.57 6.17 4.62
CA LEU A 53 7.30 4.87 5.20
C LEU A 53 6.80 5.04 6.63
N GLU A 54 7.29 6.09 7.29
CA GLU A 54 6.90 6.38 8.66
C GLU A 54 5.44 6.81 8.70
N ASP A 55 5.04 7.59 7.70
CA ASP A 55 3.67 8.07 7.62
C ASP A 55 2.75 6.90 7.24
N VAL A 56 3.33 5.92 6.57
CA VAL A 56 2.57 4.76 6.14
C VAL A 56 2.10 3.99 7.37
N SER A 57 3.05 3.34 8.03
CA SER A 57 2.73 2.57 9.23
C SER A 57 1.80 3.37 10.14
N ARG A 58 2.32 4.49 10.63
CA ARG A 58 1.55 5.34 11.51
C ARG A 58 0.21 5.70 10.87
N GLY A 59 0.24 5.90 9.56
CA GLY A 59 -0.96 6.25 8.82
C GLY A 59 -1.95 5.08 8.82
N GLY A 60 -1.41 3.89 9.04
CA GLY A 60 -2.24 2.70 9.06
C GLY A 60 -1.89 1.77 7.90
N SER A 61 -1.53 2.38 6.78
CA SER A 61 -1.17 1.62 5.60
C SER A 61 -0.36 0.37 5.99
N PRO A 62 -0.99 -0.81 5.76
CA PRO A 62 -0.35 -2.07 6.09
C PRO A 62 0.73 -2.41 5.07
N PHE A 63 0.44 -2.13 3.81
CA PHE A 63 1.36 -2.40 2.73
C PHE A 63 1.86 -1.10 2.09
N ALA A 64 3.11 -1.13 1.64
CA ALA A 64 3.70 0.03 1.01
C ALA A 64 4.49 -0.41 -0.23
N ILE A 65 4.16 0.20 -1.35
CA ILE A 65 4.81 -0.11 -2.61
C ILE A 65 5.96 0.88 -2.84
N VAL A 66 7.12 0.32 -3.14
CA VAL A 66 8.30 1.14 -3.39
C VAL A 66 8.45 1.37 -4.90
N ILE A 67 8.48 2.64 -5.27
CA ILE A 67 8.62 3.01 -6.67
C ILE A 67 9.85 3.89 -6.84
N THR A 68 10.36 3.91 -8.06
CA THR A 68 11.53 4.71 -8.38
C THR A 68 11.82 4.66 -9.87
N GLN A 69 13.06 4.96 -10.21
CA GLN A 69 13.48 4.97 -11.61
C GLN A 69 13.60 3.53 -12.13
N GLN A 70 14.52 2.79 -11.54
CA GLN A 70 14.75 1.41 -11.93
C GLN A 70 13.44 0.62 -11.87
N HIS A 71 12.80 0.67 -10.70
CA HIS A 71 11.55 -0.03 -10.50
C HIS A 71 10.64 0.19 -11.72
N GLN A 72 10.78 1.36 -12.32
CA GLN A 72 9.99 1.71 -13.49
C GLN A 72 10.50 0.96 -14.72
N ILE A 73 11.81 0.94 -14.86
CA ILE A 73 12.45 0.26 -15.98
C ILE A 73 12.10 -1.22 -15.93
N HIS A 74 12.25 -1.79 -14.74
CA HIS A 74 11.96 -3.21 -14.55
C HIS A 74 10.47 -3.39 -14.27
N ARG A 75 9.81 -2.26 -14.04
CA ARG A 75 8.38 -2.28 -13.75
C ARG A 75 8.10 -3.14 -12.52
N SER A 76 9.07 -3.16 -11.62
CA SER A 76 8.94 -3.94 -10.40
C SER A 76 9.14 -3.03 -9.18
N CYS A 77 8.29 -3.24 -8.18
CA CYS A 77 8.36 -2.45 -6.97
C CYS A 77 8.62 -3.41 -5.79
N THR A 78 8.82 -2.81 -4.63
CA THR A 78 9.08 -3.59 -3.43
C THR A 78 7.91 -3.44 -2.43
N VAL A 79 7.25 -4.55 -2.17
CA VAL A 79 6.12 -4.55 -1.25
C VAL A 79 6.63 -4.84 0.17
N ASN A 80 6.40 -3.88 1.05
CA ASN A 80 6.82 -4.02 2.43
C ASN A 80 5.59 -4.00 3.34
N ILE A 81 5.43 -5.09 4.08
CA ILE A 81 4.31 -5.22 4.99
C ILE A 81 4.64 -4.51 6.32
N MET A 82 3.62 -3.89 6.88
CA MET A 82 3.79 -3.17 8.13
C MET A 82 3.14 -3.93 9.29
N PHE A 83 2.10 -4.68 8.95
CA PHE A 83 1.39 -5.46 9.95
C PHE A 83 1.90 -6.90 9.99
N GLY A 84 1.81 -7.50 11.18
CA GLY A 84 2.26 -8.87 11.37
C GLY A 84 3.78 -8.96 11.22
N THR A 85 4.26 -10.20 11.17
CA THR A 85 5.68 -10.45 11.03
C THR A 85 6.30 -9.49 10.00
N PRO A 86 7.57 -9.11 10.26
CA PRO A 86 8.28 -8.21 9.38
C PRO A 86 8.72 -8.94 8.10
N GLN A 87 7.95 -8.75 7.05
CA GLN A 87 8.24 -9.38 5.77
C GLN A 87 8.62 -8.32 4.74
N GLU A 88 9.86 -8.39 4.28
CA GLU A 88 10.36 -7.45 3.29
C GLU A 88 10.62 -8.17 1.97
N HIS A 89 9.76 -7.91 1.01
CA HIS A 89 9.89 -8.51 -0.30
C HIS A 89 10.65 -7.56 -1.24
N ARG A 90 11.87 -7.97 -1.57
CA ARG A 90 12.70 -7.17 -2.45
C ARG A 90 12.69 -7.75 -3.87
N ASN A 91 12.55 -6.85 -4.83
CA ASN A 91 12.52 -7.25 -6.23
C ASN A 91 11.37 -8.23 -6.45
N MET A 92 10.22 -7.67 -6.81
CA MET A 92 9.04 -8.48 -7.06
C MET A 92 8.24 -7.93 -8.25
N PRO A 93 7.77 -8.89 -9.11
CA PRO A 93 7.01 -8.53 -10.28
C PRO A 93 5.58 -8.11 -9.90
N GLN A 94 5.03 -7.21 -10.69
CA GLN A 94 3.68 -6.73 -10.45
C GLN A 94 2.72 -7.91 -10.27
N ALA A 95 2.55 -8.65 -11.34
CA ALA A 95 1.67 -9.81 -11.32
C ALA A 95 1.82 -10.53 -9.98
N ASP A 96 3.07 -10.66 -9.55
CA ASP A 96 3.36 -11.32 -8.29
C ASP A 96 2.90 -10.44 -7.13
N ALA A 97 3.42 -9.22 -7.12
CA ALA A 97 3.06 -8.26 -6.07
C ALA A 97 1.54 -8.22 -5.92
N MET A 98 0.86 -8.49 -7.03
CA MET A 98 -0.59 -8.48 -7.04
C MET A 98 -1.15 -9.70 -6.30
N VAL A 99 -0.40 -10.79 -6.36
CA VAL A 99 -0.80 -12.02 -5.72
C VAL A 99 -0.47 -11.95 -4.23
N LEU A 100 0.71 -11.41 -3.95
CA LEU A 100 1.16 -11.28 -2.56
C LEU A 100 0.23 -10.30 -1.84
N VAL A 101 -0.32 -9.38 -2.60
CA VAL A 101 -1.22 -8.38 -2.03
C VAL A 101 -2.65 -8.92 -2.04
N ALA A 102 -3.05 -9.42 -3.20
CA ALA A 102 -4.39 -9.96 -3.36
C ALA A 102 -4.58 -11.11 -2.36
N ARG A 103 -3.50 -11.86 -2.16
CA ARG A 103 -3.55 -12.98 -1.23
C ARG A 103 -3.59 -12.48 0.22
N ASN A 104 -2.46 -11.95 0.65
CA ASN A 104 -2.35 -11.43 2.00
C ASN A 104 -3.62 -10.66 2.35
N TYR A 105 -3.90 -9.65 1.55
CA TYR A 105 -5.09 -8.82 1.75
C TYR A 105 -6.27 -9.68 2.23
N GLU A 106 -6.62 -10.66 1.41
CA GLU A 106 -7.72 -11.55 1.74
C GLU A 106 -7.67 -11.94 3.22
N ARG A 107 -6.55 -12.51 3.61
CA ARG A 107 -6.35 -12.94 4.98
C ARG A 107 -6.41 -11.73 5.92
N TYR A 108 -5.55 -10.76 5.64
CA TYR A 108 -5.50 -9.56 6.45
C TYR A 108 -6.91 -9.09 6.84
N LYS A 109 -7.77 -9.03 5.83
CA LYS A 109 -9.15 -8.61 6.05
C LYS A 109 -9.81 -9.54 7.07
N ASN A 110 -9.65 -10.84 6.82
CA ASN A 110 -10.22 -11.84 7.70
C ASN A 110 -9.93 -11.47 9.16
N GLU A 111 -8.76 -10.88 9.35
CA GLU A 111 -8.34 -10.47 10.69
C GLU A 111 -8.73 -9.00 10.94
N CYS A 112 -8.85 -8.27 9.85
CA CYS A 112 -9.20 -6.87 9.94
C CYS A 112 -10.61 -6.76 10.53
N ARG A 113 -11.53 -7.50 9.93
CA ARG A 113 -12.91 -7.50 10.38
C ARG A 113 -12.95 -7.57 11.92
N GLU A 114 -12.28 -8.57 12.46
CA GLU A 114 -12.24 -8.74 13.89
C GLU A 114 -11.75 -7.47 14.58
N LYS A 115 -12.71 -6.74 15.14
CA LYS A 115 -12.39 -5.49 15.82
C LYS A 115 -13.66 -4.95 16.49
N GLU A 116 -13.49 -3.82 17.17
CA GLU A 116 -14.61 -3.19 17.85
C GLU A 116 -15.63 -2.69 16.84
N ARG A 117 -15.16 -1.85 15.93
CA ARG A 117 -16.02 -1.29 14.90
C ARG A 117 -17.14 -0.45 15.54
N GLU A 118 -16.97 -0.16 16.82
CA GLU A 118 -17.95 0.62 17.55
C GLU A 118 -18.48 1.75 16.67
N GLU A 119 -19.68 2.19 17.00
CA GLU A 119 -20.33 3.26 16.25
C GLU A 119 -20.43 4.52 17.11
N ILE A 120 -19.40 4.74 17.91
CA ILE A 120 -19.37 5.90 18.79
C ILE A 120 -18.33 6.89 18.27
N ALA A 121 -18.80 8.06 17.86
CA ALA A 121 -17.93 9.09 17.35
C ALA A 121 -18.75 10.37 17.11
N ARG A 122 -18.69 11.26 18.09
CA ARG A 122 -19.41 12.51 18.00
C ARG A 122 -18.45 13.66 17.67
N GLN A 123 -19.03 14.79 17.29
CA GLN A 123 -18.23 15.96 16.95
C GLN A 123 -18.91 17.23 17.49
N ALA A 124 -20.15 17.43 17.06
CA ALA A 124 -20.90 18.60 17.49
C ALA A 124 -20.18 19.86 17.02
N SER A 125 -20.24 20.09 15.72
CA SER A 125 -19.60 21.26 15.13
C SER A 125 -18.10 21.19 15.34
N GLY A 126 -17.36 21.60 14.31
CA GLY A 126 -15.91 21.60 14.37
C GLY A 126 -15.32 22.76 13.58
N PRO A 127 -14.64 23.67 14.32
CA PRO A 127 -14.02 24.83 13.69
C PRO A 127 -12.75 24.44 12.94
N SER A 128 -12.69 24.88 11.69
CA SER A 128 -11.54 24.58 10.86
C SER A 128 -10.61 25.80 10.79
N SER A 129 -9.67 25.83 11.72
CA SER A 129 -8.72 26.93 11.78
C SER A 129 -7.38 26.43 12.33
N GLY A 130 -6.59 25.83 11.46
CA GLY A 130 -5.29 25.30 11.85
C GLY A 130 -5.14 23.84 11.43
N GLY A 1 -11.62 27.22 0.57
CA GLY A 1 -12.65 26.22 0.75
C GLY A 1 -12.35 25.31 1.94
N SER A 2 -11.91 24.10 1.63
CA SER A 2 -11.58 23.14 2.66
C SER A 2 -11.05 21.85 2.02
N SER A 3 -10.00 21.32 2.62
CA SER A 3 -9.40 20.09 2.13
C SER A 3 -8.71 19.34 3.27
N GLY A 4 -8.50 18.05 3.05
CA GLY A 4 -7.85 17.21 4.05
C GLY A 4 -8.56 15.87 4.17
N SER A 5 -8.70 15.41 5.40
CA SER A 5 -9.34 14.13 5.66
C SER A 5 -8.63 13.02 4.89
N SER A 6 -7.52 12.55 5.46
CA SER A 6 -6.75 11.50 4.84
C SER A 6 -6.54 10.34 5.82
N GLY A 7 -7.32 9.29 5.62
CA GLY A 7 -7.24 8.12 6.48
C GLY A 7 -6.11 7.18 6.03
N PRO A 8 -6.18 5.92 6.52
CA PRO A 8 -5.17 4.93 6.18
C PRO A 8 -5.38 4.42 4.75
N VAL A 9 -4.31 3.85 4.20
CA VAL A 9 -4.35 3.32 2.85
C VAL A 9 -3.94 1.86 2.87
N ASP A 10 -4.78 1.03 2.26
CA ASP A 10 -4.52 -0.40 2.20
C ASP A 10 -3.12 -0.63 1.61
N CYS A 11 -2.84 0.08 0.53
CA CYS A 11 -1.56 -0.03 -0.14
C CYS A 11 -1.14 1.36 -0.61
N SER A 12 -0.14 1.90 0.07
CA SER A 12 0.36 3.23 -0.27
C SER A 12 1.53 3.10 -1.26
N VAL A 13 1.40 3.79 -2.37
CA VAL A 13 2.43 3.77 -3.40
C VAL A 13 3.44 4.86 -3.11
N ILE A 14 4.66 4.44 -2.82
CA ILE A 14 5.74 5.38 -2.53
C ILE A 14 6.52 5.68 -3.82
N VAL A 15 6.39 6.91 -4.28
CA VAL A 15 7.07 7.33 -5.50
C VAL A 15 7.90 8.58 -5.20
N VAL A 16 9.17 8.36 -4.91
CA VAL A 16 10.07 9.45 -4.62
C VAL A 16 10.37 10.23 -5.91
N ASN A 17 10.35 9.50 -7.01
CA ASN A 17 10.61 10.10 -8.31
C ASN A 17 9.28 10.49 -8.97
N LYS A 18 9.17 11.77 -9.29
CA LYS A 18 7.97 12.27 -9.92
C LYS A 18 7.84 11.67 -11.32
N GLN A 19 8.98 11.58 -11.99
CA GLN A 19 9.01 11.02 -13.33
C GLN A 19 8.08 9.81 -13.43
N THR A 20 8.13 8.99 -12.39
CA THR A 20 7.30 7.79 -12.34
C THR A 20 5.93 8.11 -11.72
N LYS A 21 5.18 8.95 -12.42
CA LYS A 21 3.86 9.35 -11.95
C LYS A 21 2.82 8.37 -12.50
N ASP A 22 2.83 8.23 -13.82
CA ASP A 22 1.89 7.33 -14.48
C ASP A 22 2.19 5.89 -14.07
N TYR A 23 3.43 5.49 -14.31
CA TYR A 23 3.86 4.14 -13.98
C TYR A 23 3.33 3.72 -12.61
N ALA A 24 3.53 4.59 -11.64
CA ALA A 24 3.07 4.33 -10.28
C ALA A 24 1.55 4.40 -10.23
N GLU A 25 1.01 5.39 -10.93
CA GLU A 25 -0.43 5.59 -10.98
C GLU A 25 -1.13 4.27 -11.35
N SER A 26 -0.36 3.39 -11.96
CA SER A 26 -0.89 2.09 -12.37
C SER A 26 -0.81 1.11 -11.20
N VAL A 27 0.40 0.76 -10.84
CA VAL A 27 0.62 -0.17 -9.74
C VAL A 27 -0.38 0.12 -8.63
N GLY A 28 -0.72 1.39 -8.50
CA GLY A 28 -1.68 1.81 -7.49
C GLY A 28 -3.09 1.41 -7.86
N ARG A 29 -3.47 1.74 -9.09
CA ARG A 29 -4.80 1.42 -9.58
C ARG A 29 -4.98 -0.10 -9.66
N LYS A 30 -3.86 -0.79 -9.83
CA LYS A 30 -3.89 -2.24 -9.93
C LYS A 30 -4.39 -2.82 -8.60
N VAL A 31 -3.89 -2.26 -7.51
CA VAL A 31 -4.28 -2.71 -6.19
C VAL A 31 -5.74 -2.31 -5.93
N ARG A 32 -6.16 -1.25 -6.60
CA ARG A 32 -7.52 -0.76 -6.45
C ARG A 32 -8.50 -1.68 -7.19
N ASP A 33 -8.03 -2.20 -8.30
CA ASP A 33 -8.85 -3.09 -9.11
C ASP A 33 -9.27 -4.30 -8.26
N LEU A 34 -8.54 -4.49 -7.18
CA LEU A 34 -8.81 -5.61 -6.28
C LEU A 34 -9.80 -5.15 -5.20
N GLY A 35 -10.03 -3.85 -5.16
CA GLY A 35 -10.93 -3.28 -4.19
C GLY A 35 -10.19 -2.81 -2.93
N MET A 36 -8.95 -2.39 -3.15
CA MET A 36 -8.12 -1.92 -2.06
C MET A 36 -7.76 -0.44 -2.24
N VAL A 37 -7.80 0.29 -1.12
CA VAL A 37 -7.48 1.70 -1.14
C VAL A 37 -6.00 1.88 -1.46
N VAL A 38 -5.75 2.72 -2.46
CA VAL A 38 -4.38 2.99 -2.87
C VAL A 38 -4.18 4.50 -2.99
N ASP A 39 -2.96 4.93 -2.70
CA ASP A 39 -2.62 6.34 -2.77
C ASP A 39 -1.24 6.50 -3.40
N LEU A 40 -0.92 7.73 -3.75
CA LEU A 40 0.37 8.04 -4.37
C LEU A 40 1.09 9.11 -3.54
N ILE A 41 2.30 8.78 -3.13
CA ILE A 41 3.10 9.70 -2.35
C ILE A 41 4.28 10.20 -3.19
N PHE A 42 4.16 11.45 -3.61
CA PHE A 42 5.21 12.07 -4.41
C PHE A 42 6.22 12.81 -3.53
N LEU A 43 7.45 12.30 -3.56
CA LEU A 43 8.52 12.90 -2.78
C LEU A 43 9.58 13.47 -3.72
N ASN A 44 9.24 14.59 -4.35
CA ASN A 44 10.15 15.24 -5.28
C ASN A 44 11.46 15.54 -4.55
N THR A 45 11.33 16.03 -3.33
CA THR A 45 12.50 16.36 -2.53
C THR A 45 12.15 16.33 -1.04
N GLU A 46 11.04 16.97 -0.72
CA GLU A 46 10.59 17.03 0.67
C GLU A 46 10.72 15.65 1.32
N VAL A 47 11.24 15.67 2.54
CA VAL A 47 11.43 14.44 3.29
C VAL A 47 12.11 13.40 2.40
N SER A 48 11.96 12.14 2.77
CA SER A 48 12.56 11.04 2.02
C SER A 48 11.63 9.83 2.04
N LEU A 49 12.11 8.75 1.46
CA LEU A 49 11.33 7.52 1.40
C LEU A 49 10.98 7.08 2.82
N SER A 50 12.03 6.85 3.61
CA SER A 50 11.84 6.43 5.00
C SER A 50 10.76 7.29 5.66
N GLN A 51 10.99 8.59 5.63
CA GLN A 51 10.05 9.52 6.22
C GLN A 51 8.62 9.14 5.87
N ALA A 52 8.46 8.65 4.64
CA ALA A 52 7.14 8.25 4.17
C ALA A 52 6.81 6.86 4.73
N LEU A 53 7.84 6.03 4.79
CA LEU A 53 7.66 4.67 5.31
C LEU A 53 7.13 4.74 6.74
N GLU A 54 7.51 5.82 7.42
CA GLU A 54 7.09 6.02 8.80
C GLU A 54 5.59 6.36 8.85
N ASP A 55 5.24 7.41 8.12
CA ASP A 55 3.86 7.85 8.08
C ASP A 55 2.98 6.71 7.54
N VAL A 56 3.60 5.81 6.81
CA VAL A 56 2.91 4.68 6.24
C VAL A 56 2.39 3.79 7.37
N SER A 57 3.33 3.21 8.11
CA SER A 57 2.98 2.34 9.22
C SER A 57 2.30 3.15 10.33
N ARG A 58 3.00 4.18 10.77
CA ARG A 58 2.48 5.04 11.82
C ARG A 58 1.07 5.51 11.47
N GLY A 59 0.80 5.56 10.18
CA GLY A 59 -0.50 5.99 9.70
C GLY A 59 -1.51 4.83 9.73
N GLY A 60 -0.99 3.63 9.50
CA GLY A 60 -1.83 2.45 9.50
C GLY A 60 -1.58 1.61 8.24
N SER A 61 -1.20 2.30 7.17
CA SER A 61 -0.92 1.63 5.92
C SER A 61 -0.21 0.29 6.17
N PRO A 62 -0.94 -0.82 5.84
CA PRO A 62 -0.39 -2.15 6.04
C PRO A 62 0.65 -2.47 4.97
N PHE A 63 0.30 -2.15 3.73
CA PHE A 63 1.19 -2.41 2.61
C PHE A 63 1.65 -1.10 1.98
N ALA A 64 2.91 -1.10 1.53
CA ALA A 64 3.48 0.07 0.91
C ALA A 64 4.35 -0.36 -0.27
N ILE A 65 4.04 0.21 -1.43
CA ILE A 65 4.78 -0.11 -2.63
C ILE A 65 5.85 0.95 -2.86
N VAL A 66 7.01 0.49 -3.33
CA VAL A 66 8.13 1.38 -3.60
C VAL A 66 8.26 1.61 -5.10
N ILE A 67 8.31 2.87 -5.47
CA ILE A 67 8.45 3.24 -6.87
C ILE A 67 9.66 4.14 -7.05
N THR A 68 10.29 4.02 -8.22
CA THR A 68 11.45 4.83 -8.52
C THR A 68 11.88 4.61 -9.98
N GLN A 69 12.66 5.56 -10.48
CA GLN A 69 13.15 5.48 -11.84
C GLN A 69 13.67 4.08 -12.15
N GLN A 70 14.68 3.69 -11.38
CA GLN A 70 15.28 2.37 -11.56
C GLN A 70 14.20 1.30 -11.66
N HIS A 71 13.25 1.37 -10.74
CA HIS A 71 12.15 0.41 -10.72
C HIS A 71 11.39 0.49 -12.04
N GLN A 72 11.22 1.72 -12.53
CA GLN A 72 10.51 1.94 -13.78
C GLN A 72 11.16 1.14 -14.90
N ILE A 73 12.41 0.78 -14.69
CA ILE A 73 13.15 0.02 -15.67
C ILE A 73 12.90 -1.47 -15.46
N HIS A 74 13.06 -1.90 -14.21
CA HIS A 74 12.85 -3.29 -13.86
C HIS A 74 11.36 -3.58 -13.81
N ARG A 75 10.57 -2.54 -14.01
CA ARG A 75 9.12 -2.68 -13.99
C ARG A 75 8.69 -3.50 -12.78
N SER A 76 9.37 -3.26 -11.67
CA SER A 76 9.07 -3.96 -10.43
C SER A 76 9.00 -2.97 -9.27
N CYS A 77 8.33 -3.40 -8.21
CA CYS A 77 8.18 -2.56 -7.03
C CYS A 77 8.59 -3.38 -5.81
N THR A 78 8.60 -2.72 -4.66
CA THR A 78 8.96 -3.36 -3.42
C THR A 78 7.82 -3.28 -2.41
N VAL A 79 7.21 -4.44 -2.16
CA VAL A 79 6.10 -4.51 -1.22
C VAL A 79 6.65 -4.79 0.18
N ASN A 80 6.25 -3.93 1.11
CA ASN A 80 6.68 -4.07 2.49
C ASN A 80 5.46 -4.00 3.41
N ILE A 81 5.21 -5.12 4.09
CA ILE A 81 4.07 -5.20 5.00
C ILE A 81 4.41 -4.44 6.28
N MET A 82 3.38 -3.90 6.90
CA MET A 82 3.54 -3.15 8.14
C MET A 82 2.64 -3.70 9.25
N PHE A 83 1.91 -4.76 8.90
CA PHE A 83 1.02 -5.39 9.85
C PHE A 83 1.21 -6.90 9.86
N GLY A 84 1.14 -7.47 11.07
CA GLY A 84 1.30 -8.91 11.22
C GLY A 84 2.60 -9.38 10.58
N THR A 85 3.56 -9.70 11.43
CA THR A 85 4.86 -10.17 10.96
C THR A 85 5.47 -9.14 10.00
N PRO A 86 6.60 -8.54 10.46
CA PRO A 86 7.30 -7.55 9.66
C PRO A 86 8.08 -8.21 8.52
N GLN A 87 7.42 -8.31 7.37
CA GLN A 87 8.04 -8.91 6.20
C GLN A 87 8.39 -7.84 5.17
N GLU A 88 9.41 -8.15 4.38
CA GLU A 88 9.85 -7.22 3.34
C GLU A 88 10.14 -7.98 2.04
N HIS A 89 9.25 -7.81 1.08
CA HIS A 89 9.40 -8.46 -0.20
C HIS A 89 10.08 -7.50 -1.19
N ARG A 90 11.28 -7.87 -1.61
CA ARG A 90 12.03 -7.06 -2.54
C ARG A 90 12.09 -7.74 -3.91
N ASN A 91 12.08 -6.92 -4.95
CA ASN A 91 12.13 -7.43 -6.31
C ASN A 91 10.94 -8.36 -6.54
N MET A 92 9.79 -7.73 -6.82
CA MET A 92 8.57 -8.48 -7.07
C MET A 92 7.84 -7.95 -8.30
N PRO A 93 7.40 -8.90 -9.16
CA PRO A 93 6.68 -8.54 -10.37
C PRO A 93 5.25 -8.11 -10.05
N GLN A 94 4.81 -7.04 -10.70
CA GLN A 94 3.48 -6.52 -10.50
C GLN A 94 2.48 -7.67 -10.35
N ALA A 95 2.33 -8.44 -11.42
CA ALA A 95 1.42 -9.57 -11.42
C ALA A 95 1.47 -10.25 -10.06
N ASP A 96 2.67 -10.65 -9.67
CA ASP A 96 2.87 -11.33 -8.40
C ASP A 96 2.45 -10.38 -7.26
N ALA A 97 2.98 -9.17 -7.32
CA ALA A 97 2.67 -8.18 -6.31
C ALA A 97 1.15 -8.08 -6.14
N MET A 98 0.46 -8.20 -7.26
CA MET A 98 -0.99 -8.12 -7.26
C MET A 98 -1.60 -9.35 -6.56
N VAL A 99 -0.85 -10.44 -6.61
CA VAL A 99 -1.30 -11.68 -5.99
C VAL A 99 -0.91 -11.69 -4.51
N LEU A 100 0.32 -11.26 -4.25
CA LEU A 100 0.83 -11.21 -2.89
C LEU A 100 -0.02 -10.22 -2.08
N VAL A 101 -0.58 -9.24 -2.78
CA VAL A 101 -1.40 -8.24 -2.13
C VAL A 101 -2.84 -8.76 -2.03
N ALA A 102 -3.33 -9.28 -3.15
CA ALA A 102 -4.68 -9.81 -3.20
C ALA A 102 -4.79 -11.00 -2.24
N ARG A 103 -3.70 -11.74 -2.15
CA ARG A 103 -3.66 -12.91 -1.28
C ARG A 103 -3.67 -12.47 0.20
N ASN A 104 -2.57 -11.86 0.61
CA ASN A 104 -2.45 -11.39 1.97
C ASN A 104 -3.74 -10.70 2.40
N TYR A 105 -4.18 -9.77 1.56
CA TYR A 105 -5.40 -9.03 1.83
C TYR A 105 -6.54 -9.98 2.23
N GLU A 106 -6.79 -10.94 1.36
CA GLU A 106 -7.85 -11.91 1.61
C GLU A 106 -7.79 -12.40 3.06
N ARG A 107 -6.65 -12.99 3.41
CA ARG A 107 -6.46 -13.50 4.75
C ARG A 107 -6.85 -12.45 5.79
N TYR A 108 -6.20 -11.30 5.69
CA TYR A 108 -6.46 -10.20 6.60
C TYR A 108 -7.96 -9.95 6.73
N LYS A 109 -8.63 -9.99 5.58
CA LYS A 109 -10.06 -9.77 5.55
C LYS A 109 -10.77 -10.89 6.30
N ASN A 110 -10.38 -12.11 5.99
CA ASN A 110 -10.97 -13.27 6.64
C ASN A 110 -11.02 -13.04 8.15
N GLU A 111 -10.03 -12.31 8.64
CA GLU A 111 -9.95 -12.01 10.06
C GLU A 111 -10.63 -10.67 10.36
N CYS A 112 -10.66 -9.82 9.34
CA CYS A 112 -11.28 -8.51 9.48
C CYS A 112 -12.76 -8.71 9.86
N ARG A 113 -13.48 -9.34 8.94
CA ARG A 113 -14.89 -9.60 9.17
C ARG A 113 -15.13 -10.08 10.61
N GLU A 114 -14.35 -11.07 11.00
CA GLU A 114 -14.45 -11.63 12.34
C GLU A 114 -14.31 -10.52 13.39
N LYS A 115 -15.46 -10.01 13.81
CA LYS A 115 -15.47 -8.94 14.81
C LYS A 115 -16.92 -8.64 15.20
N GLU A 116 -17.07 -7.71 16.12
CA GLU A 116 -18.38 -7.31 16.58
C GLU A 116 -19.35 -7.17 15.40
N ARG A 117 -20.36 -8.03 15.40
CA ARG A 117 -21.35 -8.01 14.34
C ARG A 117 -21.61 -6.57 13.88
N GLU A 118 -21.14 -6.28 12.67
CA GLU A 118 -21.30 -4.95 12.11
C GLU A 118 -22.76 -4.49 12.29
N GLU A 119 -22.94 -3.17 12.24
CA GLU A 119 -24.25 -2.58 12.39
C GLU A 119 -24.67 -1.88 11.09
N ILE A 120 -24.25 -2.46 9.99
CA ILE A 120 -24.58 -1.89 8.68
C ILE A 120 -25.64 -2.76 8.00
N ALA A 121 -26.54 -2.10 7.29
CA ALA A 121 -27.61 -2.79 6.60
C ALA A 121 -28.34 -3.71 7.58
N ARG A 122 -29.39 -4.34 7.07
CA ARG A 122 -30.18 -5.25 7.90
C ARG A 122 -30.43 -6.56 7.15
N GLN A 123 -29.68 -7.58 7.55
CA GLN A 123 -29.81 -8.90 6.93
C GLN A 123 -29.39 -8.83 5.46
N ALA A 124 -28.17 -9.30 5.21
CA ALA A 124 -27.64 -9.30 3.86
C ALA A 124 -27.98 -10.63 3.18
N SER A 125 -27.66 -10.71 1.89
CA SER A 125 -27.93 -11.91 1.13
C SER A 125 -26.66 -12.74 0.99
N GLY A 126 -26.85 -14.02 0.70
CA GLY A 126 -25.73 -14.93 0.55
C GLY A 126 -26.19 -16.39 0.65
N PRO A 127 -26.84 -16.87 -0.44
CA PRO A 127 -27.33 -18.23 -0.48
C PRO A 127 -26.18 -19.22 -0.67
N SER A 128 -25.44 -19.01 -1.75
CA SER A 128 -24.31 -19.87 -2.07
C SER A 128 -23.01 -19.08 -2.01
N SER A 129 -21.95 -19.75 -1.59
CA SER A 129 -20.64 -19.12 -1.49
C SER A 129 -19.62 -19.91 -2.30
N GLY A 130 -19.28 -19.36 -3.45
CA GLY A 130 -18.30 -20.00 -4.33
C GLY A 130 -17.64 -18.98 -5.25
N GLY A 1 4.12 17.16 6.91
CA GLY A 1 4.14 15.99 7.77
C GLY A 1 2.72 15.45 7.99
N SER A 2 2.25 14.70 7.00
CA SER A 2 0.91 14.13 7.08
C SER A 2 0.87 12.81 6.29
N SER A 3 1.43 12.86 5.08
CA SER A 3 1.45 11.69 4.23
C SER A 3 0.02 11.28 3.85
N GLY A 4 -0.56 10.44 4.69
CA GLY A 4 -1.92 9.97 4.45
C GLY A 4 -2.79 11.08 3.88
N SER A 5 -3.65 10.70 2.96
CA SER A 5 -4.55 11.65 2.32
C SER A 5 -5.78 11.87 3.20
N SER A 6 -6.49 10.78 3.44
CA SER A 6 -7.69 10.83 4.26
C SER A 6 -8.07 9.43 4.72
N GLY A 7 -7.43 8.99 5.80
CA GLY A 7 -7.69 7.67 6.35
C GLY A 7 -6.57 6.70 6.02
N PRO A 8 -6.80 5.41 6.35
CA PRO A 8 -5.80 4.38 6.10
C PRO A 8 -5.77 4.02 4.62
N VAL A 9 -4.72 3.30 4.24
CA VAL A 9 -4.55 2.89 2.85
C VAL A 9 -4.05 1.44 2.81
N ASP A 10 -4.89 0.57 2.26
CA ASP A 10 -4.55 -0.83 2.17
C ASP A 10 -3.11 -0.97 1.68
N CYS A 11 -2.79 -0.21 0.64
CA CYS A 11 -1.46 -0.23 0.07
C CYS A 11 -1.15 1.16 -0.49
N SER A 12 -0.17 1.80 0.13
CA SER A 12 0.24 3.13 -0.30
C SER A 12 1.44 3.04 -1.23
N VAL A 13 1.31 3.68 -2.38
CA VAL A 13 2.37 3.68 -3.37
C VAL A 13 3.35 4.82 -3.06
N ILE A 14 4.60 4.44 -2.83
CA ILE A 14 5.64 5.41 -2.53
C ILE A 14 6.41 5.73 -3.81
N VAL A 15 6.26 6.98 -4.25
CA VAL A 15 6.93 7.44 -5.45
C VAL A 15 7.73 8.69 -5.14
N VAL A 16 9.04 8.51 -5.00
CA VAL A 16 9.92 9.62 -4.70
C VAL A 16 10.22 10.40 -5.98
N ASN A 17 10.17 9.68 -7.10
CA ASN A 17 10.43 10.28 -8.39
C ASN A 17 9.10 10.58 -9.08
N LYS A 18 8.90 11.85 -9.42
CA LYS A 18 7.69 12.27 -10.08
C LYS A 18 7.59 11.59 -11.44
N GLN A 19 8.73 11.52 -12.11
CA GLN A 19 8.80 10.90 -13.42
C GLN A 19 7.94 9.63 -13.45
N THR A 20 8.06 8.85 -12.38
CA THR A 20 7.30 7.61 -12.28
C THR A 20 5.88 7.90 -11.77
N LYS A 21 5.19 8.77 -12.48
CA LYS A 21 3.84 9.13 -12.12
C LYS A 21 2.86 8.18 -12.79
N ASP A 22 2.78 8.29 -14.11
CA ASP A 22 1.90 7.44 -14.89
C ASP A 22 2.12 5.98 -14.49
N TYR A 23 3.38 5.64 -14.29
CA TYR A 23 3.74 4.28 -13.91
C TYR A 23 3.22 3.94 -12.51
N ALA A 24 3.75 4.66 -11.53
CA ALA A 24 3.34 4.45 -10.15
C ALA A 24 1.81 4.52 -10.05
N GLU A 25 1.24 5.41 -10.86
CA GLU A 25 -0.20 5.58 -10.87
C GLU A 25 -0.88 4.28 -11.30
N SER A 26 -0.12 3.44 -11.97
CA SER A 26 -0.65 2.17 -12.44
C SER A 26 -0.63 1.14 -11.30
N VAL A 27 0.57 0.77 -10.90
CA VAL A 27 0.74 -0.20 -9.83
C VAL A 27 -0.22 0.16 -8.68
N GLY A 28 -0.45 1.44 -8.52
CA GLY A 28 -1.33 1.93 -7.48
C GLY A 28 -2.80 1.64 -7.82
N ARG A 29 -3.11 1.81 -9.10
CA ARG A 29 -4.47 1.58 -9.57
C ARG A 29 -4.72 0.08 -9.74
N LYS A 30 -3.63 -0.66 -9.89
CA LYS A 30 -3.72 -2.10 -10.07
C LYS A 30 -4.19 -2.74 -8.77
N VAL A 31 -3.72 -2.17 -7.66
CA VAL A 31 -4.10 -2.68 -6.34
C VAL A 31 -5.55 -2.30 -6.05
N ARG A 32 -6.02 -1.30 -6.77
CA ARG A 32 -7.39 -0.82 -6.60
C ARG A 32 -8.36 -1.74 -7.36
N ASP A 33 -7.87 -2.26 -8.47
CA ASP A 33 -8.68 -3.14 -9.30
C ASP A 33 -9.11 -4.36 -8.48
N LEU A 34 -8.40 -4.56 -7.37
CA LEU A 34 -8.70 -5.68 -6.49
C LEU A 34 -9.71 -5.24 -5.42
N GLY A 35 -9.89 -3.92 -5.35
CA GLY A 35 -10.81 -3.36 -4.38
C GLY A 35 -10.07 -2.81 -3.16
N MET A 36 -8.74 -2.87 -3.25
CA MET A 36 -7.91 -2.39 -2.15
C MET A 36 -7.60 -0.89 -2.31
N VAL A 37 -7.74 -0.18 -1.21
CA VAL A 37 -7.49 1.25 -1.20
C VAL A 37 -6.01 1.51 -1.48
N VAL A 38 -5.77 2.37 -2.46
CA VAL A 38 -4.40 2.71 -2.84
C VAL A 38 -4.27 4.23 -2.90
N ASP A 39 -3.05 4.69 -2.62
CA ASP A 39 -2.77 6.12 -2.65
C ASP A 39 -1.41 6.36 -3.31
N LEU A 40 -1.14 7.61 -3.60
CA LEU A 40 0.11 7.99 -4.23
C LEU A 40 0.80 9.07 -3.39
N ILE A 41 2.06 8.81 -3.07
CA ILE A 41 2.83 9.74 -2.27
C ILE A 41 4.00 10.27 -3.11
N PHE A 42 3.80 11.48 -3.64
CA PHE A 42 4.83 12.10 -4.46
C PHE A 42 5.79 12.93 -3.60
N LEU A 43 7.04 12.51 -3.59
CA LEU A 43 8.06 13.20 -2.81
C LEU A 43 9.00 13.94 -3.76
N ASN A 44 8.41 14.82 -4.55
CA ASN A 44 9.18 15.59 -5.51
C ASN A 44 10.46 16.11 -4.83
N THR A 45 10.27 17.00 -3.88
CA THR A 45 11.39 17.58 -3.15
C THR A 45 10.97 17.94 -1.73
N GLU A 46 10.72 16.90 -0.94
CA GLU A 46 10.31 17.09 0.44
C GLU A 46 11.34 16.46 1.40
N VAL A 47 11.10 15.21 1.71
CA VAL A 47 11.99 14.47 2.60
C VAL A 47 12.52 13.23 1.89
N SER A 48 12.67 12.16 2.66
CA SER A 48 13.16 10.90 2.10
C SER A 48 12.03 9.89 2.03
N LEU A 49 12.35 8.74 1.46
CA LEU A 49 11.37 7.67 1.32
C LEU A 49 10.96 7.16 2.71
N SER A 50 11.97 6.81 3.49
CA SER A 50 11.72 6.31 4.83
C SER A 50 10.74 7.22 5.57
N GLN A 51 10.99 8.52 5.46
CA GLN A 51 10.15 9.51 6.10
C GLN A 51 8.67 9.18 5.84
N ALA A 52 8.41 8.67 4.65
CA ALA A 52 7.06 8.31 4.26
C ALA A 52 6.70 6.96 4.88
N LEU A 53 7.67 6.06 4.86
CA LEU A 53 7.46 4.72 5.42
C LEU A 53 7.08 4.85 6.89
N GLU A 54 7.74 5.78 7.57
CA GLU A 54 7.48 6.01 8.98
C GLU A 54 6.04 6.46 9.19
N ASP A 55 5.57 7.28 8.26
CA ASP A 55 4.21 7.79 8.33
C ASP A 55 3.24 6.75 7.77
N VAL A 56 3.77 5.92 6.89
CA VAL A 56 2.96 4.87 6.28
C VAL A 56 2.45 3.93 7.37
N SER A 57 3.34 3.59 8.29
CA SER A 57 2.99 2.71 9.38
C SER A 57 1.98 3.39 10.31
N ARG A 58 2.45 4.44 10.96
CA ARG A 58 1.61 5.19 11.88
C ARG A 58 0.25 5.47 11.24
N GLY A 59 0.29 5.72 9.94
CA GLY A 59 -0.93 6.00 9.19
C GLY A 59 -1.88 4.81 9.22
N GLY A 60 -1.29 3.62 9.27
CA GLY A 60 -2.07 2.40 9.29
C GLY A 60 -1.77 1.52 8.07
N SER A 61 -1.43 2.20 6.98
CA SER A 61 -1.12 1.50 5.74
C SER A 61 -0.33 0.22 6.04
N PRO A 62 -1.00 -0.93 5.82
CA PRO A 62 -0.37 -2.22 6.07
C PRO A 62 0.64 -2.56 4.96
N PHE A 63 0.30 -2.14 3.76
CA PHE A 63 1.16 -2.39 2.61
C PHE A 63 1.69 -1.08 2.02
N ALA A 64 2.90 -1.15 1.47
CA ALA A 64 3.53 0.02 0.88
C ALA A 64 4.35 -0.42 -0.33
N ILE A 65 4.08 0.23 -1.45
CA ILE A 65 4.79 -0.08 -2.69
C ILE A 65 5.88 0.97 -2.92
N VAL A 66 7.03 0.50 -3.38
CA VAL A 66 8.15 1.38 -3.64
C VAL A 66 8.22 1.66 -5.14
N ILE A 67 8.37 2.94 -5.46
CA ILE A 67 8.47 3.36 -6.85
C ILE A 67 9.69 4.25 -7.03
N THR A 68 10.28 4.15 -8.22
CA THR A 68 11.46 4.94 -8.53
C THR A 68 11.88 4.72 -10.00
N GLN A 69 12.90 5.46 -10.40
CA GLN A 69 13.40 5.35 -11.76
C GLN A 69 13.65 3.88 -12.12
N GLN A 70 14.60 3.29 -11.43
CA GLN A 70 14.94 1.89 -11.66
C GLN A 70 13.67 1.04 -11.68
N HIS A 71 13.04 0.94 -10.51
CA HIS A 71 11.82 0.16 -10.38
C HIS A 71 10.98 0.31 -11.63
N GLN A 72 11.01 1.52 -12.20
CA GLN A 72 10.25 1.81 -13.40
C GLN A 72 10.73 0.92 -14.55
N ILE A 73 12.03 1.01 -14.82
CA ILE A 73 12.63 0.23 -15.89
C ILE A 73 12.36 -1.26 -15.64
N HIS A 74 12.83 -1.73 -14.51
CA HIS A 74 12.65 -3.13 -14.14
C HIS A 74 11.16 -3.43 -14.00
N ARG A 75 10.39 -2.36 -13.87
CA ARG A 75 8.94 -2.50 -13.73
C ARG A 75 8.61 -3.35 -12.50
N SER A 76 9.47 -3.26 -11.50
CA SER A 76 9.28 -4.02 -10.27
C SER A 76 9.27 -3.07 -9.08
N CYS A 77 8.38 -3.36 -8.14
CA CYS A 77 8.27 -2.54 -6.93
C CYS A 77 8.62 -3.41 -5.72
N THR A 78 8.62 -2.79 -4.56
CA THR A 78 8.93 -3.49 -3.33
C THR A 78 7.73 -3.45 -2.37
N VAL A 79 7.23 -4.64 -2.06
CA VAL A 79 6.10 -4.76 -1.17
C VAL A 79 6.60 -4.87 0.27
N ASN A 80 6.38 -3.80 1.02
CA ASN A 80 6.81 -3.75 2.41
C ASN A 80 5.58 -3.73 3.31
N ILE A 81 5.38 -4.84 4.02
CA ILE A 81 4.24 -4.95 4.92
C ILE A 81 4.54 -4.21 6.22
N MET A 82 3.49 -3.70 6.83
CA MET A 82 3.64 -2.96 8.08
C MET A 82 2.98 -3.72 9.24
N PHE A 83 1.99 -4.54 8.88
CA PHE A 83 1.28 -5.32 9.88
C PHE A 83 1.83 -6.74 9.96
N GLY A 84 1.70 -7.32 11.15
CA GLY A 84 2.18 -8.67 11.38
C GLY A 84 3.70 -8.74 11.30
N THR A 85 4.21 -9.93 11.02
CA THR A 85 5.63 -10.14 10.93
C THR A 85 6.24 -9.22 9.85
N PRO A 86 7.49 -8.79 10.11
CA PRO A 86 8.19 -7.91 9.19
C PRO A 86 8.67 -8.67 7.96
N GLN A 87 7.89 -8.57 6.89
CA GLN A 87 8.22 -9.25 5.65
C GLN A 87 8.53 -8.23 4.55
N GLU A 88 9.81 -8.16 4.19
CA GLU A 88 10.25 -7.23 3.16
C GLU A 88 10.62 -8.00 1.89
N HIS A 89 9.67 -8.04 0.96
CA HIS A 89 9.89 -8.73 -0.30
C HIS A 89 10.63 -7.81 -1.27
N ARG A 90 11.88 -8.15 -1.53
CA ARG A 90 12.70 -7.36 -2.43
C ARG A 90 12.63 -7.95 -3.84
N ASN A 91 12.42 -7.06 -4.80
CA ASN A 91 12.33 -7.46 -6.20
C ASN A 91 11.08 -8.31 -6.39
N MET A 92 9.98 -7.63 -6.70
CA MET A 92 8.72 -8.30 -6.92
C MET A 92 8.06 -7.82 -8.21
N PRO A 93 7.61 -8.81 -9.03
CA PRO A 93 6.96 -8.49 -10.29
C PRO A 93 5.53 -8.00 -10.06
N GLN A 94 5.15 -7.00 -10.84
CA GLN A 94 3.81 -6.43 -10.73
C GLN A 94 2.79 -7.54 -10.47
N ALA A 95 2.63 -8.40 -11.45
CA ALA A 95 1.69 -9.51 -11.34
C ALA A 95 1.73 -10.05 -9.91
N ASP A 96 2.82 -10.74 -9.61
CA ASP A 96 2.99 -11.32 -8.29
C ASP A 96 2.59 -10.29 -7.22
N ALA A 97 3.18 -9.12 -7.33
CA ALA A 97 2.89 -8.04 -6.39
C ALA A 97 1.38 -7.87 -6.27
N MET A 98 0.71 -7.96 -7.40
CA MET A 98 -0.73 -7.82 -7.43
C MET A 98 -1.42 -9.06 -6.83
N VAL A 99 -0.68 -10.16 -6.84
CA VAL A 99 -1.20 -11.40 -6.30
C VAL A 99 -0.95 -11.46 -4.80
N LEU A 100 0.30 -11.19 -4.43
CA LEU A 100 0.69 -11.20 -3.04
C LEU A 100 -0.24 -10.28 -2.24
N VAL A 101 -0.53 -9.13 -2.85
CA VAL A 101 -1.40 -8.15 -2.21
C VAL A 101 -2.82 -8.70 -2.15
N ALA A 102 -3.25 -9.28 -3.27
CA ALA A 102 -4.58 -9.84 -3.35
C ALA A 102 -4.64 -11.12 -2.51
N ARG A 103 -3.47 -11.61 -2.13
CA ARG A 103 -3.37 -12.81 -1.34
C ARG A 103 -3.43 -12.46 0.15
N ASN A 104 -2.53 -11.58 0.57
CA ASN A 104 -2.47 -11.17 1.96
C ASN A 104 -3.81 -10.55 2.36
N TYR A 105 -4.21 -9.53 1.60
CA TYR A 105 -5.47 -8.86 1.87
C TYR A 105 -6.55 -9.85 2.30
N GLU A 106 -6.66 -10.92 1.53
CA GLU A 106 -7.65 -11.94 1.83
C GLU A 106 -7.55 -12.38 3.29
N ARG A 107 -6.37 -12.85 3.66
CA ARG A 107 -6.13 -13.28 5.03
C ARG A 107 -6.15 -12.09 5.97
N TYR A 108 -5.37 -11.08 5.62
CA TYR A 108 -5.30 -9.88 6.44
C TYR A 108 -6.68 -9.42 6.88
N LYS A 109 -7.67 -9.73 6.06
CA LYS A 109 -9.04 -9.36 6.34
C LYS A 109 -9.62 -10.34 7.36
N ASN A 110 -9.30 -11.61 7.16
CA ASN A 110 -9.78 -12.66 8.05
C ASN A 110 -9.57 -12.22 9.49
N GLU A 111 -8.45 -11.56 9.72
CA GLU A 111 -8.12 -11.09 11.06
C GLU A 111 -8.65 -9.67 11.27
N CYS A 112 -8.82 -8.96 10.16
CA CYS A 112 -9.31 -7.60 10.20
C CYS A 112 -10.69 -7.62 10.89
N ARG A 113 -11.59 -8.41 10.32
CA ARG A 113 -12.93 -8.53 10.86
C ARG A 113 -12.89 -8.60 12.39
N GLU A 114 -12.01 -9.45 12.88
CA GLU A 114 -11.86 -9.61 14.32
C GLU A 114 -11.66 -8.26 14.99
N LYS A 115 -12.73 -7.77 15.60
CA LYS A 115 -12.68 -6.49 16.28
C LYS A 115 -12.84 -5.37 15.26
N GLU A 116 -13.67 -4.40 15.61
CA GLU A 116 -13.92 -3.27 14.74
C GLU A 116 -14.91 -3.65 13.63
N ARG A 117 -14.52 -4.64 12.86
CA ARG A 117 -15.36 -5.12 11.77
C ARG A 117 -15.57 -4.01 10.74
N GLU A 118 -15.57 -4.41 9.47
CA GLU A 118 -15.76 -3.47 8.39
C GLU A 118 -16.96 -2.57 8.68
N GLU A 119 -17.18 -1.62 7.77
CA GLU A 119 -18.29 -0.69 7.91
C GLU A 119 -19.28 -0.87 6.76
N ILE A 120 -19.34 -2.10 6.26
CA ILE A 120 -20.24 -2.42 5.16
C ILE A 120 -21.66 -2.56 5.72
N ALA A 121 -22.48 -1.56 5.40
CA ALA A 121 -23.86 -1.56 5.86
C ALA A 121 -24.62 -2.69 5.16
N ARG A 122 -25.74 -3.06 5.76
CA ARG A 122 -26.56 -4.13 5.22
C ARG A 122 -26.92 -3.83 3.76
N GLN A 123 -26.96 -4.88 2.96
CA GLN A 123 -27.29 -4.75 1.55
C GLN A 123 -26.14 -4.07 0.81
N ALA A 124 -25.84 -4.60 -0.37
CA ALA A 124 -24.78 -4.06 -1.19
C ALA A 124 -24.89 -4.62 -2.60
N SER A 125 -24.92 -5.95 -2.68
CA SER A 125 -25.03 -6.62 -3.97
C SER A 125 -23.78 -6.33 -4.81
N GLY A 126 -23.60 -7.15 -5.84
CA GLY A 126 -22.46 -6.99 -6.73
C GLY A 126 -22.51 -8.02 -7.87
N PRO A 127 -21.46 -7.98 -8.72
CA PRO A 127 -21.37 -8.89 -9.85
C PRO A 127 -20.99 -10.29 -9.39
N SER A 128 -21.80 -11.26 -9.80
CA SER A 128 -21.55 -12.64 -9.44
C SER A 128 -21.97 -13.56 -10.59
N SER A 129 -23.24 -13.48 -10.94
CA SER A 129 -23.77 -14.30 -12.02
C SER A 129 -24.09 -13.42 -13.23
N GLY A 130 -23.50 -13.80 -14.37
CA GLY A 130 -23.72 -13.06 -15.60
C GLY A 130 -24.37 -13.95 -16.66
N GLY A 1 6.00 19.79 8.24
CA GLY A 1 4.97 19.09 7.48
C GLY A 1 5.59 17.93 6.69
N SER A 2 4.84 16.84 6.64
CA SER A 2 5.30 15.65 5.93
C SER A 2 4.09 14.87 5.40
N SER A 3 3.76 15.13 4.14
CA SER A 3 2.64 14.46 3.50
C SER A 3 1.35 14.75 4.27
N GLY A 4 0.25 14.71 3.54
CA GLY A 4 -1.05 14.97 4.14
C GLY A 4 -1.60 13.73 4.84
N SER A 5 -2.10 12.80 4.02
CA SER A 5 -2.64 11.57 4.56
C SER A 5 -3.85 11.87 5.44
N SER A 6 -5.02 11.48 4.95
CA SER A 6 -6.25 11.69 5.70
C SER A 6 -6.76 10.37 6.26
N GLY A 7 -7.04 9.44 5.36
CA GLY A 7 -7.54 8.14 5.75
C GLY A 7 -6.47 7.06 5.55
N PRO A 8 -6.86 5.80 5.89
CA PRO A 8 -5.95 4.68 5.75
C PRO A 8 -5.80 4.28 4.28
N VAL A 9 -4.63 3.76 3.96
CA VAL A 9 -4.35 3.33 2.60
C VAL A 9 -3.85 1.88 2.62
N ASP A 10 -4.74 0.97 2.26
CA ASP A 10 -4.40 -0.44 2.23
C ASP A 10 -2.99 -0.61 1.67
N CYS A 11 -2.68 0.19 0.66
CA CYS A 11 -1.38 0.13 0.04
C CYS A 11 -0.98 1.55 -0.37
N SER A 12 0.15 1.99 0.17
CA SER A 12 0.66 3.32 -0.12
C SER A 12 1.83 3.24 -1.10
N VAL A 13 1.68 3.92 -2.22
CA VAL A 13 2.72 3.92 -3.24
C VAL A 13 3.70 5.05 -2.93
N ILE A 14 4.95 4.65 -2.71
CA ILE A 14 6.00 5.61 -2.40
C ILE A 14 6.83 5.85 -3.67
N VAL A 15 6.57 7.00 -4.29
CA VAL A 15 7.29 7.37 -5.51
C VAL A 15 8.21 8.55 -5.21
N VAL A 16 9.47 8.25 -5.00
CA VAL A 16 10.46 9.28 -4.71
C VAL A 16 10.89 9.95 -6.01
N ASN A 17 9.90 10.51 -6.70
CA ASN A 17 10.16 11.19 -7.95
C ASN A 17 8.83 11.61 -8.59
N LYS A 18 8.93 12.08 -9.82
CA LYS A 18 7.75 12.52 -10.54
C LYS A 18 7.63 11.74 -11.86
N GLN A 19 8.77 11.60 -12.52
CA GLN A 19 8.81 10.89 -13.79
C GLN A 19 7.91 9.65 -13.73
N THR A 20 8.00 8.94 -12.61
CA THR A 20 7.20 7.75 -12.41
C THR A 20 5.85 8.10 -11.77
N LYS A 21 5.17 9.06 -12.40
CA LYS A 21 3.88 9.50 -11.90
C LYS A 21 2.80 8.59 -12.47
N ASP A 22 2.75 8.52 -13.79
CA ASP A 22 1.77 7.70 -14.47
C ASP A 22 1.99 6.23 -14.09
N TYR A 23 3.25 5.82 -14.15
CA TYR A 23 3.60 4.45 -13.83
C TYR A 23 3.16 4.10 -12.40
N ALA A 24 3.71 4.83 -11.45
CA ALA A 24 3.38 4.60 -10.05
C ALA A 24 1.86 4.63 -9.87
N GLU A 25 1.23 5.53 -10.61
CA GLU A 25 -0.22 5.66 -10.54
C GLU A 25 -0.89 4.39 -11.05
N SER A 26 -0.08 3.52 -11.64
CA SER A 26 -0.58 2.27 -12.18
C SER A 26 -0.53 1.19 -11.10
N VAL A 27 0.68 0.77 -10.78
CA VAL A 27 0.89 -0.26 -9.77
C VAL A 27 -0.05 0.01 -8.59
N GLY A 28 -0.34 1.28 -8.38
CA GLY A 28 -1.22 1.68 -7.29
C GLY A 28 -2.68 1.37 -7.62
N ARG A 29 -3.06 1.73 -8.84
CA ARG A 29 -4.42 1.50 -9.30
C ARG A 29 -4.66 0.00 -9.51
N LYS A 30 -3.59 -0.70 -9.85
CA LYS A 30 -3.67 -2.13 -10.08
C LYS A 30 -4.16 -2.82 -8.81
N VAL A 31 -3.68 -2.33 -7.68
CA VAL A 31 -4.07 -2.88 -6.40
C VAL A 31 -5.53 -2.53 -6.11
N ARG A 32 -5.97 -1.42 -6.68
CA ARG A 32 -7.33 -0.97 -6.49
C ARG A 32 -8.29 -1.85 -7.29
N ASP A 33 -7.81 -2.33 -8.43
CA ASP A 33 -8.62 -3.19 -9.29
C ASP A 33 -9.02 -4.45 -8.50
N LEU A 34 -8.30 -4.68 -7.42
CA LEU A 34 -8.57 -5.84 -6.59
C LEU A 34 -9.56 -5.46 -5.48
N GLY A 35 -9.75 -4.15 -5.35
CA GLY A 35 -10.67 -3.64 -4.34
C GLY A 35 -9.91 -3.20 -3.09
N MET A 36 -8.69 -2.75 -3.30
CA MET A 36 -7.85 -2.30 -2.20
C MET A 36 -7.55 -0.81 -2.31
N VAL A 37 -7.69 -0.13 -1.18
CA VAL A 37 -7.44 1.31 -1.14
C VAL A 37 -5.95 1.57 -1.39
N VAL A 38 -5.69 2.30 -2.45
CA VAL A 38 -4.32 2.62 -2.81
C VAL A 38 -4.21 4.13 -3.06
N ASP A 39 -3.01 4.66 -2.80
CA ASP A 39 -2.75 6.07 -2.99
C ASP A 39 -1.33 6.26 -3.50
N LEU A 40 -1.05 7.49 -3.94
CA LEU A 40 0.26 7.82 -4.46
C LEU A 40 0.91 8.88 -3.55
N ILE A 41 2.16 8.62 -3.19
CA ILE A 41 2.89 9.53 -2.34
C ILE A 41 4.07 10.13 -3.13
N PHE A 42 3.92 11.39 -3.49
CA PHE A 42 4.95 12.08 -4.25
C PHE A 42 5.90 12.84 -3.32
N LEU A 43 7.17 12.47 -3.40
CA LEU A 43 8.18 13.10 -2.57
C LEU A 43 8.99 14.09 -3.41
N ASN A 44 8.37 15.22 -3.69
CA ASN A 44 9.02 16.25 -4.48
C ASN A 44 10.18 16.86 -3.68
N THR A 45 11.21 16.05 -3.49
CA THR A 45 12.37 16.49 -2.74
C THR A 45 11.96 17.10 -1.40
N GLU A 46 10.97 16.46 -0.78
CA GLU A 46 10.46 16.92 0.49
C GLU A 46 11.34 16.38 1.63
N VAL A 47 11.35 15.07 1.75
CA VAL A 47 12.14 14.41 2.79
C VAL A 47 12.75 13.13 2.22
N SER A 48 12.81 12.12 3.07
CA SER A 48 13.38 10.83 2.67
C SER A 48 12.27 9.79 2.57
N LEU A 49 12.52 8.77 1.76
CA LEU A 49 11.56 7.70 1.56
C LEU A 49 11.05 7.23 2.93
N SER A 50 11.99 6.87 3.79
CA SER A 50 11.66 6.41 5.11
C SER A 50 10.59 7.31 5.73
N GLN A 51 10.84 8.61 5.63
CA GLN A 51 9.92 9.60 6.17
C GLN A 51 8.48 9.27 5.75
N ALA A 52 8.37 8.68 4.57
CA ALA A 52 7.07 8.32 4.04
C ALA A 52 6.64 6.97 4.63
N LEU A 53 7.62 6.08 4.75
CA LEU A 53 7.37 4.76 5.30
C LEU A 53 6.74 4.90 6.69
N GLU A 54 7.30 5.81 7.48
CA GLU A 54 6.81 6.04 8.82
C GLU A 54 5.34 6.43 8.79
N ASP A 55 4.99 7.22 7.77
CA ASP A 55 3.62 7.68 7.61
C ASP A 55 2.74 6.49 7.24
N VAL A 56 3.32 5.56 6.50
CA VAL A 56 2.60 4.37 6.07
C VAL A 56 2.23 3.53 7.30
N SER A 57 3.17 3.46 8.24
CA SER A 57 2.96 2.70 9.46
C SER A 57 2.19 3.55 10.47
N ARG A 58 2.70 4.76 10.69
CA ARG A 58 2.08 5.67 11.63
C ARG A 58 0.67 6.05 11.15
N GLY A 59 0.47 5.91 9.84
CA GLY A 59 -0.81 6.24 9.25
C GLY A 59 -1.77 5.05 9.33
N GLY A 60 -1.21 3.86 9.26
CA GLY A 60 -1.99 2.65 9.33
C GLY A 60 -1.73 1.75 8.12
N SER A 61 -1.40 2.40 7.01
CA SER A 61 -1.12 1.67 5.78
C SER A 61 -0.37 0.37 6.09
N PRO A 62 -1.03 -0.77 5.76
CA PRO A 62 -0.44 -2.07 6.00
C PRO A 62 0.66 -2.36 4.98
N PHE A 63 0.36 -2.08 3.73
CA PHE A 63 1.31 -2.31 2.66
C PHE A 63 1.78 -0.99 2.04
N ALA A 64 2.99 -1.02 1.49
CA ALA A 64 3.56 0.16 0.88
C ALA A 64 4.38 -0.26 -0.35
N ILE A 65 4.06 0.35 -1.47
CA ILE A 65 4.75 0.05 -2.71
C ILE A 65 5.87 1.07 -2.92
N VAL A 66 6.99 0.60 -3.43
CA VAL A 66 8.13 1.45 -3.69
C VAL A 66 8.29 1.65 -5.19
N ILE A 67 8.46 2.91 -5.58
CA ILE A 67 8.62 3.24 -6.99
C ILE A 67 9.90 4.05 -7.17
N THR A 68 10.49 3.92 -8.34
CA THR A 68 11.72 4.63 -8.66
C THR A 68 12.11 4.40 -10.11
N GLN A 69 12.98 5.29 -10.61
CA GLN A 69 13.44 5.20 -11.98
C GLN A 69 13.65 3.73 -12.37
N GLN A 70 14.61 3.11 -11.70
CA GLN A 70 14.93 1.72 -11.97
C GLN A 70 13.66 0.87 -11.92
N HIS A 71 13.04 0.85 -10.75
CA HIS A 71 11.83 0.08 -10.56
C HIS A 71 10.94 0.21 -11.80
N GLN A 72 10.95 1.41 -12.37
CA GLN A 72 10.15 1.67 -13.56
C GLN A 72 10.61 0.78 -14.71
N ILE A 73 11.91 0.80 -14.95
CA ILE A 73 12.48 -0.01 -16.01
C ILE A 73 12.10 -1.47 -15.81
N HIS A 74 12.61 -2.04 -14.73
CA HIS A 74 12.32 -3.42 -14.41
C HIS A 74 10.82 -3.61 -14.20
N ARG A 75 10.15 -2.49 -13.97
CA ARG A 75 8.71 -2.51 -13.76
C ARG A 75 8.38 -3.33 -12.50
N SER A 76 9.28 -3.25 -11.53
CA SER A 76 9.09 -3.96 -10.28
C SER A 76 9.13 -2.99 -9.10
N CYS A 77 8.29 -3.26 -8.11
CA CYS A 77 8.21 -2.42 -6.93
C CYS A 77 8.53 -3.28 -5.71
N THR A 78 8.60 -2.63 -4.56
CA THR A 78 8.90 -3.31 -3.32
C THR A 78 7.71 -3.21 -2.36
N VAL A 79 7.10 -4.36 -2.09
CA VAL A 79 5.97 -4.41 -1.18
C VAL A 79 6.46 -4.65 0.24
N ASN A 80 6.25 -3.64 1.08
CA ASN A 80 6.67 -3.72 2.46
C ASN A 80 5.43 -3.75 3.37
N ILE A 81 5.29 -4.85 4.10
CA ILE A 81 4.16 -5.01 5.00
C ILE A 81 4.47 -4.34 6.33
N MET A 82 3.45 -3.76 6.92
CA MET A 82 3.59 -3.08 8.20
C MET A 82 2.95 -3.88 9.33
N PHE A 83 1.93 -4.65 8.96
CA PHE A 83 1.22 -5.47 9.92
C PHE A 83 1.68 -6.93 9.85
N GLY A 84 1.63 -7.60 11.00
CA GLY A 84 2.04 -8.99 11.08
C GLY A 84 3.56 -9.11 10.99
N THR A 85 4.00 -10.34 10.76
CA THR A 85 5.43 -10.62 10.65
C THR A 85 6.08 -9.65 9.65
N PRO A 86 7.36 -9.30 9.95
CA PRO A 86 8.10 -8.39 9.11
C PRO A 86 8.56 -9.10 7.82
N GLN A 87 7.83 -8.84 6.75
CA GLN A 87 8.15 -9.43 5.46
C GLN A 87 8.53 -8.35 4.45
N GLU A 88 9.81 -8.35 4.09
CA GLU A 88 10.32 -7.38 3.15
C GLU A 88 10.54 -8.03 1.79
N HIS A 89 9.62 -7.76 0.88
CA HIS A 89 9.71 -8.32 -0.46
C HIS A 89 10.54 -7.38 -1.35
N ARG A 90 11.72 -7.87 -1.72
CA ARG A 90 12.61 -7.10 -2.56
C ARG A 90 12.58 -7.63 -4.00
N ASN A 91 12.36 -6.70 -4.94
CA ASN A 91 12.30 -7.05 -6.33
C ASN A 91 11.16 -8.05 -6.56
N MET A 92 10.01 -7.51 -6.93
CA MET A 92 8.84 -8.34 -7.18
C MET A 92 8.08 -7.86 -8.41
N PRO A 93 7.65 -8.84 -9.24
CA PRO A 93 6.92 -8.53 -10.45
C PRO A 93 5.47 -8.13 -10.14
N GLN A 94 5.00 -7.12 -10.84
CA GLN A 94 3.65 -6.62 -10.65
C GLN A 94 2.69 -7.79 -10.41
N ALA A 95 2.55 -8.62 -11.44
CA ALA A 95 1.68 -9.77 -11.36
C ALA A 95 1.80 -10.40 -9.97
N ASP A 96 3.04 -10.64 -9.57
CA ASP A 96 3.31 -11.23 -8.27
C ASP A 96 2.79 -10.31 -7.17
N ALA A 97 3.31 -9.09 -7.18
CA ALA A 97 2.92 -8.10 -6.18
C ALA A 97 1.40 -8.08 -6.07
N MET A 98 0.75 -8.13 -7.22
CA MET A 98 -0.71 -8.12 -7.26
C MET A 98 -1.29 -9.36 -6.56
N VAL A 99 -0.51 -10.44 -6.61
CA VAL A 99 -0.93 -11.68 -6.00
C VAL A 99 -0.60 -11.65 -4.50
N LEU A 100 0.59 -11.14 -4.20
CA LEU A 100 1.04 -11.04 -2.83
C LEU A 100 0.13 -10.08 -2.06
N VAL A 101 -0.43 -9.15 -2.79
CA VAL A 101 -1.33 -8.16 -2.20
C VAL A 101 -2.75 -8.73 -2.19
N ALA A 102 -3.16 -9.22 -3.35
CA ALA A 102 -4.50 -9.78 -3.49
C ALA A 102 -4.64 -10.97 -2.53
N ARG A 103 -3.54 -11.68 -2.35
CA ARG A 103 -3.53 -12.84 -1.46
C ARG A 103 -3.61 -12.39 -0.01
N ASN A 104 -2.54 -11.74 0.43
CA ASN A 104 -2.47 -11.26 1.80
C ASN A 104 -3.76 -10.50 2.14
N TYR A 105 -4.04 -9.50 1.33
CA TYR A 105 -5.25 -8.69 1.54
C TYR A 105 -6.43 -9.57 1.98
N GLU A 106 -6.74 -10.54 1.15
CA GLU A 106 -7.83 -11.45 1.43
C GLU A 106 -7.83 -11.83 2.91
N ARG A 107 -6.71 -12.38 3.36
CA ARG A 107 -6.56 -12.78 4.75
C ARG A 107 -6.56 -11.55 5.66
N TYR A 108 -5.59 -10.67 5.40
CA TYR A 108 -5.47 -9.46 6.19
C TYR A 108 -6.83 -8.91 6.57
N LYS A 109 -7.75 -8.95 5.62
CA LYS A 109 -9.10 -8.47 5.84
C LYS A 109 -9.76 -9.29 6.94
N ASN A 110 -9.71 -10.60 6.76
CA ASN A 110 -10.30 -11.51 7.73
C ASN A 110 -9.90 -11.08 9.14
N GLU A 111 -8.67 -10.59 9.25
CA GLU A 111 -8.15 -10.15 10.53
C GLU A 111 -8.61 -8.72 10.82
N CYS A 112 -8.79 -7.96 9.74
CA CYS A 112 -9.22 -6.58 9.85
C CYS A 112 -10.63 -6.56 10.47
N ARG A 113 -11.52 -7.30 9.82
CA ARG A 113 -12.90 -7.38 10.29
C ARG A 113 -12.94 -7.57 11.80
N GLU A 114 -12.30 -8.65 12.25
CA GLU A 114 -12.26 -8.96 13.67
C GLU A 114 -12.07 -7.68 14.48
N LYS A 115 -13.14 -7.28 15.15
CA LYS A 115 -13.09 -6.08 15.97
C LYS A 115 -11.77 -6.02 16.71
N GLU A 116 -11.08 -4.89 16.55
CA GLU A 116 -9.80 -4.69 17.20
C GLU A 116 -9.31 -3.26 16.99
N ARG A 117 -9.35 -2.83 15.73
CA ARG A 117 -8.93 -1.49 15.38
C ARG A 117 -9.29 -0.51 16.50
N GLU A 118 -8.35 0.38 16.79
CA GLU A 118 -8.56 1.38 17.83
C GLU A 118 -9.96 2.00 17.70
N GLU A 119 -10.33 2.75 18.72
CA GLU A 119 -11.62 3.40 18.74
C GLU A 119 -11.46 4.92 18.68
N ILE A 120 -10.40 5.34 17.99
CA ILE A 120 -10.12 6.75 17.85
C ILE A 120 -11.02 7.35 16.76
N ALA A 121 -11.98 8.15 17.21
CA ALA A 121 -12.92 8.79 16.30
C ALA A 121 -13.61 7.71 15.47
N ARG A 122 -14.71 7.22 16.00
CA ARG A 122 -15.49 6.19 15.32
C ARG A 122 -15.74 6.59 13.88
N GLN A 123 -15.75 5.59 13.01
CA GLN A 123 -15.99 5.82 11.59
C GLN A 123 -16.96 4.78 11.03
N ALA A 124 -18.25 5.10 11.12
CA ALA A 124 -19.28 4.21 10.62
C ALA A 124 -18.91 3.73 9.22
N SER A 125 -19.07 2.43 9.01
CA SER A 125 -18.76 1.83 7.72
C SER A 125 -19.18 0.36 7.71
N GLY A 126 -19.76 -0.04 6.59
CA GLY A 126 -20.22 -1.41 6.44
C GLY A 126 -19.96 -1.92 5.02
N PRO A 127 -18.81 -2.64 4.87
CA PRO A 127 -18.44 -3.19 3.57
C PRO A 127 -19.29 -4.40 3.22
N SER A 128 -19.09 -4.91 2.02
CA SER A 128 -19.83 -6.06 1.54
C SER A 128 -19.07 -6.74 0.40
N SER A 129 -18.46 -7.87 0.73
CA SER A 129 -17.70 -8.62 -0.26
C SER A 129 -17.40 -10.03 0.27
N GLY A 130 -17.01 -10.90 -0.64
CA GLY A 130 -16.69 -12.27 -0.28
C GLY A 130 -16.21 -13.05 -1.51
N GLY A 1 5.51 20.17 15.73
CA GLY A 1 4.53 19.11 15.51
C GLY A 1 4.13 19.04 14.04
N SER A 2 3.16 18.16 13.77
CA SER A 2 2.67 17.98 12.41
C SER A 2 1.15 18.00 12.40
N SER A 3 0.60 18.72 11.43
CA SER A 3 -0.84 18.83 11.29
C SER A 3 -1.35 17.79 10.30
N GLY A 4 -1.69 16.63 10.83
CA GLY A 4 -2.19 15.54 10.00
C GLY A 4 -1.16 15.14 8.95
N SER A 5 -1.22 13.87 8.57
CA SER A 5 -0.30 13.35 7.57
C SER A 5 -1.09 12.82 6.36
N SER A 6 -1.84 11.77 6.60
CA SER A 6 -2.65 11.16 5.55
C SER A 6 -3.60 10.12 6.15
N GLY A 7 -4.60 9.76 5.35
CA GLY A 7 -5.58 8.78 5.80
C GLY A 7 -5.05 7.35 5.63
N PRO A 8 -5.89 6.38 6.06
CA PRO A 8 -5.51 4.97 5.96
C PRO A 8 -5.61 4.48 4.52
N VAL A 9 -4.55 3.81 4.08
CA VAL A 9 -4.51 3.28 2.73
C VAL A 9 -4.04 1.82 2.78
N ASP A 10 -4.93 0.94 2.36
CA ASP A 10 -4.63 -0.49 2.35
C ASP A 10 -3.21 -0.70 1.81
N CYS A 11 -2.90 0.04 0.75
CA CYS A 11 -1.59 -0.05 0.13
C CYS A 11 -1.25 1.31 -0.47
N SER A 12 -0.34 2.01 0.20
CA SER A 12 0.09 3.32 -0.26
C SER A 12 1.30 3.18 -1.18
N VAL A 13 1.25 3.92 -2.28
CA VAL A 13 2.34 3.89 -3.24
C VAL A 13 3.37 4.97 -2.89
N ILE A 14 4.62 4.59 -2.89
CA ILE A 14 5.70 5.51 -2.58
C ILE A 14 6.50 5.81 -3.85
N VAL A 15 6.37 7.04 -4.31
CA VAL A 15 7.08 7.47 -5.51
C VAL A 15 7.88 8.73 -5.20
N VAL A 16 9.16 8.52 -4.92
CA VAL A 16 10.05 9.62 -4.61
C VAL A 16 10.28 10.46 -5.87
N ASN A 17 10.40 9.77 -6.99
CA ASN A 17 10.62 10.45 -8.26
C ASN A 17 9.28 10.98 -8.79
N LYS A 18 9.36 11.73 -9.87
CA LYS A 18 8.17 12.30 -10.48
C LYS A 18 7.92 11.63 -11.83
N GLN A 19 9.02 11.25 -12.48
CA GLN A 19 8.93 10.59 -13.78
C GLN A 19 7.95 9.43 -13.72
N THR A 20 7.99 8.72 -12.60
CA THR A 20 7.11 7.58 -12.41
C THR A 20 5.76 8.03 -11.84
N LYS A 21 5.19 9.03 -12.49
CA LYS A 21 3.91 9.56 -12.06
C LYS A 21 2.78 8.77 -12.71
N ASP A 22 2.98 8.45 -13.99
CA ASP A 22 2.00 7.70 -14.74
C ASP A 22 2.18 6.20 -14.44
N TYR A 23 3.42 5.81 -14.21
CA TYR A 23 3.74 4.43 -13.91
C TYR A 23 3.27 4.06 -12.50
N ALA A 24 3.73 4.83 -11.53
CA ALA A 24 3.37 4.59 -10.15
C ALA A 24 1.85 4.63 -10.00
N GLU A 25 1.24 5.56 -10.73
CA GLU A 25 -0.21 5.72 -10.69
C GLU A 25 -0.88 4.45 -11.21
N SER A 26 -0.08 3.59 -11.82
CA SER A 26 -0.59 2.34 -12.37
C SER A 26 -0.59 1.27 -11.29
N VAL A 27 0.62 0.87 -10.89
CA VAL A 27 0.78 -0.15 -9.87
C VAL A 27 -0.10 0.20 -8.66
N GLY A 28 -0.30 1.49 -8.48
CA GLY A 28 -1.09 1.98 -7.37
C GLY A 28 -2.58 1.67 -7.60
N ARG A 29 -2.93 1.51 -8.86
CA ARG A 29 -4.31 1.21 -9.22
C ARG A 29 -4.52 -0.31 -9.32
N LYS A 30 -3.46 -0.99 -9.75
CA LYS A 30 -3.52 -2.44 -9.89
C LYS A 30 -4.04 -3.06 -8.60
N VAL A 31 -3.68 -2.41 -7.49
CA VAL A 31 -4.09 -2.88 -6.18
C VAL A 31 -5.55 -2.49 -5.94
N ARG A 32 -5.94 -1.39 -6.57
CA ARG A 32 -7.30 -0.89 -6.42
C ARG A 32 -8.27 -1.77 -7.21
N ASP A 33 -7.77 -2.32 -8.31
CA ASP A 33 -8.57 -3.18 -9.15
C ASP A 33 -9.05 -4.38 -8.34
N LEU A 34 -8.38 -4.61 -7.23
CA LEU A 34 -8.73 -5.72 -6.36
C LEU A 34 -9.74 -5.24 -5.31
N GLY A 35 -9.91 -3.94 -5.25
CA GLY A 35 -10.84 -3.34 -4.31
C GLY A 35 -10.13 -2.88 -3.04
N MET A 36 -8.84 -2.58 -3.19
CA MET A 36 -8.03 -2.13 -2.08
C MET A 36 -7.70 -0.64 -2.21
N VAL A 37 -7.84 0.07 -1.10
CA VAL A 37 -7.56 1.49 -1.09
C VAL A 37 -6.06 1.72 -1.32
N VAL A 38 -5.78 2.50 -2.35
CA VAL A 38 -4.40 2.81 -2.70
C VAL A 38 -4.28 4.29 -3.02
N ASP A 39 -3.08 4.82 -2.77
CA ASP A 39 -2.82 6.23 -3.02
C ASP A 39 -1.39 6.39 -3.55
N LEU A 40 -1.11 7.58 -4.04
CA LEU A 40 0.21 7.88 -4.58
C LEU A 40 0.87 8.96 -3.72
N ILE A 41 2.09 8.67 -3.29
CA ILE A 41 2.84 9.59 -2.46
C ILE A 41 4.02 10.14 -3.26
N PHE A 42 3.92 11.42 -3.61
CA PHE A 42 4.96 12.08 -4.37
C PHE A 42 5.90 12.87 -3.45
N LEU A 43 7.19 12.56 -3.58
CA LEU A 43 8.20 13.22 -2.77
C LEU A 43 9.14 14.01 -3.68
N ASN A 44 8.62 15.09 -4.24
CA ASN A 44 9.40 15.94 -5.12
C ASN A 44 10.17 16.97 -4.29
N THR A 45 11.32 16.54 -3.79
CA THR A 45 12.15 17.41 -2.99
C THR A 45 11.39 17.87 -1.74
N GLU A 46 10.93 16.89 -0.97
CA GLU A 46 10.19 17.19 0.24
C GLU A 46 10.75 16.37 1.41
N VAL A 47 10.57 15.07 1.33
CA VAL A 47 11.06 14.17 2.37
C VAL A 47 11.69 12.94 1.72
N SER A 48 12.18 12.06 2.57
CA SER A 48 12.81 10.84 2.09
C SER A 48 11.79 9.70 2.08
N LEU A 49 12.22 8.56 1.54
CA LEU A 49 11.37 7.40 1.46
C LEU A 49 10.89 7.01 2.87
N SER A 50 11.86 6.66 3.70
CA SER A 50 11.56 6.28 5.07
C SER A 50 10.54 7.25 5.68
N GLN A 51 10.84 8.54 5.52
CA GLN A 51 9.96 9.58 6.04
C GLN A 51 8.50 9.25 5.72
N ALA A 52 8.30 8.61 4.58
CA ALA A 52 6.97 8.25 4.15
C ALA A 52 6.60 6.88 4.75
N LEU A 53 7.58 5.99 4.75
CA LEU A 53 7.37 4.65 5.28
C LEU A 53 6.96 4.76 6.75
N GLU A 54 7.66 5.62 7.47
CA GLU A 54 7.38 5.82 8.89
C GLU A 54 5.94 6.35 9.06
N ASP A 55 5.52 7.16 8.11
CA ASP A 55 4.19 7.74 8.15
C ASP A 55 3.18 6.71 7.65
N VAL A 56 3.64 5.87 6.73
CA VAL A 56 2.79 4.84 6.14
C VAL A 56 2.30 3.91 7.26
N SER A 57 3.24 3.50 8.09
CA SER A 57 2.93 2.61 9.19
C SER A 57 2.03 3.33 10.21
N ARG A 58 2.61 4.37 10.81
CA ARG A 58 1.88 5.15 11.80
C ARG A 58 0.53 5.59 11.24
N GLY A 59 0.54 5.95 9.96
CA GLY A 59 -0.68 6.40 9.29
C GLY A 59 -1.73 5.29 9.28
N GLY A 60 -1.23 4.06 9.21
CA GLY A 60 -2.12 2.90 9.18
C GLY A 60 -1.80 1.99 7.99
N SER A 61 -1.43 2.63 6.89
CA SER A 61 -1.09 1.89 5.69
C SER A 61 -0.33 0.61 6.04
N PRO A 62 -1.00 -0.54 5.79
CA PRO A 62 -0.40 -1.83 6.08
C PRO A 62 0.65 -2.19 5.04
N PHE A 63 0.33 -1.91 3.79
CA PHE A 63 1.25 -2.18 2.70
C PHE A 63 1.73 -0.89 2.03
N ALA A 64 2.97 -0.94 1.57
CA ALA A 64 3.57 0.22 0.92
C ALA A 64 4.35 -0.24 -0.32
N ILE A 65 4.02 0.38 -1.44
CA ILE A 65 4.69 0.04 -2.69
C ILE A 65 5.81 1.06 -2.96
N VAL A 66 6.98 0.53 -3.26
CA VAL A 66 8.13 1.36 -3.54
C VAL A 66 8.24 1.58 -5.05
N ILE A 67 8.21 2.85 -5.44
CA ILE A 67 8.31 3.21 -6.84
C ILE A 67 9.44 4.22 -7.03
N THR A 68 10.29 3.93 -8.00
CA THR A 68 11.41 4.81 -8.30
C THR A 68 11.71 4.80 -9.80
N GLN A 69 12.88 5.32 -10.14
CA GLN A 69 13.30 5.39 -11.53
C GLN A 69 13.67 4.00 -12.04
N GLN A 70 14.72 3.44 -11.45
CA GLN A 70 15.19 2.12 -11.83
C GLN A 70 14.01 1.15 -11.92
N HIS A 71 13.30 1.04 -10.82
CA HIS A 71 12.14 0.16 -10.75
C HIS A 71 11.37 0.23 -12.08
N GLN A 72 10.98 1.44 -12.43
CA GLN A 72 10.23 1.66 -13.66
C GLN A 72 10.78 0.76 -14.78
N ILE A 73 12.10 0.67 -14.82
CA ILE A 73 12.76 -0.15 -15.83
C ILE A 73 12.38 -1.61 -15.62
N HIS A 74 12.55 -2.05 -14.38
CA HIS A 74 12.23 -3.43 -14.03
C HIS A 74 10.72 -3.59 -13.92
N ARG A 75 10.02 -2.49 -14.11
CA ARG A 75 8.56 -2.50 -14.05
C ARG A 75 8.10 -3.25 -12.79
N SER A 76 8.97 -3.27 -11.79
CA SER A 76 8.67 -3.94 -10.55
C SER A 76 8.78 -2.97 -9.37
N CYS A 77 8.08 -3.29 -8.31
CA CYS A 77 8.10 -2.45 -7.11
C CYS A 77 8.43 -3.33 -5.91
N THR A 78 8.62 -2.68 -4.77
CA THR A 78 8.94 -3.39 -3.54
C THR A 78 7.80 -3.28 -2.54
N VAL A 79 7.23 -4.43 -2.22
CA VAL A 79 6.11 -4.48 -1.28
C VAL A 79 6.66 -4.64 0.14
N ASN A 80 6.23 -3.74 1.01
CA ASN A 80 6.66 -3.76 2.40
C ASN A 80 5.43 -3.75 3.31
N ILE A 81 5.29 -4.83 4.07
CA ILE A 81 4.17 -4.94 4.98
C ILE A 81 4.51 -4.23 6.29
N MET A 82 3.48 -3.63 6.88
CA MET A 82 3.66 -2.90 8.13
C MET A 82 2.95 -3.62 9.29
N PHE A 83 1.96 -4.42 8.93
CA PHE A 83 1.20 -5.17 9.91
C PHE A 83 1.61 -6.65 9.91
N GLY A 84 1.35 -7.30 11.04
CA GLY A 84 1.67 -8.71 11.17
C GLY A 84 3.19 -8.94 11.05
N THR A 85 3.55 -10.21 10.98
CA THR A 85 4.96 -10.57 10.86
C THR A 85 5.67 -9.62 9.90
N PRO A 86 6.97 -9.36 10.20
CA PRO A 86 7.78 -8.48 9.37
C PRO A 86 8.18 -9.18 8.07
N GLN A 87 7.33 -9.03 7.06
CA GLN A 87 7.60 -9.64 5.77
C GLN A 87 7.93 -8.57 4.73
N GLU A 88 9.18 -8.61 4.27
CA GLU A 88 9.64 -7.65 3.29
C GLU A 88 9.93 -8.35 1.96
N HIS A 89 9.07 -8.08 0.98
CA HIS A 89 9.22 -8.67 -0.34
C HIS A 89 9.96 -7.70 -1.25
N ARG A 90 11.18 -8.10 -1.62
CA ARG A 90 12.00 -7.29 -2.49
C ARG A 90 11.98 -7.83 -3.92
N ASN A 91 11.94 -6.91 -4.86
CA ASN A 91 11.91 -7.29 -6.27
C ASN A 91 10.73 -8.24 -6.52
N MET A 92 9.61 -7.65 -6.88
CA MET A 92 8.41 -8.42 -7.15
C MET A 92 7.66 -7.89 -8.37
N PRO A 93 7.20 -8.84 -9.22
CA PRO A 93 6.47 -8.47 -10.43
C PRO A 93 5.04 -8.03 -10.09
N GLN A 94 4.57 -7.06 -10.86
CA GLN A 94 3.24 -6.53 -10.66
C GLN A 94 2.26 -7.66 -10.31
N ALA A 95 1.98 -8.47 -11.32
CA ALA A 95 1.06 -9.60 -11.13
C ALA A 95 1.28 -10.21 -9.75
N ASP A 96 2.51 -10.71 -9.55
CA ASP A 96 2.85 -11.33 -8.28
C ASP A 96 2.38 -10.42 -7.13
N ALA A 97 2.90 -9.20 -7.13
CA ALA A 97 2.54 -8.24 -6.10
C ALA A 97 1.01 -8.20 -5.95
N MET A 98 0.34 -8.10 -7.09
CA MET A 98 -1.11 -8.05 -7.09
C MET A 98 -1.70 -9.31 -6.44
N VAL A 99 -0.93 -10.38 -6.50
CA VAL A 99 -1.36 -11.65 -5.92
C VAL A 99 -0.98 -11.67 -4.44
N LEU A 100 0.25 -11.28 -4.16
CA LEU A 100 0.74 -11.25 -2.79
C LEU A 100 -0.09 -10.26 -1.98
N VAL A 101 -0.60 -9.25 -2.67
CA VAL A 101 -1.40 -8.23 -2.03
C VAL A 101 -2.85 -8.72 -1.93
N ALA A 102 -3.36 -9.23 -3.04
CA ALA A 102 -4.72 -9.73 -3.09
C ALA A 102 -4.85 -10.93 -2.14
N ARG A 103 -3.75 -11.65 -2.00
CA ARG A 103 -3.72 -12.82 -1.13
C ARG A 103 -3.69 -12.38 0.33
N ASN A 104 -2.66 -11.62 0.67
CA ASN A 104 -2.50 -11.14 2.04
C ASN A 104 -3.74 -10.35 2.45
N TYR A 105 -4.09 -9.39 1.61
CA TYR A 105 -5.26 -8.57 1.87
C TYR A 105 -6.43 -9.41 2.38
N GLU A 106 -6.75 -10.44 1.62
CA GLU A 106 -7.84 -11.34 1.99
C GLU A 106 -7.77 -11.67 3.48
N ARG A 107 -6.69 -12.36 3.84
CA ARG A 107 -6.49 -12.76 5.22
C ARG A 107 -6.72 -11.56 6.16
N TYR A 108 -5.90 -10.54 5.96
CA TYR A 108 -6.00 -9.33 6.77
C TYR A 108 -7.46 -8.90 6.93
N LYS A 109 -8.24 -9.18 5.90
CA LYS A 109 -9.65 -8.82 5.90
C LYS A 109 -10.41 -9.81 6.78
N ASN A 110 -10.04 -11.08 6.65
CA ASN A 110 -10.69 -12.13 7.42
C ASN A 110 -10.79 -11.70 8.88
N GLU A 111 -9.71 -11.09 9.36
CA GLU A 111 -9.66 -10.62 10.73
C GLU A 111 -10.25 -9.21 10.84
N CYS A 112 -10.20 -8.50 9.72
CA CYS A 112 -10.71 -7.15 9.66
C CYS A 112 -12.21 -7.19 9.91
N ARG A 113 -12.89 -7.99 9.09
CA ARG A 113 -14.33 -8.14 9.20
C ARG A 113 -14.73 -8.35 10.67
N GLU A 114 -13.78 -8.87 11.43
CA GLU A 114 -14.02 -9.13 12.84
C GLU A 114 -13.99 -7.83 13.64
N LYS A 115 -13.05 -6.97 13.27
CA LYS A 115 -12.91 -5.69 13.93
C LYS A 115 -13.60 -4.60 13.12
N GLU A 116 -14.91 -4.80 12.92
CA GLU A 116 -15.70 -3.85 12.16
C GLU A 116 -17.16 -4.30 12.12
N ARG A 117 -18.03 -3.32 11.89
CA ARG A 117 -19.46 -3.59 11.84
C ARG A 117 -19.71 -4.96 11.20
N GLU A 118 -20.36 -5.82 11.97
CA GLU A 118 -20.67 -7.16 11.50
C GLU A 118 -21.22 -7.10 10.07
N GLU A 119 -21.08 -8.23 9.38
CA GLU A 119 -21.56 -8.32 8.00
C GLU A 119 -22.80 -9.20 7.93
N ILE A 120 -23.65 -9.05 8.92
CA ILE A 120 -24.88 -9.82 8.97
C ILE A 120 -25.48 -9.94 7.57
N ALA A 121 -25.29 -11.11 6.98
CA ALA A 121 -25.80 -11.36 5.64
C ALA A 121 -25.55 -12.82 5.28
N ARG A 122 -26.11 -13.71 6.08
CA ARG A 122 -25.97 -15.14 5.86
C ARG A 122 -26.82 -15.58 4.67
N GLN A 123 -26.23 -16.42 3.84
CA GLN A 123 -26.93 -16.92 2.67
C GLN A 123 -26.30 -18.24 2.19
N ALA A 124 -25.02 -18.16 1.88
CA ALA A 124 -24.29 -19.33 1.41
C ALA A 124 -22.80 -18.97 1.26
N SER A 125 -22.02 -19.98 0.92
CA SER A 125 -20.60 -19.79 0.73
C SER A 125 -20.02 -20.91 -0.12
N GLY A 126 -18.80 -20.70 -0.59
CA GLY A 126 -18.13 -21.68 -1.42
C GLY A 126 -16.60 -21.53 -1.33
N PRO A 127 -15.93 -22.70 -1.15
CA PRO A 127 -14.48 -22.71 -1.04
C PRO A 127 -13.83 -22.51 -2.41
N SER A 128 -12.50 -22.47 -2.40
CA SER A 128 -11.75 -22.28 -3.63
C SER A 128 -10.53 -23.21 -3.64
N SER A 129 -9.69 -23.06 -2.64
CA SER A 129 -8.49 -23.87 -2.52
C SER A 129 -8.80 -25.16 -1.75
N GLY A 130 -7.99 -26.17 -2.01
CA GLY A 130 -8.17 -27.46 -1.36
C GLY A 130 -7.70 -28.60 -2.25
N GLY A 1 -20.38 -4.10 -3.44
CA GLY A 1 -20.65 -3.12 -2.41
C GLY A 1 -19.40 -2.31 -2.07
N SER A 2 -18.66 -2.82 -1.09
CA SER A 2 -17.43 -2.16 -0.66
C SER A 2 -17.75 -0.76 -0.13
N SER A 3 -17.01 -0.36 0.89
CA SER A 3 -17.19 0.94 1.49
C SER A 3 -16.30 1.97 0.81
N GLY A 4 -16.80 3.19 0.72
CA GLY A 4 -16.05 4.28 0.09
C GLY A 4 -14.69 4.44 0.76
N SER A 5 -14.08 5.59 0.50
CA SER A 5 -12.77 5.90 1.06
C SER A 5 -12.88 6.04 2.58
N SER A 6 -12.52 4.97 3.28
CA SER A 6 -12.57 4.96 4.73
C SER A 6 -11.49 4.04 5.29
N GLY A 7 -10.26 4.53 5.24
CA GLY A 7 -9.13 3.75 5.74
C GLY A 7 -7.80 4.43 5.39
N PRO A 8 -6.77 4.13 6.21
CA PRO A 8 -5.44 4.69 5.99
C PRO A 8 -4.75 4.02 4.80
N VAL A 9 -5.47 3.97 3.69
CA VAL A 9 -4.94 3.36 2.49
C VAL A 9 -4.57 1.90 2.77
N ASP A 10 -4.63 1.10 1.73
CA ASP A 10 -4.30 -0.31 1.85
C ASP A 10 -2.91 -0.56 1.27
N CYS A 11 -2.58 0.22 0.25
CA CYS A 11 -1.29 0.10 -0.40
C CYS A 11 -0.83 1.49 -0.82
N SER A 12 0.01 2.09 0.01
CA SER A 12 0.53 3.42 -0.27
C SER A 12 1.71 3.32 -1.24
N VAL A 13 1.56 4.01 -2.37
CA VAL A 13 2.60 4.01 -3.38
C VAL A 13 3.59 5.13 -3.08
N ILE A 14 4.83 4.73 -2.81
CA ILE A 14 5.87 5.70 -2.51
C ILE A 14 6.73 5.92 -3.75
N VAL A 15 6.53 7.07 -4.37
CA VAL A 15 7.28 7.42 -5.57
C VAL A 15 8.25 8.57 -5.25
N VAL A 16 9.49 8.19 -4.95
CA VAL A 16 10.50 9.17 -4.63
C VAL A 16 11.05 9.77 -5.93
N ASN A 17 10.19 10.50 -6.63
CA ASN A 17 10.58 11.12 -7.88
C ASN A 17 9.34 11.62 -8.60
N LYS A 18 9.37 12.90 -8.96
CA LYS A 18 8.25 13.51 -9.66
C LYS A 18 7.88 12.66 -10.87
N GLN A 19 8.86 11.90 -11.35
CA GLN A 19 8.65 11.04 -12.49
C GLN A 19 7.83 9.81 -12.10
N THR A 20 7.84 8.82 -12.98
CA THR A 20 7.10 7.59 -12.73
C THR A 20 5.75 7.91 -12.09
N LYS A 21 5.23 9.09 -12.42
CA LYS A 21 3.95 9.52 -11.88
C LYS A 21 2.85 8.58 -12.40
N ASP A 22 2.73 8.52 -13.70
CA ASP A 22 1.73 7.66 -14.33
C ASP A 22 1.98 6.22 -13.92
N TYR A 23 3.22 5.78 -14.14
CA TYR A 23 3.60 4.41 -13.79
C TYR A 23 3.17 4.07 -12.37
N ALA A 24 3.65 4.88 -11.43
CA ALA A 24 3.33 4.66 -10.03
C ALA A 24 1.81 4.71 -9.84
N GLU A 25 1.18 5.61 -10.59
CA GLU A 25 -0.26 5.76 -10.51
C GLU A 25 -0.95 4.51 -11.05
N SER A 26 -0.15 3.64 -11.64
CA SER A 26 -0.68 2.41 -12.20
C SER A 26 -0.61 1.29 -11.16
N VAL A 27 0.61 0.86 -10.86
CA VAL A 27 0.82 -0.19 -9.89
C VAL A 27 -0.08 0.05 -8.68
N GLY A 28 -0.36 1.32 -8.44
CA GLY A 28 -1.21 1.71 -7.32
C GLY A 28 -2.67 1.34 -7.59
N ARG A 29 -3.11 1.62 -8.81
CA ARG A 29 -4.47 1.33 -9.20
C ARG A 29 -4.68 -0.18 -9.31
N LYS A 30 -3.69 -0.84 -9.87
CA LYS A 30 -3.75 -2.28 -10.05
C LYS A 30 -4.23 -2.92 -8.75
N VAL A 31 -3.72 -2.42 -7.64
CA VAL A 31 -4.09 -2.94 -6.33
C VAL A 31 -5.57 -2.60 -6.06
N ARG A 32 -5.97 -1.43 -6.55
CA ARG A 32 -7.33 -0.98 -6.36
C ARG A 32 -8.30 -1.91 -7.10
N ASP A 33 -7.81 -2.47 -8.20
CA ASP A 33 -8.63 -3.37 -9.00
C ASP A 33 -8.99 -4.59 -8.15
N LEU A 34 -8.21 -4.82 -7.11
CA LEU A 34 -8.45 -5.94 -6.23
C LEU A 34 -9.41 -5.51 -5.11
N GLY A 35 -9.63 -4.21 -5.04
CA GLY A 35 -10.53 -3.67 -4.03
C GLY A 35 -9.74 -3.20 -2.81
N MET A 36 -8.56 -2.66 -3.07
CA MET A 36 -7.70 -2.16 -2.01
C MET A 36 -7.41 -0.68 -2.18
N VAL A 37 -7.51 0.05 -1.07
CA VAL A 37 -7.27 1.48 -1.10
C VAL A 37 -5.80 1.73 -1.43
N VAL A 38 -5.59 2.50 -2.49
CA VAL A 38 -4.24 2.83 -2.92
C VAL A 38 -4.12 4.34 -3.10
N ASP A 39 -2.92 4.84 -2.86
CA ASP A 39 -2.65 6.27 -2.98
C ASP A 39 -1.25 6.47 -3.53
N LEU A 40 -0.98 7.71 -3.94
CA LEU A 40 0.33 8.05 -4.49
C LEU A 40 0.96 9.14 -3.63
N ILE A 41 2.20 8.89 -3.24
CA ILE A 41 2.93 9.84 -2.41
C ILE A 41 4.19 10.29 -3.15
N PHE A 42 4.15 11.54 -3.61
CA PHE A 42 5.26 12.11 -4.33
C PHE A 42 6.24 12.79 -3.39
N LEU A 43 7.49 12.37 -3.47
CA LEU A 43 8.54 12.94 -2.62
C LEU A 43 9.56 13.67 -3.50
N ASN A 44 10.25 12.89 -4.31
CA ASN A 44 11.26 13.44 -5.20
C ASN A 44 12.34 14.14 -4.36
N THR A 45 12.06 15.37 -4.00
CA THR A 45 13.00 16.15 -3.20
C THR A 45 12.37 16.54 -1.87
N GLU A 46 11.56 15.63 -1.34
CA GLU A 46 10.89 15.87 -0.07
C GLU A 46 11.36 14.86 0.97
N VAL A 47 12.09 15.37 1.95
CA VAL A 47 12.61 14.53 3.02
C VAL A 47 13.14 13.23 2.42
N SER A 48 12.98 12.15 3.18
CA SER A 48 13.43 10.85 2.74
C SER A 48 12.23 9.92 2.54
N LEU A 49 12.50 8.81 1.86
CA LEU A 49 11.45 7.83 1.60
C LEU A 49 10.89 7.32 2.93
N SER A 50 11.80 6.90 3.79
CA SER A 50 11.41 6.38 5.10
C SER A 50 10.36 7.30 5.73
N GLN A 51 10.64 8.60 5.69
CA GLN A 51 9.72 9.58 6.25
C GLN A 51 8.29 9.25 5.85
N ALA A 52 8.15 8.67 4.68
CA ALA A 52 6.83 8.29 4.17
C ALA A 52 6.43 6.94 4.78
N LEU A 53 7.38 6.02 4.77
CA LEU A 53 7.13 4.70 5.31
C LEU A 53 6.74 4.81 6.79
N GLU A 54 7.42 5.72 7.47
CA GLU A 54 7.15 5.94 8.89
C GLU A 54 5.73 6.48 9.08
N ASP A 55 5.23 7.11 8.03
CA ASP A 55 3.89 7.69 8.08
C ASP A 55 2.88 6.64 7.62
N VAL A 56 3.36 5.70 6.82
CA VAL A 56 2.51 4.65 6.30
C VAL A 56 2.04 3.77 7.46
N SER A 57 3.00 3.17 8.14
CA SER A 57 2.70 2.31 9.27
C SER A 57 1.88 3.08 10.31
N ARG A 58 2.46 4.17 10.78
CA ARG A 58 1.80 5.00 11.77
C ARG A 58 0.45 5.49 11.25
N GLY A 59 0.42 5.78 9.95
CA GLY A 59 -0.80 6.25 9.31
C GLY A 59 -1.86 5.15 9.29
N GLY A 60 -1.39 3.91 9.17
CA GLY A 60 -2.29 2.77 9.14
C GLY A 60 -1.94 1.83 7.98
N SER A 61 -1.72 2.44 6.83
CA SER A 61 -1.37 1.67 5.64
C SER A 61 -0.50 0.47 6.02
N PRO A 62 -1.08 -0.75 5.82
CA PRO A 62 -0.37 -1.98 6.13
C PRO A 62 0.71 -2.27 5.09
N PHE A 63 0.36 -2.01 3.83
CA PHE A 63 1.28 -2.24 2.74
C PHE A 63 1.72 -0.93 2.10
N ALA A 64 2.91 -0.94 1.53
CA ALA A 64 3.45 0.24 0.88
C ALA A 64 4.28 -0.19 -0.35
N ILE A 65 4.01 0.49 -1.46
CA ILE A 65 4.71 0.19 -2.70
C ILE A 65 5.84 1.21 -2.89
N VAL A 66 6.96 0.71 -3.40
CA VAL A 66 8.11 1.56 -3.64
C VAL A 66 8.27 1.79 -5.15
N ILE A 67 8.36 3.05 -5.52
CA ILE A 67 8.52 3.42 -6.91
C ILE A 67 9.74 4.31 -7.07
N THR A 68 10.52 4.02 -8.11
CA THR A 68 11.72 4.79 -8.38
C THR A 68 11.98 4.86 -9.89
N GLN A 69 13.26 4.93 -10.24
CA GLN A 69 13.65 4.99 -11.63
C GLN A 69 13.84 3.59 -12.21
N GLN A 70 14.81 2.88 -11.63
CA GLN A 70 15.11 1.53 -12.07
C GLN A 70 13.84 0.67 -12.03
N HIS A 71 13.08 0.83 -10.95
CA HIS A 71 11.86 0.09 -10.78
C HIS A 71 11.00 0.21 -12.03
N GLN A 72 11.13 1.35 -12.69
CA GLN A 72 10.38 1.61 -13.90
C GLN A 72 10.86 0.69 -15.03
N ILE A 73 12.17 0.63 -15.19
CA ILE A 73 12.76 -0.20 -16.23
C ILE A 73 12.36 -1.65 -15.98
N HIS A 74 12.56 -2.10 -14.75
CA HIS A 74 12.22 -3.46 -14.38
C HIS A 74 10.72 -3.58 -14.13
N ARG A 75 10.05 -2.44 -14.20
CA ARG A 75 8.62 -2.40 -13.98
C ARG A 75 8.25 -3.16 -12.71
N SER A 76 9.19 -3.19 -11.78
CA SER A 76 8.97 -3.88 -10.51
C SER A 76 8.98 -2.88 -9.36
N CYS A 77 8.32 -3.27 -8.28
CA CYS A 77 8.25 -2.41 -7.11
C CYS A 77 8.58 -3.26 -5.88
N THR A 78 8.64 -2.60 -4.73
CA THR A 78 8.94 -3.27 -3.49
C THR A 78 7.74 -3.21 -2.53
N VAL A 79 7.17 -4.37 -2.27
CA VAL A 79 6.02 -4.46 -1.39
C VAL A 79 6.50 -4.67 0.05
N ASN A 80 6.31 -3.63 0.85
CA ASN A 80 6.72 -3.68 2.25
C ASN A 80 5.48 -3.76 3.14
N ILE A 81 5.49 -4.73 4.04
CA ILE A 81 4.38 -4.92 4.95
C ILE A 81 4.67 -4.21 6.27
N MET A 82 3.63 -3.66 6.86
CA MET A 82 3.77 -2.95 8.12
C MET A 82 3.19 -3.77 9.28
N PHE A 83 2.22 -4.62 8.94
CA PHE A 83 1.58 -5.45 9.94
C PHE A 83 2.07 -6.90 9.82
N GLY A 84 2.14 -7.56 10.98
CA GLY A 84 2.59 -8.95 11.01
C GLY A 84 4.10 -9.03 10.92
N THR A 85 4.58 -10.25 10.75
CA THR A 85 6.02 -10.49 10.63
C THR A 85 6.65 -9.49 9.67
N PRO A 86 7.92 -9.11 9.99
CA PRO A 86 8.64 -8.16 9.16
C PRO A 86 9.13 -8.82 7.86
N GLN A 87 8.33 -8.65 6.82
CA GLN A 87 8.66 -9.22 5.53
C GLN A 87 9.03 -8.11 4.53
N GLU A 88 10.11 -8.34 3.82
CA GLU A 88 10.58 -7.37 2.84
C GLU A 88 10.82 -8.06 1.49
N HIS A 89 9.85 -7.91 0.60
CA HIS A 89 9.96 -8.51 -0.72
C HIS A 89 10.71 -7.56 -1.66
N ARG A 90 11.91 -7.97 -2.03
CA ARG A 90 12.73 -7.17 -2.92
C ARG A 90 12.67 -7.72 -4.34
N ASN A 91 12.45 -6.82 -5.28
CA ASN A 91 12.37 -7.20 -6.69
C ASN A 91 11.20 -8.18 -6.87
N MET A 92 10.05 -7.63 -7.22
CA MET A 92 8.87 -8.44 -7.43
C MET A 92 8.05 -7.91 -8.62
N PRO A 93 7.62 -8.87 -9.48
CA PRO A 93 6.83 -8.51 -10.65
C PRO A 93 5.40 -8.16 -10.26
N GLN A 94 4.88 -7.13 -10.91
CA GLN A 94 3.53 -6.68 -10.65
C GLN A 94 2.61 -7.87 -10.41
N ALA A 95 2.47 -8.69 -11.43
CA ALA A 95 1.63 -9.88 -11.34
C ALA A 95 1.78 -10.50 -9.96
N ASP A 96 3.02 -10.87 -9.64
CA ASP A 96 3.31 -11.48 -8.36
C ASP A 96 2.85 -10.55 -7.23
N ALA A 97 3.36 -9.33 -7.27
CA ALA A 97 3.00 -8.34 -6.26
C ALA A 97 1.48 -8.36 -6.06
N MET A 98 0.76 -8.38 -7.18
CA MET A 98 -0.68 -8.38 -7.15
C MET A 98 -1.20 -9.63 -6.44
N VAL A 99 -0.42 -10.70 -6.54
CA VAL A 99 -0.80 -11.97 -5.92
C VAL A 99 -0.39 -11.94 -4.45
N LEU A 100 0.82 -11.45 -4.20
CA LEU A 100 1.33 -11.37 -2.85
C LEU A 100 0.47 -10.40 -2.04
N VAL A 101 -0.11 -9.44 -2.74
CA VAL A 101 -0.96 -8.44 -2.11
C VAL A 101 -2.39 -8.98 -2.02
N ALA A 102 -2.87 -9.47 -3.15
CA ALA A 102 -4.22 -10.02 -3.23
C ALA A 102 -4.34 -11.19 -2.26
N ARG A 103 -3.21 -11.87 -2.07
CA ARG A 103 -3.18 -13.02 -1.18
C ARG A 103 -3.11 -12.56 0.28
N ASN A 104 -2.08 -11.79 0.58
CA ASN A 104 -1.88 -11.27 1.92
C ASN A 104 -3.12 -10.47 2.33
N TYR A 105 -3.49 -9.53 1.48
CA TYR A 105 -4.65 -8.69 1.74
C TYR A 105 -5.80 -9.51 2.32
N GLU A 106 -6.08 -10.62 1.66
CA GLU A 106 -7.15 -11.49 2.08
C GLU A 106 -7.05 -11.77 3.59
N ARG A 107 -5.95 -12.41 3.96
CA ARG A 107 -5.72 -12.73 5.36
C ARG A 107 -5.98 -11.50 6.24
N TYR A 108 -5.26 -10.44 5.94
CA TYR A 108 -5.40 -9.21 6.70
C TYR A 108 -6.88 -8.84 6.88
N LYS A 109 -7.67 -9.22 5.89
CA LYS A 109 -9.10 -8.94 5.92
C LYS A 109 -9.79 -9.98 6.80
N ASN A 110 -9.30 -11.21 6.72
CA ASN A 110 -9.87 -12.29 7.50
C ASN A 110 -9.98 -11.85 8.96
N GLU A 111 -9.15 -10.89 9.33
CA GLU A 111 -9.15 -10.36 10.69
C GLU A 111 -10.50 -9.71 11.00
N CYS A 112 -11.14 -9.22 9.94
CA CYS A 112 -12.43 -8.57 10.10
C CYS A 112 -13.53 -9.63 10.01
N ARG A 113 -13.50 -10.36 8.90
CA ARG A 113 -14.48 -11.42 8.68
C ARG A 113 -14.72 -12.21 9.97
N GLU A 114 -13.63 -12.58 10.61
CA GLU A 114 -13.70 -13.34 11.84
C GLU A 114 -13.40 -12.43 13.04
N LYS A 115 -13.07 -13.06 14.15
CA LYS A 115 -12.75 -12.33 15.37
C LYS A 115 -13.97 -11.50 15.79
N GLU A 116 -13.75 -10.63 16.77
CA GLU A 116 -14.81 -9.78 17.26
C GLU A 116 -15.61 -9.19 16.10
N ARG A 117 -16.84 -9.67 15.96
CA ARG A 117 -17.70 -9.20 14.89
C ARG A 117 -17.47 -7.71 14.64
N GLU A 118 -17.27 -7.38 13.37
CA GLU A 118 -17.03 -6.00 12.99
C GLU A 118 -18.04 -5.08 13.70
N GLU A 119 -17.76 -3.79 13.61
CA GLU A 119 -18.62 -2.80 14.24
C GLU A 119 -19.33 -1.96 13.17
N ILE A 120 -19.64 -2.61 12.05
CA ILE A 120 -20.31 -1.94 10.96
C ILE A 120 -21.68 -1.45 11.42
N ALA A 121 -22.72 -2.06 10.85
CA ALA A 121 -24.08 -1.71 11.19
C ALA A 121 -24.39 -0.30 10.66
N ARG A 122 -25.67 -0.01 10.58
CA ARG A 122 -26.11 1.30 10.10
C ARG A 122 -25.56 1.55 8.69
N GLN A 123 -26.30 1.06 7.71
CA GLN A 123 -25.90 1.23 6.32
C GLN A 123 -26.96 0.64 5.39
N ALA A 124 -27.23 1.38 4.32
CA ALA A 124 -28.22 0.93 3.34
C ALA A 124 -27.60 -0.15 2.46
N SER A 125 -28.45 -1.10 2.08
CA SER A 125 -28.01 -2.20 1.23
C SER A 125 -26.90 -2.99 1.95
N GLY A 126 -26.66 -4.19 1.43
CA GLY A 126 -25.63 -5.04 2.01
C GLY A 126 -25.83 -6.49 1.55
N PRO A 127 -24.97 -6.91 0.57
CA PRO A 127 -25.03 -8.25 0.06
C PRO A 127 -24.44 -9.26 1.04
N SER A 128 -24.95 -10.48 0.98
CA SER A 128 -24.48 -11.53 1.87
C SER A 128 -23.21 -12.18 1.29
N SER A 129 -22.08 -11.56 1.59
CA SER A 129 -20.80 -12.07 1.11
C SER A 129 -20.57 -13.48 1.63
N GLY A 130 -20.28 -14.38 0.70
CA GLY A 130 -20.04 -15.77 1.04
C GLY A 130 -18.67 -15.94 1.69
N GLY A 1 -4.45 14.25 14.98
CA GLY A 1 -3.13 14.82 15.23
C GLY A 1 -3.09 16.30 14.87
N SER A 2 -2.05 16.68 14.16
CA SER A 2 -1.88 18.06 13.75
C SER A 2 -1.37 18.13 12.30
N SER A 3 -2.26 18.54 11.41
CA SER A 3 -1.90 18.65 10.01
C SER A 3 -1.47 17.28 9.47
N GLY A 4 -1.60 17.13 8.16
CA GLY A 4 -1.23 15.88 7.51
C GLY A 4 -2.36 15.38 6.61
N SER A 5 -3.44 14.96 7.25
CA SER A 5 -4.59 14.44 6.53
C SER A 5 -4.16 13.32 5.59
N SER A 6 -4.09 12.12 6.13
CA SER A 6 -3.70 10.96 5.35
C SER A 6 -4.34 9.69 5.93
N GLY A 7 -5.52 9.39 5.43
CA GLY A 7 -6.25 8.21 5.89
C GLY A 7 -5.42 6.94 5.67
N PRO A 8 -6.00 5.80 6.13
CA PRO A 8 -5.34 4.51 5.98
C PRO A 8 -5.40 4.02 4.53
N VAL A 9 -4.28 3.48 4.07
CA VAL A 9 -4.20 2.97 2.71
C VAL A 9 -3.68 1.53 2.75
N ASP A 10 -4.55 0.61 2.36
CA ASP A 10 -4.19 -0.80 2.33
C ASP A 10 -2.77 -0.95 1.78
N CYS A 11 -2.50 -0.19 0.72
CA CYS A 11 -1.20 -0.23 0.09
C CYS A 11 -0.90 1.17 -0.49
N SER A 12 0.06 1.83 0.13
CA SER A 12 0.46 3.16 -0.30
C SER A 12 1.67 3.08 -1.23
N VAL A 13 1.59 3.80 -2.34
CA VAL A 13 2.66 3.80 -3.31
C VAL A 13 3.65 4.91 -2.95
N ILE A 14 4.92 4.52 -2.85
CA ILE A 14 5.98 5.47 -2.51
C ILE A 14 6.82 5.75 -3.75
N VAL A 15 6.65 6.94 -4.29
CA VAL A 15 7.39 7.35 -5.47
C VAL A 15 8.27 8.56 -5.13
N VAL A 16 9.53 8.27 -4.84
CA VAL A 16 10.48 9.31 -4.49
C VAL A 16 10.96 10.00 -5.77
N ASN A 17 9.99 10.49 -6.54
CA ASN A 17 10.30 11.18 -7.78
C ASN A 17 9.00 11.65 -8.43
N LYS A 18 9.14 12.12 -9.66
CA LYS A 18 7.98 12.62 -10.40
C LYS A 18 7.85 11.83 -11.71
N GLN A 19 8.99 11.62 -12.36
CA GLN A 19 9.02 10.89 -13.61
C GLN A 19 8.07 9.69 -13.55
N THR A 20 8.12 9.00 -12.42
CA THR A 20 7.26 7.84 -12.22
C THR A 20 5.92 8.25 -11.61
N LYS A 21 5.29 9.21 -12.25
CA LYS A 21 4.00 9.71 -11.78
C LYS A 21 2.88 8.88 -12.41
N ASP A 22 2.98 8.70 -13.72
CA ASP A 22 1.99 7.93 -14.45
C ASP A 22 2.15 6.44 -14.10
N TYR A 23 3.39 5.99 -14.12
CA TYR A 23 3.69 4.60 -13.81
C TYR A 23 3.21 4.24 -12.40
N ALA A 24 3.70 4.99 -11.43
CA ALA A 24 3.34 4.76 -10.04
C ALA A 24 1.81 4.80 -9.91
N GLU A 25 1.22 5.78 -10.59
CA GLU A 25 -0.22 5.93 -10.55
C GLU A 25 -0.92 4.68 -11.09
N SER A 26 -0.11 3.84 -11.74
CA SER A 26 -0.64 2.60 -12.30
C SER A 26 -0.61 1.50 -11.24
N VAL A 27 0.60 1.11 -10.87
CA VAL A 27 0.78 0.06 -9.88
C VAL A 27 -0.10 0.38 -8.66
N GLY A 28 -0.32 1.66 -8.45
CA GLY A 28 -1.14 2.11 -7.33
C GLY A 28 -2.61 1.77 -7.55
N ARG A 29 -2.98 1.70 -8.83
CA ARG A 29 -4.36 1.39 -9.19
C ARG A 29 -4.53 -0.12 -9.37
N LYS A 30 -3.45 -0.75 -9.81
CA LYS A 30 -3.47 -2.19 -10.04
C LYS A 30 -3.98 -2.89 -8.78
N VAL A 31 -3.54 -2.39 -7.63
CA VAL A 31 -3.94 -2.96 -6.36
C VAL A 31 -5.42 -2.63 -6.11
N ARG A 32 -5.82 -1.47 -6.61
CA ARG A 32 -7.20 -1.03 -6.44
C ARG A 32 -8.15 -1.92 -7.26
N ASP A 33 -7.64 -2.39 -8.39
CA ASP A 33 -8.42 -3.24 -9.26
C ASP A 33 -8.83 -4.50 -8.50
N LEU A 34 -8.13 -4.74 -7.40
CA LEU A 34 -8.42 -5.91 -6.58
C LEU A 34 -9.42 -5.52 -5.48
N GLY A 35 -9.61 -4.22 -5.33
CA GLY A 35 -10.54 -3.71 -4.34
C GLY A 35 -9.79 -3.28 -3.07
N MET A 36 -8.54 -2.89 -3.26
CA MET A 36 -7.72 -2.45 -2.14
C MET A 36 -7.42 -0.96 -2.23
N VAL A 37 -7.55 -0.30 -1.09
CA VAL A 37 -7.31 1.14 -1.01
C VAL A 37 -5.82 1.40 -1.28
N VAL A 38 -5.58 2.25 -2.28
CA VAL A 38 -4.21 2.59 -2.64
C VAL A 38 -4.12 4.09 -2.89
N ASP A 39 -2.93 4.63 -2.67
CA ASP A 39 -2.69 6.04 -2.86
C ASP A 39 -1.29 6.26 -3.41
N LEU A 40 -1.03 7.49 -3.85
CA LEU A 40 0.27 7.83 -4.41
C LEU A 40 0.94 8.86 -3.49
N ILE A 41 2.18 8.56 -3.13
CA ILE A 41 2.94 9.44 -2.27
C ILE A 41 4.12 10.03 -3.05
N PHE A 42 4.02 11.32 -3.31
CA PHE A 42 5.07 12.01 -4.06
C PHE A 42 6.05 12.71 -3.11
N LEU A 43 7.32 12.56 -3.41
CA LEU A 43 8.36 13.17 -2.59
C LEU A 43 9.38 13.85 -3.51
N ASN A 44 9.75 15.07 -3.12
CA ASN A 44 10.71 15.83 -3.90
C ASN A 44 11.04 17.13 -3.15
N THR A 45 12.32 17.29 -2.84
CA THR A 45 12.77 18.47 -2.14
C THR A 45 11.83 18.80 -0.98
N GLU A 46 11.37 17.76 -0.31
CA GLU A 46 10.46 17.92 0.81
C GLU A 46 10.85 16.98 1.95
N VAL A 47 10.63 15.69 1.70
CA VAL A 47 10.95 14.67 2.70
C VAL A 47 11.65 13.50 2.02
N SER A 48 11.99 12.51 2.82
CA SER A 48 12.68 11.33 2.30
C SER A 48 11.69 10.16 2.20
N LEU A 49 12.12 9.12 1.51
CA LEU A 49 11.29 7.95 1.32
C LEU A 49 10.81 7.45 2.69
N SER A 50 11.77 7.20 3.56
CA SER A 50 11.47 6.72 4.90
C SER A 50 10.36 7.58 5.53
N GLN A 51 10.50 8.88 5.36
CA GLN A 51 9.52 9.82 5.89
C GLN A 51 8.11 9.38 5.53
N ALA A 52 7.99 8.81 4.34
CA ALA A 52 6.70 8.34 3.85
C ALA A 52 6.39 6.98 4.50
N LEU A 53 7.43 6.17 4.64
CA LEU A 53 7.27 4.86 5.24
C LEU A 53 6.82 5.01 6.69
N GLU A 54 7.43 5.96 7.38
CA GLU A 54 7.09 6.21 8.77
C GLU A 54 5.62 6.61 8.90
N ASP A 55 5.12 7.26 7.85
CA ASP A 55 3.73 7.70 7.83
C ASP A 55 2.85 6.55 7.37
N VAL A 56 3.47 5.61 6.66
CA VAL A 56 2.75 4.45 6.15
C VAL A 56 2.36 3.55 7.33
N SER A 57 3.29 3.40 8.25
CA SER A 57 3.05 2.58 9.42
C SER A 57 2.13 3.30 10.40
N ARG A 58 2.55 4.49 10.79
CA ARG A 58 1.78 5.29 11.72
C ARG A 58 0.40 5.60 11.13
N GLY A 59 0.39 5.82 9.82
CA GLY A 59 -0.85 6.13 9.13
C GLY A 59 -1.81 4.94 9.18
N GLY A 60 -1.24 3.75 9.18
CA GLY A 60 -2.03 2.53 9.23
C GLY A 60 -1.73 1.64 8.02
N SER A 61 -1.33 2.29 6.93
CA SER A 61 -1.01 1.57 5.71
C SER A 61 -0.26 0.27 6.05
N PRO A 62 -0.93 -0.87 5.76
CA PRO A 62 -0.34 -2.17 6.03
C PRO A 62 0.73 -2.50 4.99
N PHE A 63 0.45 -2.13 3.75
CA PHE A 63 1.38 -2.37 2.66
C PHE A 63 1.91 -1.06 2.08
N ALA A 64 3.11 -1.15 1.54
CA ALA A 64 3.75 0.02 0.95
C ALA A 64 4.51 -0.40 -0.31
N ILE A 65 4.16 0.24 -1.42
CA ILE A 65 4.80 -0.06 -2.69
C ILE A 65 5.93 0.94 -2.93
N VAL A 66 7.08 0.40 -3.33
CA VAL A 66 8.24 1.24 -3.59
C VAL A 66 8.38 1.43 -5.10
N ILE A 67 8.45 2.69 -5.50
CA ILE A 67 8.59 3.03 -6.90
C ILE A 67 9.81 3.93 -7.09
N THR A 68 10.36 3.89 -8.30
CA THR A 68 11.52 4.71 -8.62
C THR A 68 11.93 4.51 -10.08
N GLN A 69 13.10 5.04 -10.42
CA GLN A 69 13.60 4.93 -11.77
C GLN A 69 13.71 3.46 -12.17
N GLN A 70 14.59 2.75 -11.49
CA GLN A 70 14.80 1.34 -11.76
C GLN A 70 13.46 0.60 -11.76
N HIS A 71 12.81 0.61 -10.61
CA HIS A 71 11.53 -0.05 -10.46
C HIS A 71 10.70 0.15 -11.73
N GLN A 72 10.79 1.36 -12.28
CA GLN A 72 10.06 1.69 -13.48
C GLN A 72 10.47 0.77 -14.63
N ILE A 73 11.77 0.79 -14.92
CA ILE A 73 12.30 -0.04 -15.99
C ILE A 73 11.84 -1.49 -15.79
N HIS A 74 12.37 -2.11 -14.75
CA HIS A 74 12.03 -3.49 -14.44
C HIS A 74 10.51 -3.61 -14.28
N ARG A 75 9.88 -2.47 -14.02
CA ARG A 75 8.44 -2.43 -13.85
C ARG A 75 8.04 -3.20 -12.58
N SER A 76 8.99 -3.28 -11.65
CA SER A 76 8.76 -3.99 -10.41
C SER A 76 8.98 -3.05 -9.23
N CYS A 77 8.21 -3.27 -8.17
CA CYS A 77 8.31 -2.45 -6.97
C CYS A 77 8.54 -3.39 -5.79
N THR A 78 8.76 -2.77 -4.63
CA THR A 78 8.99 -3.53 -3.41
C THR A 78 7.80 -3.38 -2.46
N VAL A 79 7.19 -4.52 -2.16
CA VAL A 79 6.04 -4.54 -1.28
C VAL A 79 6.51 -4.73 0.17
N ASN A 80 6.32 -3.71 0.96
CA ASN A 80 6.72 -3.75 2.36
C ASN A 80 5.48 -3.73 3.25
N ILE A 81 5.43 -4.70 4.15
CA ILE A 81 4.30 -4.80 5.07
C ILE A 81 4.64 -4.08 6.37
N MET A 82 3.62 -3.46 6.95
CA MET A 82 3.78 -2.73 8.19
C MET A 82 3.15 -3.49 9.36
N PHE A 83 2.15 -4.29 9.04
CA PHE A 83 1.45 -5.07 10.04
C PHE A 83 2.11 -6.42 10.24
N GLY A 84 2.01 -6.94 11.46
CA GLY A 84 2.59 -8.22 11.78
C GLY A 84 4.10 -8.23 11.52
N THR A 85 4.65 -9.43 11.50
CA THR A 85 6.08 -9.59 11.25
C THR A 85 6.54 -8.68 10.11
N PRO A 86 7.79 -8.18 10.22
CA PRO A 86 8.35 -7.31 9.20
C PRO A 86 8.74 -8.10 7.96
N GLN A 87 7.88 -8.01 6.95
CA GLN A 87 8.13 -8.71 5.69
C GLN A 87 8.43 -7.71 4.58
N GLU A 88 9.61 -7.86 4.01
CA GLU A 88 10.03 -6.98 2.92
C GLU A 88 10.21 -7.77 1.63
N HIS A 89 9.38 -7.43 0.65
CA HIS A 89 9.44 -8.11 -0.63
C HIS A 89 9.83 -7.10 -1.73
N ARG A 90 11.04 -7.26 -2.23
CA ARG A 90 11.54 -6.37 -3.26
C ARG A 90 11.83 -7.17 -4.54
N ASN A 91 12.03 -6.43 -5.63
CA ASN A 91 12.32 -7.06 -6.91
C ASN A 91 11.12 -7.90 -7.34
N MET A 92 9.98 -7.63 -6.70
CA MET A 92 8.77 -8.34 -7.02
C MET A 92 8.07 -7.74 -8.24
N PRO A 93 7.65 -8.64 -9.17
CA PRO A 93 6.97 -8.20 -10.38
C PRO A 93 5.52 -7.78 -10.08
N GLN A 94 5.07 -6.78 -10.82
CA GLN A 94 3.71 -6.28 -10.64
C GLN A 94 2.76 -7.43 -10.34
N ALA A 95 2.51 -8.23 -11.38
CA ALA A 95 1.61 -9.36 -11.24
C ALA A 95 1.80 -10.00 -9.86
N ASP A 96 2.95 -10.66 -9.70
CA ASP A 96 3.27 -11.32 -8.45
C ASP A 96 2.84 -10.42 -7.28
N ALA A 97 3.24 -9.16 -7.39
CA ALA A 97 2.91 -8.18 -6.35
C ALA A 97 1.39 -8.14 -6.17
N MET A 98 0.70 -8.07 -7.30
CA MET A 98 -0.75 -8.02 -7.28
C MET A 98 -1.34 -9.27 -6.65
N VAL A 99 -0.56 -10.34 -6.69
CA VAL A 99 -0.99 -11.61 -6.13
C VAL A 99 -0.66 -11.64 -4.64
N LEU A 100 0.58 -11.27 -4.32
CA LEU A 100 1.03 -11.26 -2.95
C LEU A 100 0.16 -10.29 -2.15
N VAL A 101 -0.36 -9.29 -2.84
CA VAL A 101 -1.21 -8.30 -2.20
C VAL A 101 -2.65 -8.82 -2.16
N ALA A 102 -3.12 -9.28 -3.32
CA ALA A 102 -4.47 -9.81 -3.42
C ALA A 102 -4.66 -10.93 -2.40
N ARG A 103 -3.55 -11.59 -2.08
CA ARG A 103 -3.58 -12.68 -1.13
C ARG A 103 -3.47 -12.14 0.31
N ASN A 104 -2.27 -11.69 0.63
CA ASN A 104 -2.03 -11.15 1.96
C ASN A 104 -3.23 -10.32 2.41
N TYR A 105 -3.70 -9.48 1.50
CA TYR A 105 -4.84 -8.63 1.80
C TYR A 105 -5.98 -9.44 2.43
N GLU A 106 -6.44 -10.42 1.69
CA GLU A 106 -7.52 -11.27 2.16
C GLU A 106 -7.14 -11.91 3.51
N ARG A 107 -5.88 -12.30 3.60
CA ARG A 107 -5.38 -12.92 4.81
C ARG A 107 -5.41 -11.93 5.97
N TYR A 108 -4.71 -10.82 5.78
CA TYR A 108 -4.67 -9.78 6.79
C TYR A 108 -6.03 -9.56 7.43
N LYS A 109 -7.07 -9.81 6.64
CA LYS A 109 -8.43 -9.64 7.11
C LYS A 109 -8.83 -10.87 7.94
N ASN A 110 -8.51 -12.04 7.40
CA ASN A 110 -8.83 -13.28 8.07
C ASN A 110 -8.47 -13.16 9.54
N GLU A 111 -7.40 -12.42 9.81
CA GLU A 111 -6.94 -12.21 11.16
C GLU A 111 -7.54 -10.94 11.75
N CYS A 112 -7.87 -10.02 10.86
CA CYS A 112 -8.45 -8.75 11.27
C CYS A 112 -9.80 -9.03 11.94
N ARG A 113 -10.75 -9.45 11.13
CA ARG A 113 -12.08 -9.76 11.62
C ARG A 113 -11.98 -10.47 12.97
N GLU A 114 -11.17 -11.51 13.01
CA GLU A 114 -10.98 -12.28 14.22
C GLU A 114 -10.36 -11.41 15.31
N LYS A 115 -11.22 -10.76 16.07
CA LYS A 115 -10.77 -9.89 17.15
C LYS A 115 -10.46 -10.74 18.38
N GLU A 116 -9.18 -11.00 18.58
CA GLU A 116 -8.73 -11.80 19.71
C GLU A 116 -9.19 -13.25 19.55
N ARG A 117 -8.32 -14.16 19.96
CA ARG A 117 -8.62 -15.57 19.87
C ARG A 117 -8.83 -15.98 18.41
N GLU A 118 -7.91 -16.80 17.92
CA GLU A 118 -7.98 -17.27 16.55
C GLU A 118 -9.42 -17.68 16.21
N GLU A 119 -9.65 -17.86 14.91
CA GLU A 119 -10.97 -18.26 14.44
C GLU A 119 -10.90 -19.63 13.78
N ILE A 120 -10.09 -20.50 14.36
CA ILE A 120 -9.93 -21.84 13.83
C ILE A 120 -11.30 -22.39 13.42
N ALA A 121 -11.41 -22.69 12.13
CA ALA A 121 -12.66 -23.22 11.60
C ALA A 121 -12.42 -23.74 10.18
N ARG A 122 -11.93 -24.97 10.10
CA ARG A 122 -11.66 -25.59 8.82
C ARG A 122 -11.59 -27.11 8.97
N GLN A 123 -12.11 -27.79 7.96
CA GLN A 123 -12.12 -29.25 7.95
C GLN A 123 -11.25 -29.79 6.82
N ALA A 124 -10.65 -30.94 7.08
CA ALA A 124 -9.80 -31.57 6.08
C ALA A 124 -10.65 -32.49 5.19
N SER A 125 -10.43 -32.35 3.89
CA SER A 125 -11.16 -33.13 2.92
C SER A 125 -10.35 -33.28 1.64
N GLY A 126 -10.04 -34.53 1.31
CA GLY A 126 -9.27 -34.82 0.12
C GLY A 126 -8.68 -36.24 0.18
N PRO A 127 -8.72 -36.93 -0.99
CA PRO A 127 -8.20 -38.28 -1.08
C PRO A 127 -6.68 -38.28 -1.10
N SER A 128 -6.11 -39.33 -0.53
CA SER A 128 -4.66 -39.46 -0.48
C SER A 128 -4.24 -40.84 -0.99
N SER A 129 -3.13 -40.85 -1.71
CA SER A 129 -2.61 -42.09 -2.26
C SER A 129 -1.13 -42.25 -1.90
N GLY A 130 -0.89 -42.74 -0.70
CA GLY A 130 0.46 -42.94 -0.23
C GLY A 130 0.67 -42.32 1.16
N GLY A 1 5.72 17.76 12.80
CA GLY A 1 6.25 16.79 11.86
C GLY A 1 5.12 16.01 11.19
N SER A 2 4.33 16.73 10.40
CA SER A 2 3.22 16.11 9.70
C SER A 2 3.44 16.21 8.18
N SER A 3 3.93 15.12 7.62
CA SER A 3 4.19 15.07 6.18
C SER A 3 2.95 14.55 5.45
N GLY A 4 1.96 15.43 5.33
CA GLY A 4 0.73 15.08 4.65
C GLY A 4 -0.13 14.16 5.52
N SER A 5 -0.45 12.99 4.97
CA SER A 5 -1.26 12.03 5.68
C SER A 5 -2.71 12.52 5.77
N SER A 6 -3.60 11.75 5.16
CA SER A 6 -5.01 12.09 5.16
C SER A 6 -5.86 10.83 4.99
N GLY A 7 -6.01 10.10 6.09
CA GLY A 7 -6.79 8.88 6.08
C GLY A 7 -5.89 7.66 5.88
N PRO A 8 -6.44 6.48 6.26
CA PRO A 8 -5.70 5.22 6.12
C PRO A 8 -5.63 4.78 4.66
N VAL A 9 -4.82 3.76 4.41
CA VAL A 9 -4.66 3.23 3.07
C VAL A 9 -4.31 1.75 3.15
N ASP A 10 -4.89 0.99 2.24
CA ASP A 10 -4.66 -0.44 2.20
C ASP A 10 -3.24 -0.70 1.69
N CYS A 11 -2.88 0.00 0.62
CA CYS A 11 -1.56 -0.15 0.03
C CYS A 11 -1.16 1.20 -0.58
N SER A 12 -0.25 1.88 0.11
CA SER A 12 0.22 3.18 -0.35
C SER A 12 1.39 2.99 -1.32
N VAL A 13 1.39 3.81 -2.36
CA VAL A 13 2.44 3.74 -3.36
C VAL A 13 3.46 4.85 -3.09
N ILE A 14 4.70 4.43 -2.87
CA ILE A 14 5.77 5.37 -2.60
C ILE A 14 6.57 5.60 -3.89
N VAL A 15 6.55 6.85 -4.34
CA VAL A 15 7.26 7.22 -5.55
C VAL A 15 8.24 8.35 -5.24
N VAL A 16 9.50 7.99 -5.14
CA VAL A 16 10.54 8.97 -4.84
C VAL A 16 11.02 9.60 -6.15
N ASN A 17 10.09 10.24 -6.84
CA ASN A 17 10.42 10.89 -8.10
C ASN A 17 9.12 11.39 -8.75
N LYS A 18 9.28 11.98 -9.93
CA LYS A 18 8.14 12.50 -10.66
C LYS A 18 7.95 11.69 -11.95
N GLN A 19 9.07 11.40 -12.60
CA GLN A 19 9.04 10.64 -13.84
C GLN A 19 8.12 9.43 -13.69
N THR A 20 8.27 8.74 -12.56
CA THR A 20 7.45 7.57 -12.29
C THR A 20 6.13 7.98 -11.65
N LYS A 21 5.47 8.95 -12.28
CA LYS A 21 4.20 9.43 -11.78
C LYS A 21 3.07 8.57 -12.34
N ASP A 22 3.05 8.48 -13.67
CA ASP A 22 2.04 7.69 -14.34
C ASP A 22 2.21 6.22 -13.98
N TYR A 23 3.44 5.74 -14.13
CA TYR A 23 3.75 4.36 -13.83
C TYR A 23 3.27 3.99 -12.42
N ALA A 24 3.76 4.75 -11.45
CA ALA A 24 3.40 4.51 -10.06
C ALA A 24 1.88 4.64 -9.90
N GLU A 25 1.32 5.60 -10.62
CA GLU A 25 -0.11 5.83 -10.56
C GLU A 25 -0.87 4.61 -11.09
N SER A 26 -0.12 3.72 -11.71
CA SER A 26 -0.70 2.51 -12.26
C SER A 26 -0.69 1.41 -11.21
N VAL A 27 0.51 0.97 -10.85
CA VAL A 27 0.67 -0.07 -9.85
C VAL A 27 -0.30 0.19 -8.69
N GLY A 28 -0.55 1.46 -8.46
CA GLY A 28 -1.45 1.85 -7.38
C GLY A 28 -2.89 1.43 -7.68
N ARG A 29 -3.29 1.64 -8.93
CA ARG A 29 -4.63 1.29 -9.36
C ARG A 29 -4.80 -0.23 -9.39
N LYS A 30 -3.77 -0.89 -9.89
CA LYS A 30 -3.79 -2.34 -9.98
C LYS A 30 -4.27 -2.93 -8.66
N VAL A 31 -3.76 -2.35 -7.58
CA VAL A 31 -4.13 -2.80 -6.24
C VAL A 31 -5.59 -2.45 -5.97
N ARG A 32 -6.00 -1.31 -6.53
CA ARG A 32 -7.37 -0.85 -6.35
C ARG A 32 -8.34 -1.77 -7.11
N ASP A 33 -7.85 -2.30 -8.21
CA ASP A 33 -8.65 -3.19 -9.03
C ASP A 33 -9.06 -4.42 -8.20
N LEU A 34 -8.35 -4.61 -7.10
CA LEU A 34 -8.63 -5.73 -6.22
C LEU A 34 -9.60 -5.28 -5.13
N GLY A 35 -9.81 -3.98 -5.06
CA GLY A 35 -10.70 -3.40 -4.07
C GLY A 35 -9.95 -2.92 -2.84
N MET A 36 -8.69 -2.53 -3.07
CA MET A 36 -7.85 -2.06 -1.99
C MET A 36 -7.52 -0.57 -2.18
N VAL A 37 -7.69 0.18 -1.09
CA VAL A 37 -7.41 1.60 -1.12
C VAL A 37 -5.92 1.82 -1.36
N VAL A 38 -5.62 2.58 -2.40
CA VAL A 38 -4.24 2.88 -2.75
C VAL A 38 -4.11 4.37 -3.04
N ASP A 39 -2.93 4.90 -2.75
CA ASP A 39 -2.66 6.30 -2.97
C ASP A 39 -1.23 6.47 -3.50
N LEU A 40 -0.93 7.67 -3.97
CA LEU A 40 0.38 7.96 -4.50
C LEU A 40 1.05 9.04 -3.63
N ILE A 41 2.25 8.74 -3.19
CA ILE A 41 3.01 9.67 -2.36
C ILE A 41 4.24 10.16 -3.13
N PHE A 42 4.20 11.43 -3.49
CA PHE A 42 5.30 12.03 -4.23
C PHE A 42 6.24 12.77 -3.29
N LEU A 43 7.54 12.54 -3.48
CA LEU A 43 8.55 13.17 -2.66
C LEU A 43 9.49 13.99 -3.55
N ASN A 44 10.37 13.27 -4.24
CA ASN A 44 11.33 13.91 -5.12
C ASN A 44 12.33 14.71 -4.30
N THR A 45 11.83 15.75 -3.65
CA THR A 45 12.67 16.60 -2.84
C THR A 45 12.03 16.82 -1.46
N GLU A 46 10.73 17.03 -1.48
CA GLU A 46 9.98 17.25 -0.25
C GLU A 46 10.61 16.45 0.90
N VAL A 47 10.32 15.15 0.89
CA VAL A 47 10.85 14.27 1.92
C VAL A 47 11.49 13.05 1.26
N SER A 48 11.86 12.09 2.10
CA SER A 48 12.49 10.87 1.61
C SER A 48 11.52 9.70 1.74
N LEU A 49 12.00 8.52 1.36
CA LEU A 49 11.19 7.33 1.43
C LEU A 49 10.74 7.10 2.88
N SER A 50 11.72 6.96 3.75
CA SER A 50 11.44 6.74 5.16
C SER A 50 10.35 7.70 5.63
N GLN A 51 10.62 8.99 5.45
CA GLN A 51 9.66 10.00 5.85
C GLN A 51 8.24 9.57 5.51
N ALA A 52 8.13 8.82 4.43
CA ALA A 52 6.84 8.33 3.98
C ALA A 52 6.53 7.00 4.66
N LEU A 53 7.57 6.17 4.75
CA LEU A 53 7.42 4.86 5.37
C LEU A 53 6.94 5.04 6.82
N GLU A 54 7.60 5.94 7.53
CA GLU A 54 7.25 6.21 8.90
C GLU A 54 5.79 6.64 9.01
N ASP A 55 5.31 7.27 7.94
CA ASP A 55 3.94 7.73 7.91
C ASP A 55 3.03 6.56 7.50
N VAL A 56 3.58 5.68 6.68
CA VAL A 56 2.83 4.53 6.22
C VAL A 56 2.37 3.71 7.42
N SER A 57 3.34 3.26 8.20
CA SER A 57 3.06 2.47 9.38
C SER A 57 2.16 3.25 10.33
N ARG A 58 2.69 4.36 10.83
CA ARG A 58 1.96 5.21 11.75
C ARG A 58 0.56 5.48 11.21
N GLY A 59 0.47 5.62 9.89
CA GLY A 59 -0.79 5.88 9.24
C GLY A 59 -1.71 4.66 9.32
N GLY A 60 -1.08 3.49 9.42
CA GLY A 60 -1.83 2.25 9.51
C GLY A 60 -1.59 1.38 8.27
N SER A 61 -1.23 2.05 7.19
CA SER A 61 -0.95 1.35 5.93
C SER A 61 -0.22 0.04 6.21
N PRO A 62 -0.89 -1.09 5.89
CA PRO A 62 -0.31 -2.40 6.10
C PRO A 62 0.75 -2.70 5.04
N PHE A 63 0.42 -2.39 3.80
CA PHE A 63 1.34 -2.62 2.70
C PHE A 63 1.75 -1.30 2.05
N ALA A 64 2.98 -1.29 1.57
CA ALA A 64 3.52 -0.10 0.93
C ALA A 64 4.33 -0.51 -0.31
N ILE A 65 3.98 0.10 -1.44
CA ILE A 65 4.67 -0.20 -2.68
C ILE A 65 5.78 0.83 -2.90
N VAL A 66 6.93 0.33 -3.34
CA VAL A 66 8.07 1.19 -3.60
C VAL A 66 8.21 1.41 -5.10
N ILE A 67 8.31 2.68 -5.47
CA ILE A 67 8.44 3.06 -6.86
C ILE A 67 9.67 3.95 -7.04
N THR A 68 10.31 3.80 -8.19
CA THR A 68 11.50 4.59 -8.48
C THR A 68 11.94 4.37 -9.94
N GLN A 69 12.63 5.36 -10.47
CA GLN A 69 13.11 5.27 -11.84
C GLN A 69 13.64 3.88 -12.14
N GLN A 70 14.69 3.51 -11.42
CA GLN A 70 15.30 2.19 -11.60
C GLN A 70 14.21 1.13 -11.73
N HIS A 71 13.28 1.17 -10.80
CA HIS A 71 12.18 0.21 -10.80
C HIS A 71 11.43 0.28 -12.14
N GLN A 72 11.00 1.49 -12.47
CA GLN A 72 10.28 1.70 -13.71
C GLN A 72 10.88 0.85 -14.82
N ILE A 73 12.20 0.79 -14.84
CA ILE A 73 12.90 0.01 -15.85
C ILE A 73 12.54 -1.46 -15.70
N HIS A 74 12.71 -1.95 -14.47
CA HIS A 74 12.41 -3.34 -14.18
C HIS A 74 10.90 -3.53 -14.09
N ARG A 75 10.18 -2.44 -14.25
CA ARG A 75 8.73 -2.47 -14.20
C ARG A 75 8.27 -3.26 -12.97
N SER A 76 9.12 -3.25 -11.95
CA SER A 76 8.80 -3.95 -10.72
C SER A 76 8.88 -2.99 -9.53
N CYS A 77 8.17 -3.34 -8.48
CA CYS A 77 8.15 -2.53 -7.27
C CYS A 77 8.49 -3.42 -6.08
N THR A 78 8.60 -2.78 -4.92
CA THR A 78 8.92 -3.51 -3.70
C THR A 78 7.77 -3.39 -2.70
N VAL A 79 7.22 -4.54 -2.33
CA VAL A 79 6.12 -4.58 -1.39
C VAL A 79 6.68 -4.71 0.03
N ASN A 80 6.41 -3.68 0.83
CA ASN A 80 6.88 -3.67 2.21
C ASN A 80 5.68 -3.74 3.15
N ILE A 81 5.62 -4.82 3.90
CA ILE A 81 4.53 -5.02 4.85
C ILE A 81 4.85 -4.29 6.15
N MET A 82 3.80 -3.78 6.78
CA MET A 82 3.96 -3.07 8.03
C MET A 82 3.28 -3.81 9.18
N PHE A 83 2.25 -4.57 8.83
CA PHE A 83 1.52 -5.35 9.81
C PHE A 83 2.11 -6.74 9.98
N GLY A 84 1.98 -7.28 11.19
CA GLY A 84 2.49 -8.61 11.49
C GLY A 84 3.98 -8.71 11.12
N THR A 85 4.39 -9.94 10.84
CA THR A 85 5.78 -10.18 10.48
C THR A 85 6.22 -9.21 9.38
N PRO A 86 7.39 -8.56 9.62
CA PRO A 86 7.93 -7.61 8.67
C PRO A 86 8.56 -8.33 7.48
N GLN A 87 7.78 -8.43 6.41
CA GLN A 87 8.26 -9.09 5.20
C GLN A 87 8.50 -8.06 4.09
N GLU A 88 9.76 -7.94 3.71
CA GLU A 88 10.13 -7.01 2.66
C GLU A 88 10.51 -7.75 1.38
N HIS A 89 9.54 -7.84 0.48
CA HIS A 89 9.75 -8.53 -0.77
C HIS A 89 10.46 -7.60 -1.76
N ARG A 90 11.67 -7.98 -2.13
CA ARG A 90 12.47 -7.19 -3.05
C ARG A 90 12.43 -7.82 -4.44
N ASN A 91 12.24 -6.97 -5.44
CA ASN A 91 12.18 -7.41 -6.81
C ASN A 91 10.98 -8.34 -7.00
N MET A 92 9.84 -7.73 -7.29
CA MET A 92 8.62 -8.49 -7.49
C MET A 92 7.81 -7.92 -8.66
N PRO A 93 7.39 -8.85 -9.56
CA PRO A 93 6.62 -8.47 -10.73
C PRO A 93 5.18 -8.13 -10.34
N GLN A 94 4.63 -7.12 -11.01
CA GLN A 94 3.27 -6.70 -10.76
C GLN A 94 2.37 -7.90 -10.48
N ALA A 95 2.22 -8.74 -11.51
CA ALA A 95 1.41 -9.93 -11.40
C ALA A 95 1.60 -10.54 -10.02
N ASP A 96 2.82 -10.98 -9.76
CA ASP A 96 3.13 -11.59 -8.47
C ASP A 96 2.73 -10.64 -7.35
N ALA A 97 3.16 -9.39 -7.49
CA ALA A 97 2.85 -8.38 -6.49
C ALA A 97 1.35 -8.39 -6.20
N MET A 98 0.58 -8.47 -7.28
CA MET A 98 -0.87 -8.49 -7.17
C MET A 98 -1.34 -9.74 -6.42
N VAL A 99 -0.54 -10.79 -6.53
CA VAL A 99 -0.87 -12.05 -5.87
C VAL A 99 -0.42 -11.98 -4.41
N LEU A 100 0.80 -11.48 -4.22
CA LEU A 100 1.36 -11.36 -2.88
C LEU A 100 0.50 -10.40 -2.07
N VAL A 101 -0.12 -9.47 -2.77
CA VAL A 101 -0.97 -8.48 -2.12
C VAL A 101 -2.39 -9.04 -1.98
N ALA A 102 -2.90 -9.56 -3.09
CA ALA A 102 -4.24 -10.13 -3.11
C ALA A 102 -4.32 -11.26 -2.09
N ARG A 103 -3.23 -12.00 -1.99
CA ARG A 103 -3.16 -13.12 -1.06
C ARG A 103 -3.08 -12.60 0.38
N ASN A 104 -1.95 -12.00 0.71
CA ASN A 104 -1.73 -11.46 2.03
C ASN A 104 -2.99 -10.70 2.48
N TYR A 105 -3.35 -9.71 1.68
CA TYR A 105 -4.53 -8.90 1.98
C TYR A 105 -5.67 -9.77 2.51
N GLU A 106 -6.00 -10.80 1.72
CA GLU A 106 -7.07 -11.71 2.10
C GLU A 106 -6.88 -12.19 3.54
N ARG A 107 -5.87 -13.01 3.73
CA ARG A 107 -5.57 -13.55 5.05
C ARG A 107 -5.70 -12.44 6.11
N TYR A 108 -4.93 -11.39 5.91
CA TYR A 108 -4.94 -10.26 6.83
C TYR A 108 -6.37 -9.82 7.14
N LYS A 109 -7.25 -10.05 6.16
CA LYS A 109 -8.65 -9.68 6.32
C LYS A 109 -9.37 -10.77 7.12
N ASN A 110 -9.03 -12.01 6.82
CA ASN A 110 -9.62 -13.14 7.50
C ASN A 110 -9.53 -12.93 9.02
N GLU A 111 -8.44 -12.29 9.41
CA GLU A 111 -8.21 -12.02 10.82
C GLU A 111 -8.94 -10.75 11.25
N CYS A 112 -9.17 -9.87 10.28
CA CYS A 112 -9.84 -8.62 10.54
C CYS A 112 -11.26 -8.94 11.04
N ARG A 113 -11.93 -9.80 10.29
CA ARG A 113 -13.28 -10.20 10.63
C ARG A 113 -13.41 -10.41 12.15
N GLU A 114 -12.32 -10.89 12.73
CA GLU A 114 -12.29 -11.14 14.16
C GLU A 114 -12.55 -9.85 14.93
N LYS A 115 -11.80 -8.82 14.57
CA LYS A 115 -11.94 -7.52 15.21
C LYS A 115 -13.15 -6.80 14.63
N GLU A 116 -14.32 -7.31 14.95
CA GLU A 116 -15.56 -6.72 14.46
C GLU A 116 -16.75 -7.60 14.86
N ARG A 117 -17.94 -7.10 14.55
CA ARG A 117 -19.16 -7.80 14.88
C ARG A 117 -18.94 -9.32 14.76
N GLU A 118 -19.56 -10.05 15.68
CA GLU A 118 -19.43 -11.50 15.69
C GLU A 118 -19.60 -12.05 14.27
N GLU A 119 -19.17 -13.29 14.11
CA GLU A 119 -19.27 -13.95 12.82
C GLU A 119 -20.20 -15.16 12.90
N ILE A 120 -21.29 -14.97 13.63
CA ILE A 120 -22.27 -16.04 13.81
C ILE A 120 -22.97 -16.29 12.46
N ALA A 121 -22.21 -16.86 11.54
CA ALA A 121 -22.74 -17.17 10.23
C ALA A 121 -21.75 -18.07 9.48
N ARG A 122 -21.30 -19.11 10.17
CA ARG A 122 -20.36 -20.05 9.59
C ARG A 122 -20.16 -21.24 10.51
N GLN A 123 -20.18 -22.42 9.92
CA GLN A 123 -20.01 -23.65 10.68
C GLN A 123 -18.89 -24.49 10.06
N ALA A 124 -18.12 -25.11 10.95
CA ALA A 124 -17.01 -25.95 10.51
C ALA A 124 -16.42 -26.67 11.72
N SER A 125 -15.36 -27.43 11.46
CA SER A 125 -14.69 -28.18 12.52
C SER A 125 -13.38 -27.50 12.88
N GLY A 126 -12.75 -28.00 13.93
CA GLY A 126 -11.49 -27.46 14.40
C GLY A 126 -10.33 -28.40 14.05
N PRO A 127 -9.51 -27.97 13.06
CA PRO A 127 -8.37 -28.75 12.63
C PRO A 127 -7.23 -28.68 13.66
N SER A 128 -6.16 -29.39 13.36
CA SER A 128 -5.01 -29.41 14.24
C SER A 128 -3.83 -28.72 13.56
N SER A 129 -2.77 -28.51 14.35
CA SER A 129 -1.58 -27.86 13.84
C SER A 129 -0.34 -28.71 14.16
N GLY A 130 0.79 -28.27 13.63
CA GLY A 130 2.04 -28.98 13.85
C GLY A 130 2.77 -29.23 12.53
N GLY A 1 -3.07 16.41 20.10
CA GLY A 1 -2.73 15.21 19.36
C GLY A 1 -1.89 15.54 18.12
N SER A 2 -1.83 14.58 17.21
CA SER A 2 -1.08 14.76 15.99
C SER A 2 -1.75 15.80 15.10
N SER A 3 -0.95 16.38 14.22
CA SER A 3 -1.46 17.39 13.30
C SER A 3 -0.81 17.23 11.93
N GLY A 4 -1.63 16.79 10.97
CA GLY A 4 -1.14 16.58 9.62
C GLY A 4 -2.31 16.39 8.65
N SER A 5 -2.15 15.44 7.75
CA SER A 5 -3.18 15.15 6.76
C SER A 5 -2.82 13.88 5.99
N SER A 6 -3.30 12.76 6.50
CA SER A 6 -3.03 11.48 5.86
C SER A 6 -3.85 10.38 6.56
N GLY A 7 -4.53 9.60 5.73
CA GLY A 7 -5.35 8.51 6.24
C GLY A 7 -4.72 7.15 5.95
N PRO A 8 -5.41 6.07 6.40
CA PRO A 8 -4.92 4.73 6.19
C PRO A 8 -5.13 4.30 4.73
N VAL A 9 -4.18 3.49 4.25
CA VAL A 9 -4.24 3.00 2.88
C VAL A 9 -3.79 1.55 2.85
N ASP A 10 -4.71 0.68 2.45
CA ASP A 10 -4.41 -0.74 2.36
C ASP A 10 -3.01 -0.93 1.80
N CYS A 11 -2.74 -0.23 0.70
CA CYS A 11 -1.44 -0.32 0.05
C CYS A 11 -1.14 1.03 -0.60
N SER A 12 -0.26 1.78 0.04
CA SER A 12 0.13 3.09 -0.47
C SER A 12 1.35 2.96 -1.38
N VAL A 13 1.37 3.80 -2.41
CA VAL A 13 2.47 3.79 -3.35
C VAL A 13 3.47 4.88 -2.98
N ILE A 14 4.74 4.49 -2.91
CA ILE A 14 5.79 5.42 -2.56
C ILE A 14 6.65 5.69 -3.80
N VAL A 15 6.44 6.86 -4.38
CA VAL A 15 7.18 7.26 -5.57
C VAL A 15 8.10 8.43 -5.23
N VAL A 16 9.35 8.10 -4.95
CA VAL A 16 10.32 9.12 -4.60
C VAL A 16 10.70 9.91 -5.86
N ASN A 17 10.91 9.17 -6.94
CA ASN A 17 11.27 9.79 -8.21
C ASN A 17 10.10 10.63 -8.71
N LYS A 18 10.42 11.86 -9.08
CA LYS A 18 9.40 12.78 -9.57
C LYS A 18 9.24 12.57 -11.08
N GLN A 19 9.08 11.32 -11.46
CA GLN A 19 8.91 10.98 -12.87
C GLN A 19 7.85 9.89 -13.02
N THR A 20 7.97 8.87 -12.20
CA THR A 20 7.02 7.77 -12.23
C THR A 20 5.65 8.21 -11.72
N LYS A 21 5.10 9.21 -12.40
CA LYS A 21 3.80 9.73 -12.03
C LYS A 21 2.70 8.95 -12.73
N ASP A 22 3.01 8.52 -13.95
CA ASP A 22 2.06 7.77 -14.74
C ASP A 22 2.27 6.27 -14.48
N TYR A 23 3.48 5.94 -14.06
CA TYR A 23 3.82 4.55 -13.76
C TYR A 23 3.31 4.15 -12.38
N ALA A 24 3.68 4.95 -11.39
CA ALA A 24 3.26 4.68 -10.02
C ALA A 24 1.74 4.72 -9.94
N GLU A 25 1.16 5.67 -10.67
CA GLU A 25 -0.28 5.82 -10.68
C GLU A 25 -0.95 4.54 -11.21
N SER A 26 -0.13 3.68 -11.80
CA SER A 26 -0.62 2.43 -12.34
C SER A 26 -0.63 1.36 -11.24
N VAL A 27 0.58 0.95 -10.85
CA VAL A 27 0.73 -0.06 -9.83
C VAL A 27 -0.14 0.31 -8.62
N GLY A 28 -0.34 1.61 -8.46
CA GLY A 28 -1.15 2.10 -7.35
C GLY A 28 -2.63 1.77 -7.57
N ARG A 29 -3.01 1.67 -8.82
CA ARG A 29 -4.38 1.37 -9.17
C ARG A 29 -4.57 -0.14 -9.32
N LYS A 30 -3.51 -0.79 -9.79
CA LYS A 30 -3.55 -2.23 -9.98
C LYS A 30 -4.08 -2.90 -8.71
N VAL A 31 -3.62 -2.38 -7.58
CA VAL A 31 -4.05 -2.92 -6.29
C VAL A 31 -5.51 -2.58 -6.06
N ARG A 32 -5.90 -1.41 -6.53
CA ARG A 32 -7.27 -0.95 -6.39
C ARG A 32 -8.21 -1.85 -7.18
N ASP A 33 -7.71 -2.37 -8.29
CA ASP A 33 -8.49 -3.24 -9.15
C ASP A 33 -8.91 -4.49 -8.35
N LEU A 34 -8.19 -4.72 -7.26
CA LEU A 34 -8.47 -5.86 -6.41
C LEU A 34 -9.47 -5.45 -5.32
N GLY A 35 -9.68 -4.15 -5.21
CA GLY A 35 -10.60 -3.61 -4.23
C GLY A 35 -9.85 -3.17 -2.97
N MET A 36 -8.61 -2.76 -3.17
CA MET A 36 -7.78 -2.31 -2.07
C MET A 36 -7.48 -0.82 -2.19
N VAL A 37 -7.63 -0.13 -1.07
CA VAL A 37 -7.37 1.31 -1.03
C VAL A 37 -5.89 1.56 -1.29
N VAL A 38 -5.63 2.36 -2.32
CA VAL A 38 -4.26 2.68 -2.67
C VAL A 38 -4.15 4.19 -2.95
N ASP A 39 -2.97 4.72 -2.70
CA ASP A 39 -2.73 6.14 -2.93
C ASP A 39 -1.32 6.34 -3.48
N LEU A 40 -1.07 7.54 -3.96
CA LEU A 40 0.23 7.86 -4.52
C LEU A 40 0.92 8.91 -3.63
N ILE A 41 2.15 8.60 -3.26
CA ILE A 41 2.93 9.49 -2.42
C ILE A 41 4.14 10.00 -3.20
N PHE A 42 4.05 11.25 -3.62
CA PHE A 42 5.13 11.88 -4.38
C PHE A 42 6.11 12.59 -3.44
N LEU A 43 7.37 12.21 -3.57
CA LEU A 43 8.40 12.82 -2.75
C LEU A 43 9.37 13.59 -3.65
N ASN A 44 10.30 14.30 -3.00
CA ASN A 44 11.28 15.09 -3.72
C ASN A 44 12.20 15.78 -2.72
N THR A 45 12.86 16.83 -3.20
CA THR A 45 13.77 17.58 -2.36
C THR A 45 13.05 18.11 -1.12
N GLU A 46 13.04 17.28 -0.09
CA GLU A 46 12.39 17.65 1.16
C GLU A 46 12.70 16.61 2.24
N VAL A 47 12.23 15.39 2.00
CA VAL A 47 12.45 14.31 2.95
C VAL A 47 12.98 13.08 2.19
N SER A 48 12.77 11.92 2.80
CA SER A 48 13.22 10.68 2.20
C SER A 48 12.08 9.67 2.17
N LEU A 49 12.41 8.46 1.76
CA LEU A 49 11.43 7.39 1.68
C LEU A 49 10.89 7.09 3.08
N SER A 50 11.81 6.73 3.97
CA SER A 50 11.44 6.41 5.34
C SER A 50 10.40 7.41 5.84
N GLN A 51 10.75 8.69 5.75
CA GLN A 51 9.85 9.74 6.19
C GLN A 51 8.41 9.39 5.83
N ALA A 52 8.25 8.80 4.66
CA ALA A 52 6.93 8.41 4.19
C ALA A 52 6.53 7.08 4.84
N LEU A 53 7.48 6.16 4.85
CA LEU A 53 7.24 4.85 5.44
C LEU A 53 6.82 5.02 6.90
N GLU A 54 7.46 5.95 7.57
CA GLU A 54 7.16 6.23 8.96
C GLU A 54 5.71 6.69 9.11
N ASP A 55 5.23 7.38 8.08
CA ASP A 55 3.87 7.89 8.09
C ASP A 55 2.93 6.79 7.60
N VAL A 56 3.46 5.93 6.74
CA VAL A 56 2.68 4.84 6.20
C VAL A 56 2.19 3.94 7.34
N SER A 57 3.13 3.54 8.17
CA SER A 57 2.82 2.68 9.30
C SER A 57 1.89 3.42 10.27
N ARG A 58 2.40 4.49 10.84
CA ARG A 58 1.63 5.30 11.78
C ARG A 58 0.24 5.59 11.20
N GLY A 59 0.21 5.80 9.90
CA GLY A 59 -1.04 6.10 9.22
C GLY A 59 -1.97 4.89 9.25
N GLY A 60 -1.36 3.70 9.29
CA GLY A 60 -2.13 2.47 9.31
C GLY A 60 -1.80 1.60 8.10
N SER A 61 -1.42 2.27 7.01
CA SER A 61 -1.07 1.57 5.79
C SER A 61 -0.28 0.31 6.12
N PRO A 62 -0.93 -0.86 5.85
CA PRO A 62 -0.29 -2.14 6.11
C PRO A 62 0.76 -2.45 5.05
N PHE A 63 0.42 -2.15 3.81
CA PHE A 63 1.32 -2.39 2.70
C PHE A 63 1.79 -1.08 2.08
N ALA A 64 3.02 -1.10 1.59
CA ALA A 64 3.61 0.08 0.97
C ALA A 64 4.44 -0.34 -0.23
N ILE A 65 4.11 0.25 -1.38
CA ILE A 65 4.82 -0.06 -2.60
C ILE A 65 5.92 0.97 -2.82
N VAL A 66 7.08 0.48 -3.26
CA VAL A 66 8.22 1.35 -3.51
C VAL A 66 8.37 1.57 -5.02
N ILE A 67 8.50 2.84 -5.38
CA ILE A 67 8.65 3.20 -6.78
C ILE A 67 9.87 4.12 -6.94
N THR A 68 10.59 3.90 -8.02
CA THR A 68 11.77 4.70 -8.32
C THR A 68 11.98 4.82 -9.82
N GLN A 69 13.25 4.89 -10.20
CA GLN A 69 13.60 5.01 -11.61
C GLN A 69 13.77 3.62 -12.24
N GLN A 70 14.66 2.85 -11.65
CA GLN A 70 14.93 1.50 -12.13
C GLN A 70 13.64 0.66 -12.10
N HIS A 71 12.96 0.74 -10.96
CA HIS A 71 11.72 0.00 -10.79
C HIS A 71 10.81 0.22 -11.99
N GLN A 72 10.91 1.42 -12.56
CA GLN A 72 10.11 1.77 -13.71
C GLN A 72 10.51 0.92 -14.92
N ILE A 73 11.81 0.83 -15.12
CA ILE A 73 12.34 0.05 -16.23
C ILE A 73 12.07 -1.43 -16.00
N HIS A 74 12.44 -1.88 -14.81
CA HIS A 74 12.25 -3.28 -14.44
C HIS A 74 10.76 -3.55 -14.23
N ARG A 75 10.00 -2.46 -14.10
CA ARG A 75 8.57 -2.57 -13.90
C ARG A 75 8.27 -3.36 -12.62
N SER A 76 9.23 -3.33 -11.71
CA SER A 76 9.08 -4.04 -10.45
C SER A 76 9.18 -3.05 -9.28
N CYS A 77 8.39 -3.32 -8.26
CA CYS A 77 8.37 -2.46 -7.09
C CYS A 77 8.69 -3.33 -5.86
N THR A 78 8.81 -2.66 -4.72
CA THR A 78 9.12 -3.35 -3.48
C THR A 78 7.94 -3.23 -2.50
N VAL A 79 7.34 -4.37 -2.20
CA VAL A 79 6.21 -4.41 -1.29
C VAL A 79 6.72 -4.62 0.14
N ASN A 80 6.44 -3.65 0.98
CA ASN A 80 6.87 -3.72 2.37
C ASN A 80 5.64 -3.73 3.28
N ILE A 81 5.54 -4.79 4.06
CA ILE A 81 4.42 -4.94 4.97
C ILE A 81 4.74 -4.23 6.29
N MET A 82 3.70 -3.65 6.88
CA MET A 82 3.86 -2.94 8.13
C MET A 82 3.27 -3.74 9.30
N PHE A 83 2.29 -4.56 8.98
CA PHE A 83 1.64 -5.39 9.97
C PHE A 83 2.15 -6.83 9.92
N GLY A 84 2.11 -7.48 11.06
CA GLY A 84 2.56 -8.86 11.16
C GLY A 84 4.08 -8.95 11.01
N THR A 85 4.57 -10.18 11.00
CA THR A 85 6.01 -10.42 10.87
C THR A 85 6.61 -9.46 9.83
N PRO A 86 7.88 -9.07 10.10
CA PRO A 86 8.58 -8.16 9.19
C PRO A 86 9.03 -8.88 7.92
N GLN A 87 8.27 -8.67 6.86
CA GLN A 87 8.58 -9.29 5.59
C GLN A 87 8.92 -8.23 4.55
N GLU A 88 10.13 -8.34 4.02
CA GLU A 88 10.60 -7.39 3.01
C GLU A 88 10.79 -8.10 1.67
N HIS A 89 9.91 -7.79 0.74
CA HIS A 89 9.97 -8.38 -0.59
C HIS A 89 10.72 -7.45 -1.53
N ARG A 90 11.90 -7.89 -1.95
CA ARG A 90 12.72 -7.10 -2.85
C ARG A 90 12.59 -7.63 -4.28
N ASN A 91 12.52 -6.69 -5.21
CA ASN A 91 12.38 -7.04 -6.62
C ASN A 91 11.23 -8.03 -6.79
N MET A 92 10.07 -7.49 -7.15
CA MET A 92 8.89 -8.30 -7.35
C MET A 92 8.08 -7.81 -8.55
N PRO A 93 7.68 -8.79 -9.40
CA PRO A 93 6.89 -8.47 -10.59
C PRO A 93 5.44 -8.13 -10.22
N GLN A 94 4.92 -7.14 -10.91
CA GLN A 94 3.55 -6.72 -10.67
C GLN A 94 2.65 -7.93 -10.37
N ALA A 95 2.50 -8.77 -11.39
CA ALA A 95 1.68 -9.96 -11.25
C ALA A 95 1.88 -10.55 -9.85
N ASP A 96 3.12 -10.84 -9.54
CA ASP A 96 3.47 -11.41 -8.24
C ASP A 96 2.92 -10.50 -7.14
N ALA A 97 3.39 -9.27 -7.14
CA ALA A 97 2.96 -8.30 -6.15
C ALA A 97 1.44 -8.37 -6.00
N MET A 98 0.77 -8.38 -7.13
CA MET A 98 -0.69 -8.44 -7.15
C MET A 98 -1.19 -9.71 -6.43
N VAL A 99 -0.38 -10.76 -6.54
CA VAL A 99 -0.72 -12.03 -5.92
C VAL A 99 -0.33 -11.98 -4.44
N LEU A 100 0.85 -11.45 -4.20
CA LEU A 100 1.35 -11.34 -2.83
C LEU A 100 0.47 -10.38 -2.04
N VAL A 101 -0.11 -9.43 -2.76
CA VAL A 101 -0.98 -8.44 -2.13
C VAL A 101 -2.40 -9.01 -2.06
N ALA A 102 -2.86 -9.52 -3.18
CA ALA A 102 -4.20 -10.09 -3.26
C ALA A 102 -4.31 -11.26 -2.28
N ARG A 103 -3.20 -11.99 -2.15
CA ARG A 103 -3.16 -13.13 -1.25
C ARG A 103 -3.12 -12.65 0.20
N ASN A 104 -2.06 -11.94 0.54
CA ASN A 104 -1.90 -11.42 1.88
C ASN A 104 -3.17 -10.68 2.30
N TYR A 105 -3.56 -9.72 1.47
CA TYR A 105 -4.74 -8.94 1.74
C TYR A 105 -5.88 -9.81 2.29
N GLU A 106 -6.18 -10.87 1.54
CA GLU A 106 -7.23 -11.79 1.94
C GLU A 106 -7.10 -12.13 3.43
N ARG A 107 -5.93 -12.64 3.78
CA ARG A 107 -5.66 -13.01 5.16
C ARG A 107 -5.74 -11.79 6.07
N TYR A 108 -4.98 -10.76 5.71
CA TYR A 108 -4.96 -9.53 6.48
C TYR A 108 -6.37 -9.12 6.89
N LYS A 109 -7.31 -9.37 5.99
CA LYS A 109 -8.70 -9.03 6.24
C LYS A 109 -9.27 -9.99 7.28
N ASN A 110 -8.97 -11.27 7.09
CA ASN A 110 -9.45 -12.29 8.00
C ASN A 110 -9.20 -11.84 9.44
N GLU A 111 -8.09 -11.14 9.64
CA GLU A 111 -7.74 -10.65 10.95
C GLU A 111 -8.25 -9.22 11.14
N CYS A 112 -8.43 -8.53 10.02
CA CYS A 112 -8.92 -7.17 10.05
C CYS A 112 -10.31 -7.17 10.69
N ARG A 113 -11.25 -7.78 9.99
CA ARG A 113 -12.61 -7.85 10.47
C ARG A 113 -12.63 -8.10 11.98
N GLU A 114 -11.86 -9.10 12.39
CA GLU A 114 -11.77 -9.45 13.80
C GLU A 114 -11.65 -8.19 14.65
N LYS A 115 -10.41 -7.75 14.80
CA LYS A 115 -10.13 -6.56 15.58
C LYS A 115 -10.18 -6.91 17.08
N GLU A 116 -9.18 -6.43 17.80
CA GLU A 116 -9.10 -6.69 19.23
C GLU A 116 -10.49 -6.58 19.87
N ARG A 117 -10.90 -7.67 20.51
CA ARG A 117 -12.19 -7.71 21.16
C ARG A 117 -13.30 -7.55 20.13
N GLU A 118 -14.30 -8.42 20.24
CA GLU A 118 -15.43 -8.38 19.34
C GLU A 118 -15.91 -6.94 19.14
N GLU A 119 -16.76 -6.77 18.14
CA GLU A 119 -17.30 -5.45 17.84
C GLU A 119 -18.80 -5.41 18.14
N ILE A 120 -19.17 -6.05 19.25
CA ILE A 120 -20.56 -6.09 19.66
C ILE A 120 -21.19 -4.71 19.43
N ALA A 121 -22.37 -4.74 18.84
CA ALA A 121 -23.09 -3.51 18.56
C ALA A 121 -22.45 -2.81 17.35
N ARG A 122 -23.01 -3.07 16.19
CA ARG A 122 -22.50 -2.46 14.96
C ARG A 122 -22.45 -0.94 15.10
N GLN A 123 -21.26 -0.40 14.86
CA GLN A 123 -21.06 1.04 14.96
C GLN A 123 -22.21 1.78 14.26
N ALA A 124 -22.34 1.51 12.97
CA ALA A 124 -23.38 2.15 12.17
C ALA A 124 -23.80 1.21 11.04
N SER A 125 -24.84 1.61 10.33
CA SER A 125 -25.34 0.82 9.22
C SER A 125 -25.03 1.51 7.90
N GLY A 126 -25.56 2.73 7.77
CA GLY A 126 -25.34 3.51 6.56
C GLY A 126 -26.54 4.41 6.27
N PRO A 127 -26.42 5.70 6.70
CA PRO A 127 -27.48 6.66 6.49
C PRO A 127 -27.54 7.12 5.03
N SER A 128 -28.65 7.73 4.67
CA SER A 128 -28.83 8.22 3.32
C SER A 128 -30.17 8.95 3.21
N SER A 129 -31.23 8.25 3.59
CA SER A 129 -32.57 8.82 3.53
C SER A 129 -32.95 9.11 2.08
N GLY A 130 -34.22 8.87 1.78
CA GLY A 130 -34.73 9.11 0.43
C GLY A 130 -35.70 8.01 0.02
N GLY A 1 0.79 19.11 -4.24
CA GLY A 1 0.68 17.73 -4.70
C GLY A 1 -0.48 17.02 -4.03
N SER A 2 -0.65 15.75 -4.39
CA SER A 2 -1.72 14.95 -3.82
C SER A 2 -1.33 14.46 -2.43
N SER A 3 -2.08 14.93 -1.44
CA SER A 3 -1.83 14.55 -0.07
C SER A 3 -2.99 15.00 0.82
N GLY A 4 -3.17 14.29 1.92
CA GLY A 4 -4.24 14.61 2.86
C GLY A 4 -5.49 13.76 2.58
N SER A 5 -5.46 12.53 3.10
CA SER A 5 -6.57 11.63 2.92
C SER A 5 -7.05 11.11 4.27
N SER A 6 -8.36 11.18 4.46
CA SER A 6 -8.96 10.72 5.71
C SER A 6 -9.12 9.21 5.69
N GLY A 7 -8.16 8.54 6.32
CA GLY A 7 -8.18 7.08 6.38
C GLY A 7 -6.85 6.50 5.91
N PRO A 8 -6.59 5.23 6.34
CA PRO A 8 -5.37 4.55 5.96
C PRO A 8 -5.42 4.08 4.51
N VAL A 9 -4.30 3.52 4.06
CA VAL A 9 -4.21 3.03 2.69
C VAL A 9 -3.70 1.59 2.72
N ASP A 10 -4.59 0.68 2.34
CA ASP A 10 -4.26 -0.74 2.31
C ASP A 10 -2.85 -0.90 1.74
N CYS A 11 -2.57 -0.12 0.70
CA CYS A 11 -1.26 -0.18 0.06
C CYS A 11 -0.94 1.22 -0.49
N SER A 12 0.05 1.85 0.12
CA SER A 12 0.46 3.18 -0.29
C SER A 12 1.66 3.08 -1.24
N VAL A 13 1.58 3.83 -2.33
CA VAL A 13 2.65 3.84 -3.31
C VAL A 13 3.64 4.95 -2.98
N ILE A 14 4.89 4.57 -2.79
CA ILE A 14 5.94 5.52 -2.47
C ILE A 14 6.80 5.76 -3.71
N VAL A 15 6.51 6.87 -4.39
CA VAL A 15 7.25 7.23 -5.58
C VAL A 15 8.11 8.46 -5.29
N VAL A 16 9.39 8.20 -5.04
CA VAL A 16 10.32 9.28 -4.74
C VAL A 16 10.76 9.94 -6.05
N ASN A 17 9.78 10.49 -6.75
CA ASN A 17 10.05 11.15 -8.02
C ASN A 17 8.73 11.55 -8.67
N LYS A 18 8.84 12.23 -9.81
CA LYS A 18 7.67 12.68 -10.54
C LYS A 18 7.60 11.94 -11.88
N GLN A 19 8.78 11.68 -12.43
CA GLN A 19 8.87 10.99 -13.72
C GLN A 19 8.00 9.73 -13.70
N THR A 20 8.17 8.95 -12.62
CA THR A 20 7.42 7.71 -12.48
C THR A 20 6.04 8.00 -11.86
N LYS A 21 5.31 8.90 -12.51
CA LYS A 21 3.99 9.27 -12.05
C LYS A 21 2.95 8.32 -12.66
N ASP A 22 2.77 8.46 -13.96
CA ASP A 22 1.82 7.62 -14.67
C ASP A 22 2.03 6.15 -14.28
N TYR A 23 3.29 5.77 -14.22
CA TYR A 23 3.65 4.40 -13.86
C TYR A 23 3.12 4.06 -12.47
N ALA A 24 3.67 4.74 -11.47
CA ALA A 24 3.26 4.51 -10.10
C ALA A 24 1.73 4.56 -10.00
N GLU A 25 1.16 5.51 -10.73
CA GLU A 25 -0.29 5.67 -10.75
C GLU A 25 -0.97 4.36 -11.12
N SER A 26 -0.25 3.56 -11.89
CA SER A 26 -0.77 2.27 -12.33
C SER A 26 -0.69 1.26 -11.19
N VAL A 27 0.53 0.95 -10.80
CA VAL A 27 0.76 0.00 -9.72
C VAL A 27 -0.12 0.37 -8.52
N GLY A 28 -0.40 1.67 -8.41
CA GLY A 28 -1.22 2.16 -7.32
C GLY A 28 -2.71 1.89 -7.59
N ARG A 29 -3.04 1.82 -8.87
CA ARG A 29 -4.42 1.57 -9.28
C ARG A 29 -4.64 0.06 -9.45
N LYS A 30 -3.57 -0.63 -9.79
CA LYS A 30 -3.64 -2.06 -10.00
C LYS A 30 -4.12 -2.74 -8.71
N VAL A 31 -3.67 -2.19 -7.59
CA VAL A 31 -4.05 -2.72 -6.29
C VAL A 31 -5.51 -2.39 -6.01
N ARG A 32 -5.95 -1.28 -6.60
CA ARG A 32 -7.33 -0.84 -6.41
C ARG A 32 -8.28 -1.74 -7.19
N ASP A 33 -7.79 -2.25 -8.31
CA ASP A 33 -8.58 -3.13 -9.15
C ASP A 33 -8.99 -4.37 -8.33
N LEU A 34 -8.25 -4.61 -7.27
CA LEU A 34 -8.52 -5.75 -6.40
C LEU A 34 -9.53 -5.33 -5.32
N GLY A 35 -9.75 -4.03 -5.24
CA GLY A 35 -10.68 -3.51 -4.26
C GLY A 35 -9.94 -3.05 -2.99
N MET A 36 -8.66 -2.79 -3.15
CA MET A 36 -7.84 -2.35 -2.05
C MET A 36 -7.53 -0.85 -2.14
N VAL A 37 -7.65 -0.18 -1.01
CA VAL A 37 -7.38 1.24 -0.95
C VAL A 37 -5.90 1.50 -1.22
N VAL A 38 -5.65 2.31 -2.24
CA VAL A 38 -4.28 2.64 -2.61
C VAL A 38 -4.17 4.15 -2.81
N ASP A 39 -2.98 4.67 -2.52
CA ASP A 39 -2.73 6.09 -2.66
C ASP A 39 -1.37 6.30 -3.33
N LEU A 40 -1.12 7.54 -3.73
CA LEU A 40 0.13 7.88 -4.38
C LEU A 40 0.83 8.97 -3.58
N ILE A 41 2.07 8.68 -3.19
CA ILE A 41 2.86 9.62 -2.42
C ILE A 41 4.02 10.12 -3.28
N PHE A 42 3.98 11.40 -3.59
CA PHE A 42 5.02 12.02 -4.39
C PHE A 42 6.03 12.76 -3.51
N LEU A 43 7.29 12.40 -3.68
CA LEU A 43 8.36 13.03 -2.91
C LEU A 43 9.34 13.72 -3.88
N ASN A 44 8.89 14.84 -4.42
CA ASN A 44 9.72 15.59 -5.36
C ASN A 44 10.81 16.32 -4.57
N THR A 45 10.38 17.17 -3.66
CA THR A 45 11.31 17.94 -2.84
C THR A 45 10.72 18.19 -1.45
N GLU A 46 10.29 17.12 -0.82
CA GLU A 46 9.70 17.21 0.51
C GLU A 46 10.66 16.65 1.56
N VAL A 47 10.63 15.33 1.71
CA VAL A 47 11.50 14.68 2.67
C VAL A 47 12.16 13.46 2.01
N SER A 48 12.32 12.42 2.80
CA SER A 48 12.93 11.19 2.30
C SER A 48 11.87 10.10 2.16
N LEU A 49 12.33 8.93 1.75
CA LEU A 49 11.44 7.79 1.57
C LEU A 49 10.94 7.32 2.94
N SER A 50 11.89 6.93 3.78
CA SER A 50 11.57 6.46 5.10
C SER A 50 10.48 7.35 5.74
N GLN A 51 10.68 8.65 5.60
CA GLN A 51 9.74 9.61 6.14
C GLN A 51 8.31 9.23 5.77
N ALA A 52 8.17 8.69 4.56
CA ALA A 52 6.87 8.28 4.08
C ALA A 52 6.51 6.92 4.70
N LEU A 53 7.50 6.05 4.77
CA LEU A 53 7.30 4.73 5.34
C LEU A 53 6.86 4.87 6.80
N GLU A 54 7.36 5.92 7.44
CA GLU A 54 7.02 6.17 8.83
C GLU A 54 5.55 6.59 8.96
N ASP A 55 5.06 7.24 7.91
CA ASP A 55 3.68 7.69 7.89
C ASP A 55 2.77 6.54 7.46
N VAL A 56 3.37 5.60 6.72
CA VAL A 56 2.63 4.45 6.24
C VAL A 56 2.19 3.59 7.43
N SER A 57 3.17 3.28 8.28
CA SER A 57 2.91 2.47 9.45
C SER A 57 1.99 3.23 10.42
N ARG A 58 2.48 4.36 10.88
CA ARG A 58 1.73 5.19 11.80
C ARG A 58 0.35 5.52 11.22
N GLY A 59 0.35 5.72 9.91
CA GLY A 59 -0.88 6.05 9.21
C GLY A 59 -1.86 4.86 9.24
N GLY A 60 -1.29 3.67 9.28
CA GLY A 60 -2.09 2.46 9.30
C GLY A 60 -1.79 1.58 8.09
N SER A 61 -1.39 2.23 7.01
CA SER A 61 -1.08 1.52 5.78
C SER A 61 -0.34 0.23 6.11
N PRO A 62 -1.00 -0.92 5.77
CA PRO A 62 -0.41 -2.23 6.03
C PRO A 62 0.69 -2.53 5.02
N PHE A 63 0.44 -2.18 3.78
CA PHE A 63 1.40 -2.41 2.71
C PHE A 63 1.88 -1.09 2.10
N ALA A 64 3.09 -1.12 1.57
CA ALA A 64 3.67 0.05 0.96
C ALA A 64 4.48 -0.36 -0.28
N ILE A 65 4.10 0.23 -1.40
CA ILE A 65 4.78 -0.06 -2.66
C ILE A 65 5.88 0.98 -2.90
N VAL A 66 7.05 0.47 -3.26
CA VAL A 66 8.19 1.34 -3.52
C VAL A 66 8.36 1.50 -5.04
N ILE A 67 8.54 2.75 -5.44
CA ILE A 67 8.72 3.06 -6.86
C ILE A 67 10.00 3.87 -7.03
N THR A 68 10.55 3.78 -8.24
CA THR A 68 11.78 4.50 -8.55
C THR A 68 12.14 4.32 -10.03
N GLN A 69 13.00 5.19 -10.51
CA GLN A 69 13.44 5.14 -11.89
C GLN A 69 13.65 3.68 -12.32
N GLN A 70 14.63 3.05 -11.69
CA GLN A 70 14.94 1.67 -12.00
C GLN A 70 13.68 0.82 -11.94
N HIS A 71 13.04 0.83 -10.78
CA HIS A 71 11.82 0.05 -10.59
C HIS A 71 10.92 0.20 -11.82
N GLN A 72 11.02 1.37 -12.45
CA GLN A 72 10.23 1.65 -13.63
C GLN A 72 10.72 0.83 -14.82
N ILE A 73 12.04 0.83 -14.99
CA ILE A 73 12.66 0.09 -16.07
C ILE A 73 12.38 -1.41 -15.89
N HIS A 74 12.46 -1.83 -14.64
CA HIS A 74 12.23 -3.23 -14.32
C HIS A 74 10.74 -3.45 -14.04
N ARG A 75 10.00 -2.35 -14.05
CA ARG A 75 8.57 -2.40 -13.80
C ARG A 75 8.28 -3.22 -12.54
N SER A 76 9.23 -3.18 -11.62
CA SER A 76 9.09 -3.90 -10.36
C SER A 76 9.21 -2.93 -9.18
N CYS A 77 8.42 -3.20 -8.16
CA CYS A 77 8.42 -2.37 -6.97
C CYS A 77 8.70 -3.26 -5.75
N THR A 78 8.86 -2.62 -4.61
CA THR A 78 9.13 -3.33 -3.38
C THR A 78 7.94 -3.23 -2.42
N VAL A 79 7.29 -4.35 -2.20
CA VAL A 79 6.14 -4.40 -1.31
C VAL A 79 6.61 -4.70 0.11
N ASN A 80 6.43 -3.72 0.98
CA ASN A 80 6.82 -3.87 2.37
C ASN A 80 5.58 -3.89 3.25
N ILE A 81 5.49 -4.93 4.07
CA ILE A 81 4.35 -5.08 4.97
C ILE A 81 4.65 -4.38 6.29
N MET A 82 3.60 -3.81 6.87
CA MET A 82 3.74 -3.10 8.13
C MET A 82 3.02 -3.85 9.26
N PHE A 83 1.99 -4.59 8.88
CA PHE A 83 1.22 -5.34 9.85
C PHE A 83 1.71 -6.79 9.94
N GLY A 84 1.53 -7.37 11.12
CA GLY A 84 1.95 -8.73 11.35
C GLY A 84 3.43 -8.92 10.97
N THR A 85 3.80 -10.18 10.74
CA THR A 85 5.15 -10.50 10.38
C THR A 85 5.66 -9.54 9.29
N PRO A 86 6.75 -8.80 9.66
CA PRO A 86 7.34 -7.85 8.73
C PRO A 86 8.13 -8.56 7.64
N GLN A 87 7.56 -8.60 6.45
CA GLN A 87 8.20 -9.25 5.32
C GLN A 87 8.63 -8.21 4.29
N GLU A 88 9.93 -8.17 4.03
CA GLU A 88 10.47 -7.23 3.06
C GLU A 88 10.66 -7.91 1.70
N HIS A 89 9.76 -7.59 0.79
CA HIS A 89 9.81 -8.16 -0.54
C HIS A 89 10.64 -7.25 -1.45
N ARG A 90 11.81 -7.76 -1.85
CA ARG A 90 12.69 -7.00 -2.71
C ARG A 90 12.54 -7.47 -4.16
N ASN A 91 12.38 -6.50 -5.04
CA ASN A 91 12.23 -6.80 -6.46
C ASN A 91 11.06 -7.78 -6.65
N MET A 92 9.92 -7.22 -7.03
CA MET A 92 8.74 -8.04 -7.25
C MET A 92 7.99 -7.60 -8.50
N PRO A 93 7.53 -8.61 -9.28
CA PRO A 93 6.80 -8.32 -10.51
C PRO A 93 5.37 -7.88 -10.21
N GLN A 94 4.92 -6.89 -10.97
CA GLN A 94 3.58 -6.36 -10.79
C GLN A 94 2.60 -7.50 -10.47
N ALA A 95 2.36 -8.33 -11.48
CA ALA A 95 1.46 -9.45 -11.33
C ALA A 95 1.62 -10.05 -9.93
N ASP A 96 2.78 -10.67 -9.72
CA ASP A 96 3.08 -11.29 -8.44
C ASP A 96 2.73 -10.30 -7.32
N ALA A 97 3.09 -9.05 -7.54
CA ALA A 97 2.81 -8.01 -6.56
C ALA A 97 1.31 -7.91 -6.32
N MET A 98 0.56 -8.12 -7.39
CA MET A 98 -0.89 -8.06 -7.32
C MET A 98 -1.46 -9.29 -6.60
N VAL A 99 -0.75 -10.41 -6.77
CA VAL A 99 -1.17 -11.65 -6.15
C VAL A 99 -0.74 -11.66 -4.68
N LEU A 100 0.45 -11.14 -4.45
CA LEU A 100 0.99 -11.08 -3.10
C LEU A 100 0.15 -10.12 -2.27
N VAL A 101 -0.35 -9.10 -2.94
CA VAL A 101 -1.17 -8.09 -2.27
C VAL A 101 -2.62 -8.60 -2.19
N ALA A 102 -3.11 -9.08 -3.32
CA ALA A 102 -4.47 -9.60 -3.39
C ALA A 102 -4.60 -10.77 -2.42
N ARG A 103 -3.51 -11.50 -2.26
CA ARG A 103 -3.50 -12.65 -1.38
C ARG A 103 -3.45 -12.20 0.08
N ASN A 104 -2.32 -11.63 0.46
CA ASN A 104 -2.12 -11.16 1.82
C ASN A 104 -3.37 -10.39 2.26
N TYR A 105 -3.78 -9.45 1.40
CA TYR A 105 -4.95 -8.64 1.69
C TYR A 105 -6.08 -9.49 2.26
N GLU A 106 -6.45 -10.52 1.50
CA GLU A 106 -7.51 -11.41 1.92
C GLU A 106 -7.36 -11.77 3.40
N ARG A 107 -6.18 -12.30 3.72
CA ARG A 107 -5.91 -12.69 5.09
C ARG A 107 -5.90 -11.47 6.01
N TYR A 108 -5.09 -10.49 5.62
CA TYR A 108 -4.99 -9.26 6.40
C TYR A 108 -6.36 -8.82 6.91
N LYS A 109 -7.31 -8.78 5.98
CA LYS A 109 -8.67 -8.36 6.33
C LYS A 109 -9.22 -9.31 7.40
N ASN A 110 -9.10 -10.59 7.14
CA ASN A 110 -9.58 -11.60 8.07
C ASN A 110 -9.10 -11.25 9.48
N GLU A 111 -7.93 -10.61 9.54
CA GLU A 111 -7.35 -10.22 10.81
C GLU A 111 -7.75 -8.78 11.15
N CYS A 112 -8.04 -8.02 10.11
CA CYS A 112 -8.45 -6.63 10.29
C CYS A 112 -9.85 -6.60 10.87
N ARG A 113 -10.81 -7.04 10.05
CA ARG A 113 -12.19 -7.07 10.47
C ARG A 113 -12.31 -7.62 11.89
N GLU A 114 -11.86 -8.87 12.05
CA GLU A 114 -11.91 -9.51 13.34
C GLU A 114 -13.36 -9.68 13.80
N LYS A 115 -13.69 -10.90 14.19
CA LYS A 115 -15.03 -11.21 14.65
C LYS A 115 -15.48 -10.14 15.64
N GLU A 116 -14.62 -9.88 16.61
CA GLU A 116 -14.92 -8.88 17.62
C GLU A 116 -13.63 -8.24 18.14
N ARG A 117 -13.40 -7.01 17.70
CA ARG A 117 -12.22 -6.29 18.11
C ARG A 117 -11.86 -6.61 19.56
N GLU A 118 -10.57 -6.76 19.81
CA GLU A 118 -10.09 -7.07 21.14
C GLU A 118 -10.78 -6.18 22.17
N GLU A 119 -10.76 -6.63 23.42
CA GLU A 119 -11.38 -5.89 24.51
C GLU A 119 -10.31 -5.21 25.36
N ILE A 120 -9.27 -4.74 24.69
CA ILE A 120 -8.17 -4.08 25.38
C ILE A 120 -8.74 -3.18 26.47
N ALA A 121 -8.26 -3.41 27.70
CA ALA A 121 -8.71 -2.64 28.83
C ALA A 121 -7.52 -1.90 29.44
N ARG A 122 -7.07 -0.87 28.73
CA ARG A 122 -5.94 -0.08 29.18
C ARG A 122 -5.76 1.15 28.29
N GLN A 123 -6.17 2.29 28.81
CA GLN A 123 -6.06 3.54 28.08
C GLN A 123 -5.36 4.59 28.93
N ALA A 124 -4.87 5.63 28.25
CA ALA A 124 -4.17 6.71 28.92
C ALA A 124 -3.74 7.74 27.90
N SER A 125 -4.73 8.42 27.33
CA SER A 125 -4.46 9.45 26.33
C SER A 125 -4.53 10.84 26.98
N GLY A 126 -3.43 11.56 26.86
CA GLY A 126 -3.35 12.90 27.42
C GLY A 126 -1.97 13.53 27.15
N PRO A 127 -1.96 14.88 27.16
CA PRO A 127 -0.72 15.61 26.92
C PRO A 127 0.19 15.55 28.15
N SER A 128 1.48 15.74 27.90
CA SER A 128 2.46 15.72 28.97
C SER A 128 2.54 17.08 29.65
N SER A 129 2.78 18.11 28.84
CA SER A 129 2.87 19.46 29.35
C SER A 129 1.46 20.01 29.61
N GLY A 130 1.36 20.78 30.69
CA GLY A 130 0.08 21.37 31.06
C GLY A 130 -0.41 20.83 32.40
#